data_2KZ5
#
_entry.id   2KZ5
#
_entity_poly.entity_id   1
_entity_poly.type   'polypeptide(L)'
_entity_poly.pdbx_seq_one_letter_code
;MGHHHHHHSHMAKPTARGEAGSRDERRALAMKIPFPTDKIVNLPVDDFNELLARYPLTESQLALVRDIRRRGKNKVAAQN
YRKRKLETIVQ
;
_entity_poly.pdbx_strand_id   A
#
# COMPACT_ATOMS: atom_id res chain seq x y z
N MET A 1 -7.74 -56.07 -20.64
CA MET A 1 -7.45 -54.76 -21.27
C MET A 1 -6.41 -53.96 -20.48
N GLY A 2 -6.10 -52.76 -20.97
CA GLY A 2 -5.00 -51.98 -20.43
C GLY A 2 -5.18 -51.52 -18.99
N HIS A 3 -4.75 -52.35 -18.04
CA HIS A 3 -4.66 -51.92 -16.63
C HIS A 3 -3.36 -51.13 -16.42
N HIS A 4 -3.26 -50.00 -17.11
CA HIS A 4 -2.01 -49.23 -17.19
C HIS A 4 -1.55 -48.72 -15.81
N HIS A 5 -0.42 -49.23 -15.33
CA HIS A 5 0.17 -48.76 -14.07
C HIS A 5 0.67 -47.31 -14.21
N HIS A 6 -0.06 -46.36 -13.64
CA HIS A 6 0.27 -44.93 -13.74
C HIS A 6 1.53 -44.57 -12.91
N HIS A 7 2.19 -43.47 -13.30
CA HIS A 7 3.41 -43.03 -12.61
C HIS A 7 3.38 -41.51 -12.34
N HIS A 8 3.84 -41.10 -11.16
CA HIS A 8 3.90 -39.69 -10.78
C HIS A 8 5.18 -39.38 -10.00
N SER A 9 5.90 -38.33 -10.41
CA SER A 9 7.13 -37.91 -9.73
C SER A 9 6.84 -36.93 -8.57
N HIS A 10 7.67 -36.97 -7.54
CA HIS A 10 7.50 -36.08 -6.37
C HIS A 10 8.50 -34.91 -6.39
N MET A 11 8.02 -33.72 -5.99
CA MET A 11 8.86 -32.51 -5.94
C MET A 11 8.81 -31.86 -4.56
N ALA A 12 9.71 -30.91 -4.30
CA ALA A 12 9.75 -30.20 -3.01
C ALA A 12 10.50 -28.87 -3.09
N LYS A 13 9.75 -27.77 -3.11
CA LYS A 13 10.33 -26.41 -3.15
C LYS A 13 10.17 -25.71 -1.78
N PRO A 14 11.28 -25.26 -1.17
CA PRO A 14 11.24 -24.59 0.13
C PRO A 14 10.93 -23.09 0.03
N THR A 15 9.77 -22.67 0.54
CA THR A 15 9.38 -21.26 0.52
C THR A 15 10.04 -20.49 1.67
N ALA A 16 11.30 -20.10 1.46
CA ALA A 16 12.08 -19.39 2.49
C ALA A 16 11.64 -17.93 2.64
N ARG A 17 10.87 -17.63 3.68
CA ARG A 17 10.38 -16.27 3.93
C ARG A 17 10.87 -15.75 5.30
N GLY A 18 10.74 -14.44 5.52
CA GLY A 18 11.10 -13.83 6.80
C GLY A 18 10.24 -12.64 7.14
N GLU A 19 8.97 -12.89 7.48
CA GLU A 19 7.99 -11.81 7.68
C GLU A 19 7.64 -11.61 9.16
N ALA A 20 7.16 -10.41 9.50
CA ALA A 20 6.70 -10.11 10.86
C ALA A 20 5.19 -10.36 11.01
N GLY A 21 4.50 -10.46 9.87
CA GLY A 21 3.06 -10.74 9.88
C GLY A 21 2.21 -9.49 10.09
N SER A 22 2.55 -8.40 9.39
CA SER A 22 1.80 -7.15 9.50
C SER A 22 0.51 -7.18 8.67
N ARG A 23 -0.53 -6.50 9.15
CA ARG A 23 -1.84 -6.45 8.50
C ARG A 23 -1.73 -6.03 7.03
N ASP A 24 -1.15 -4.85 6.80
CA ASP A 24 -1.09 -4.25 5.47
C ASP A 24 -0.31 -5.13 4.47
N GLU A 25 0.60 -5.96 4.99
CA GLU A 25 1.36 -6.90 4.15
C GLU A 25 0.41 -7.85 3.40
N ARG A 26 -0.58 -8.39 4.12
CA ARG A 26 -1.58 -9.26 3.51
C ARG A 26 -2.47 -8.49 2.51
N ARG A 27 -2.75 -7.22 2.80
CA ARG A 27 -3.47 -6.35 1.86
C ARG A 27 -2.71 -6.25 0.53
N ALA A 28 -1.42 -5.96 0.61
CA ALA A 28 -0.57 -5.77 -0.57
C ALA A 28 -0.54 -7.01 -1.47
N LEU A 29 -0.21 -8.17 -0.89
CA LEU A 29 -0.09 -9.41 -1.67
C LEU A 29 -1.44 -9.90 -2.22
N ALA A 30 -2.54 -9.53 -1.58
CA ALA A 30 -3.88 -9.89 -2.06
C ALA A 30 -4.31 -9.02 -3.25
N MET A 31 -4.17 -7.70 -3.10
CA MET A 31 -4.48 -6.76 -4.18
C MET A 31 -3.31 -6.62 -5.16
N LYS A 32 -2.23 -7.36 -4.90
CA LYS A 32 -1.09 -7.47 -5.82
C LYS A 32 -0.39 -6.11 -6.05
N ILE A 33 0.16 -5.57 -4.97
CA ILE A 33 0.91 -4.30 -5.01
C ILE A 33 2.43 -4.56 -5.16
N PRO A 34 3.09 -3.99 -6.19
CA PRO A 34 4.51 -4.25 -6.47
C PRO A 34 5.49 -3.40 -5.63
N PHE A 35 5.02 -2.80 -4.54
CA PHE A 35 5.88 -2.00 -3.66
C PHE A 35 5.43 -2.10 -2.18
N PRO A 36 6.39 -2.03 -1.23
CA PRO A 36 6.12 -2.25 0.21
C PRO A 36 5.18 -1.20 0.85
N THR A 37 4.36 -1.66 1.80
CA THR A 37 3.37 -0.81 2.49
C THR A 37 4.03 0.30 3.32
N ASP A 38 5.15 -0.01 3.97
CA ASP A 38 5.89 0.98 4.76
C ASP A 38 6.32 2.18 3.89
N LYS A 39 6.82 1.88 2.70
CA LYS A 39 7.21 2.93 1.74
C LYS A 39 6.03 3.88 1.44
N ILE A 40 4.84 3.30 1.30
CA ILE A 40 3.62 4.07 1.06
C ILE A 40 3.37 5.10 2.18
N VAL A 41 3.71 4.74 3.41
CA VAL A 41 3.49 5.59 4.58
C VAL A 41 4.59 6.66 4.75
N ASN A 42 5.83 6.23 4.60
CA ASN A 42 7.00 7.05 4.93
C ASN A 42 7.34 8.09 3.85
N LEU A 43 6.97 7.82 2.59
CA LEU A 43 7.21 8.77 1.49
C LEU A 43 6.30 10.00 1.59
N PRO A 44 6.82 11.19 1.17
CA PRO A 44 6.01 12.43 1.11
C PRO A 44 5.02 12.42 -0.07
N VAL A 45 4.08 13.36 -0.07
CA VAL A 45 3.04 13.42 -1.12
C VAL A 45 3.65 13.49 -2.53
N ASP A 46 4.73 14.26 -2.70
CA ASP A 46 5.42 14.40 -3.99
C ASP A 46 5.85 13.03 -4.54
N ASP A 47 6.71 12.34 -3.80
CA ASP A 47 7.22 11.03 -4.21
C ASP A 47 6.08 10.00 -4.30
N PHE A 48 5.12 10.11 -3.39
CA PHE A 48 3.95 9.21 -3.35
C PHE A 48 3.16 9.25 -4.67
N ASN A 49 2.84 10.45 -5.15
CA ASN A 49 2.11 10.61 -6.41
C ASN A 49 2.83 9.92 -7.58
N GLU A 50 4.13 10.17 -7.71
CA GLU A 50 4.94 9.53 -8.74
C GLU A 50 5.01 8.01 -8.54
N LEU A 51 5.11 7.57 -7.29
CA LEU A 51 5.16 6.14 -6.94
C LEU A 51 3.94 5.40 -7.54
N LEU A 52 2.77 6.02 -7.43
CA LEU A 52 1.55 5.47 -8.02
C LEU A 52 1.64 5.41 -9.55
N ALA A 53 1.94 6.56 -10.16
CA ALA A 53 2.03 6.70 -11.62
C ALA A 53 3.11 5.80 -12.25
N ARG A 54 4.15 5.46 -11.48
CA ARG A 54 5.24 4.63 -12.00
C ARG A 54 4.86 3.14 -12.07
N TYR A 55 3.98 2.69 -11.16
CA TYR A 55 3.59 1.28 -11.09
C TYR A 55 2.23 1.03 -11.74
N PRO A 56 2.10 -0.08 -12.50
CA PRO A 56 0.82 -0.44 -13.16
C PRO A 56 -0.28 -0.83 -12.16
N LEU A 57 -0.97 0.17 -11.62
CA LEU A 57 -2.02 -0.05 -10.63
C LEU A 57 -3.41 0.29 -11.19
N THR A 58 -4.41 -0.51 -10.80
CA THR A 58 -5.81 -0.23 -11.15
C THR A 58 -6.40 0.84 -10.21
N GLU A 59 -7.61 1.29 -10.51
CA GLU A 59 -8.30 2.28 -9.69
C GLU A 59 -8.62 1.71 -8.30
N SER A 60 -8.85 0.40 -8.24
CA SER A 60 -9.09 -0.30 -6.97
C SER A 60 -7.78 -0.45 -6.15
N GLN A 61 -6.69 -0.79 -6.84
CA GLN A 61 -5.37 -0.87 -6.18
C GLN A 61 -4.96 0.49 -5.62
N LEU A 62 -5.08 1.54 -6.44
CA LEU A 62 -4.80 2.92 -5.99
C LEU A 62 -5.65 3.29 -4.77
N ALA A 63 -6.93 2.88 -4.78
CA ALA A 63 -7.82 3.10 -3.64
C ALA A 63 -7.24 2.50 -2.36
N LEU A 64 -6.72 1.27 -2.45
CA LEU A 64 -6.09 0.60 -1.31
C LEU A 64 -4.84 1.38 -0.84
N VAL A 65 -3.98 1.75 -1.78
CA VAL A 65 -2.74 2.48 -1.46
C VAL A 65 -3.05 3.77 -0.68
N ARG A 66 -4.10 4.49 -1.12
CA ARG A 66 -4.54 5.71 -0.46
C ARG A 66 -4.98 5.45 1.01
N ASP A 67 -5.58 4.29 1.25
CA ASP A 67 -6.01 3.90 2.59
C ASP A 67 -4.81 3.47 3.46
N ILE A 68 -3.99 2.55 2.94
CA ILE A 68 -2.79 2.07 3.66
C ILE A 68 -1.89 3.24 4.07
N ARG A 69 -1.69 4.19 3.16
CA ARG A 69 -0.95 5.43 3.45
C ARG A 69 -1.47 6.06 4.76
N ARG A 70 -2.79 6.11 4.90
CA ARG A 70 -3.44 6.70 6.07
C ARG A 70 -3.32 5.79 7.31
N ARG A 71 -3.47 4.49 7.09
CA ARG A 71 -3.41 3.51 8.20
C ARG A 71 -2.09 3.58 8.96
N GLY A 72 -0.99 3.53 8.21
CA GLY A 72 0.33 3.67 8.83
C GLY A 72 0.58 5.07 9.36
N LYS A 73 0.14 6.09 8.61
CA LYS A 73 0.30 7.49 9.01
C LYS A 73 -0.46 7.79 10.30
N ASN A 74 -1.59 7.09 10.52
CA ASN A 74 -2.41 7.28 11.71
C ASN A 74 -1.62 7.02 13.01
N LYS A 75 -0.62 6.14 12.92
CA LYS A 75 0.27 5.88 14.06
C LYS A 75 1.05 7.15 14.42
N VAL A 76 1.46 7.91 13.41
CA VAL A 76 2.11 9.20 13.62
C VAL A 76 1.06 10.26 14.04
N ALA A 77 -0.13 10.17 13.44
CA ALA A 77 -1.24 11.04 13.79
C ALA A 77 -1.63 10.89 15.27
N ALA A 78 -1.39 9.70 15.83
CA ALA A 78 -1.61 9.46 17.27
C ALA A 78 -0.78 10.44 18.12
N GLN A 79 0.36 10.87 17.59
CA GLN A 79 1.20 11.88 18.23
C GLN A 79 0.82 13.30 17.78
N ASN A 80 0.38 13.42 16.53
CA ASN A 80 0.00 14.71 15.94
C ASN A 80 -1.52 14.93 15.97
N TYR A 81 -2.20 14.29 16.93
CA TYR A 81 -3.66 14.36 17.00
C TYR A 81 -4.13 15.72 17.58
N ARG A 82 -5.07 16.34 16.88
CA ARG A 82 -5.65 17.61 17.32
C ARG A 82 -6.60 17.40 18.51
N LYS A 83 -6.18 17.87 19.69
CA LYS A 83 -7.00 17.74 20.89
C LYS A 83 -8.05 18.87 20.99
N ARG A 84 -9.29 18.50 21.30
CA ARG A 84 -10.37 19.46 21.52
C ARG A 84 -11.43 18.85 22.44
N LYS A 85 -12.45 19.63 22.78
CA LYS A 85 -13.57 19.10 23.58
C LYS A 85 -14.91 19.63 23.07
N LEU A 86 -15.88 18.75 22.90
CA LEU A 86 -17.25 19.15 22.59
C LEU A 86 -18.01 19.49 23.87
N GLU A 87 -18.44 20.75 23.99
CA GLU A 87 -19.13 21.22 25.21
C GLU A 87 -20.31 20.31 25.59
N THR A 88 -20.04 19.39 26.51
CA THR A 88 -21.03 18.39 26.94
C THR A 88 -21.85 18.89 28.15
N ILE A 89 -23.17 18.72 28.07
CA ILE A 89 -24.05 19.13 29.18
C ILE A 89 -24.22 17.99 30.19
N VAL A 90 -23.67 18.19 31.39
CA VAL A 90 -23.76 17.20 32.46
C VAL A 90 -24.97 17.47 33.37
N GLN A 91 -25.44 16.44 34.08
CA GLN A 91 -26.59 16.58 34.98
C GLN A 91 -26.15 16.71 36.45
N MET A 1 -16.62 -33.22 -39.36
CA MET A 1 -15.73 -34.36 -39.71
C MET A 1 -14.77 -34.68 -38.57
N GLY A 2 -14.51 -35.98 -38.34
CA GLY A 2 -13.59 -36.39 -37.28
C GLY A 2 -12.12 -36.21 -37.67
N HIS A 3 -11.81 -36.51 -38.93
CA HIS A 3 -10.44 -36.39 -39.46
C HIS A 3 -9.76 -35.06 -39.09
N HIS A 4 -8.75 -35.14 -38.21
CA HIS A 4 -7.90 -33.98 -37.85
C HIS A 4 -8.67 -32.90 -37.06
N HIS A 5 -9.88 -33.22 -36.60
CA HIS A 5 -10.71 -32.27 -35.86
C HIS A 5 -10.30 -32.20 -34.38
N HIS A 6 -9.48 -31.20 -34.03
CA HIS A 6 -9.01 -31.03 -32.64
C HIS A 6 -9.18 -29.56 -32.18
N HIS A 7 -9.39 -29.37 -30.88
CA HIS A 7 -9.60 -28.03 -30.30
C HIS A 7 -8.27 -27.38 -29.84
N HIS A 8 -8.37 -26.16 -29.32
CA HIS A 8 -7.21 -25.45 -28.74
C HIS A 8 -7.62 -24.67 -27.48
N SER A 9 -7.08 -25.07 -26.33
CA SER A 9 -7.39 -24.41 -25.05
C SER A 9 -6.16 -24.33 -24.14
N HIS A 10 -6.30 -23.66 -23.00
CA HIS A 10 -5.21 -23.47 -22.04
C HIS A 10 -5.74 -23.17 -20.63
N MET A 11 -5.01 -23.59 -19.60
CA MET A 11 -5.42 -23.37 -18.20
C MET A 11 -4.55 -22.28 -17.53
N ALA A 12 -5.19 -21.38 -16.79
CA ALA A 12 -4.48 -20.25 -16.15
C ALA A 12 -3.75 -20.67 -14.87
N LYS A 13 -2.43 -20.86 -14.99
CA LYS A 13 -1.59 -21.31 -13.86
C LYS A 13 -1.40 -20.21 -12.79
N PRO A 14 -1.73 -20.51 -11.52
CA PRO A 14 -1.46 -19.61 -10.40
C PRO A 14 -0.12 -19.93 -9.70
N THR A 15 0.27 -19.08 -8.74
CA THR A 15 1.47 -19.32 -7.94
C THR A 15 1.15 -19.26 -6.43
N ALA A 16 1.58 -20.29 -5.70
CA ALA A 16 1.26 -20.40 -4.27
C ALA A 16 2.39 -19.87 -3.38
N ARG A 17 2.10 -18.78 -2.66
CA ARG A 17 3.06 -18.19 -1.71
C ARG A 17 2.37 -17.87 -0.37
N GLY A 18 2.53 -18.76 0.61
CA GLY A 18 1.92 -18.55 1.92
C GLY A 18 2.79 -17.72 2.87
N GLU A 19 2.90 -16.43 2.58
CA GLU A 19 3.79 -15.53 3.32
C GLU A 19 3.09 -14.21 3.68
N ALA A 20 3.34 -13.71 4.90
CA ALA A 20 2.77 -12.45 5.39
C ALA A 20 3.19 -12.14 6.83
N GLY A 21 3.44 -10.87 7.11
CA GLY A 21 3.83 -10.45 8.46
C GLY A 21 2.68 -9.79 9.24
N SER A 22 2.26 -8.61 8.80
CA SER A 22 1.19 -7.85 9.47
C SER A 22 -0.09 -7.78 8.61
N ARG A 23 -1.18 -7.29 9.20
CA ARG A 23 -2.47 -7.18 8.49
C ARG A 23 -2.35 -6.34 7.20
N ASP A 24 -1.80 -5.13 7.32
CA ASP A 24 -1.66 -4.25 6.15
C ASP A 24 -0.82 -4.88 5.03
N GLU A 25 0.09 -5.78 5.40
CA GLU A 25 0.91 -6.50 4.40
C GLU A 25 0.05 -7.49 3.61
N ARG A 26 -1.05 -7.95 4.20
CA ARG A 26 -2.01 -8.82 3.50
C ARG A 26 -2.63 -8.10 2.28
N ARG A 27 -2.97 -6.83 2.46
CA ARG A 27 -3.57 -6.02 1.39
C ARG A 27 -2.66 -5.98 0.15
N ALA A 28 -1.37 -5.82 0.37
CA ALA A 28 -0.39 -5.74 -0.73
C ALA A 28 -0.33 -7.05 -1.54
N LEU A 29 -0.02 -8.16 -0.87
CA LEU A 29 0.13 -9.45 -1.53
C LEU A 29 -1.19 -9.96 -2.14
N ALA A 30 -2.32 -9.65 -1.50
CA ALA A 30 -3.63 -10.05 -2.00
C ALA A 30 -3.96 -9.37 -3.34
N MET A 31 -3.74 -8.06 -3.41
CA MET A 31 -3.98 -7.30 -4.65
C MET A 31 -2.75 -7.27 -5.55
N LYS A 32 -1.69 -8.00 -5.15
CA LYS A 32 -0.46 -8.13 -5.95
C LYS A 32 0.25 -6.78 -6.17
N ILE A 33 0.13 -5.88 -5.20
CA ILE A 33 0.78 -4.55 -5.27
C ILE A 33 2.31 -4.69 -5.42
N PRO A 34 2.88 -4.21 -6.55
CA PRO A 34 4.31 -4.43 -6.88
C PRO A 34 5.30 -3.60 -6.03
N PHE A 35 4.84 -3.01 -4.94
CA PHE A 35 5.71 -2.24 -4.03
C PHE A 35 5.27 -2.38 -2.56
N PRO A 36 6.23 -2.30 -1.61
CA PRO A 36 5.98 -2.59 -0.19
C PRO A 36 5.21 -1.47 0.55
N THR A 37 4.52 -1.86 1.63
CA THR A 37 3.72 -0.93 2.45
C THR A 37 4.58 0.10 3.18
N ASP A 38 5.72 -0.36 3.71
CA ASP A 38 6.66 0.52 4.43
C ASP A 38 7.02 1.77 3.59
N LYS A 39 7.37 1.55 2.33
CA LYS A 39 7.63 2.64 1.40
C LYS A 39 6.45 3.63 1.34
N ILE A 40 5.24 3.08 1.10
CA ILE A 40 4.02 3.87 0.97
C ILE A 40 3.82 4.84 2.16
N VAL A 41 4.12 4.37 3.36
CA VAL A 41 3.93 5.17 4.58
C VAL A 41 5.00 6.27 4.73
N ASN A 42 6.26 5.91 4.51
CA ASN A 42 7.38 6.84 4.72
C ASN A 42 7.52 7.88 3.58
N LEU A 43 6.95 7.61 2.42
CA LEU A 43 6.97 8.57 1.31
C LEU A 43 6.04 9.77 1.59
N PRO A 44 6.55 11.01 1.40
CA PRO A 44 5.72 12.21 1.50
C PRO A 44 4.69 12.29 0.34
N VAL A 45 3.69 13.16 0.49
CA VAL A 45 2.61 13.26 -0.51
C VAL A 45 3.15 13.41 -1.95
N ASP A 46 4.25 14.15 -2.11
CA ASP A 46 4.90 14.33 -3.42
C ASP A 46 5.32 12.97 -4.02
N ASP A 47 6.24 12.28 -3.36
CA ASP A 47 6.72 10.98 -3.83
C ASP A 47 5.59 9.94 -3.92
N PHE A 48 4.56 10.10 -3.07
CA PHE A 48 3.39 9.21 -3.08
C PHE A 48 2.67 9.23 -4.43
N ASN A 49 2.22 10.42 -4.83
CA ASN A 49 1.49 10.57 -6.10
C ASN A 49 2.38 10.22 -7.32
N GLU A 50 3.67 10.51 -7.21
CA GLU A 50 4.64 10.11 -8.24
C GLU A 50 4.85 8.58 -8.27
N LEU A 51 4.81 7.96 -7.10
CA LEU A 51 4.92 6.49 -6.99
C LEU A 51 3.81 5.79 -7.77
N LEU A 52 2.59 6.33 -7.66
CA LEU A 52 1.42 5.81 -8.38
C LEU A 52 1.59 5.95 -9.90
N ALA A 53 2.46 6.86 -10.32
CA ALA A 53 2.74 7.07 -11.75
C ALA A 53 3.88 6.16 -12.25
N ARG A 54 4.45 5.35 -11.35
CA ARG A 54 5.54 4.43 -11.71
C ARG A 54 5.02 3.02 -12.01
N TYR A 55 4.31 2.44 -11.05
CA TYR A 55 3.85 1.05 -11.13
C TYR A 55 2.43 0.95 -11.70
N PRO A 56 2.13 -0.13 -12.46
CA PRO A 56 0.80 -0.33 -13.04
C PRO A 56 -0.27 -0.73 -12.00
N LEU A 57 -1.18 0.21 -11.72
CA LEU A 57 -2.25 -0.04 -10.74
C LEU A 57 -3.63 0.32 -11.32
N THR A 58 -4.65 -0.44 -10.94
CA THR A 58 -6.04 -0.15 -11.32
C THR A 58 -6.69 0.81 -10.31
N GLU A 59 -7.77 1.48 -10.71
CA GLU A 59 -8.47 2.44 -9.83
C GLU A 59 -8.75 1.87 -8.43
N SER A 60 -9.01 0.56 -8.36
CA SER A 60 -9.21 -0.12 -7.08
C SER A 60 -7.91 -0.19 -6.28
N GLN A 61 -6.80 -0.47 -6.96
CA GLN A 61 -5.49 -0.58 -6.31
C GLN A 61 -5.02 0.77 -5.75
N LEU A 62 -5.18 1.86 -6.50
CA LEU A 62 -4.80 3.20 -6.01
C LEU A 62 -5.54 3.55 -4.72
N ALA A 63 -6.82 3.16 -4.64
CA ALA A 63 -7.61 3.37 -3.42
C ALA A 63 -6.99 2.64 -2.23
N LEU A 64 -6.63 1.37 -2.44
CA LEU A 64 -5.99 0.56 -1.39
C LEU A 64 -4.67 1.18 -0.92
N VAL A 65 -3.85 1.65 -1.86
CA VAL A 65 -2.57 2.28 -1.53
C VAL A 65 -2.75 3.44 -0.55
N ARG A 66 -3.80 4.25 -0.76
CA ARG A 66 -4.12 5.35 0.14
C ARG A 66 -4.62 4.84 1.50
N ASP A 67 -5.42 3.77 1.46
CA ASP A 67 -5.94 3.11 2.67
C ASP A 67 -4.81 2.67 3.61
N ILE A 68 -3.83 1.96 3.05
CA ILE A 68 -2.63 1.55 3.80
C ILE A 68 -1.80 2.78 4.24
N ARG A 69 -1.60 3.70 3.30
CA ARG A 69 -0.88 4.95 3.57
C ARG A 69 -1.48 5.72 4.75
N ARG A 70 -2.80 5.66 4.89
CA ARG A 70 -3.48 6.38 5.97
C ARG A 70 -3.22 5.74 7.34
N ARG A 71 -3.41 4.42 7.45
CA ARG A 71 -3.20 3.72 8.74
C ARG A 71 -1.77 3.91 9.27
N GLY A 72 -0.79 3.56 8.45
CA GLY A 72 0.61 3.68 8.86
C GLY A 72 0.99 5.09 9.31
N LYS A 73 0.40 6.09 8.67
CA LYS A 73 0.69 7.50 8.98
C LYS A 73 -0.27 8.05 10.06
N ASN A 74 -1.43 7.40 10.23
CA ASN A 74 -2.43 7.83 11.23
C ASN A 74 -1.84 7.78 12.64
N LYS A 75 -1.00 6.77 12.88
CA LYS A 75 -0.31 6.63 14.16
C LYS A 75 0.57 7.86 14.46
N VAL A 76 1.33 8.29 13.45
CA VAL A 76 2.19 9.47 13.56
C VAL A 76 1.34 10.75 13.72
N ALA A 77 0.27 10.85 12.93
CA ALA A 77 -0.63 12.00 12.99
C ALA A 77 -1.32 12.12 14.36
N ALA A 78 -1.74 10.98 14.91
CA ALA A 78 -2.45 10.93 16.19
C ALA A 78 -1.61 11.52 17.34
N GLN A 79 -0.39 11.01 17.53
CA GLN A 79 0.50 11.45 18.62
C GLN A 79 0.83 12.96 18.53
N ASN A 80 0.77 13.51 17.32
CA ASN A 80 1.05 14.95 17.11
C ASN A 80 -0.24 15.77 16.88
N TYR A 81 -1.40 15.11 16.94
CA TYR A 81 -2.69 15.78 16.74
C TYR A 81 -3.05 16.68 17.93
N ARG A 82 -3.48 17.91 17.65
CA ARG A 82 -3.84 18.87 18.71
C ARG A 82 -4.71 20.01 18.16
N LYS A 83 -5.67 20.48 18.95
CA LYS A 83 -6.55 21.58 18.53
C LYS A 83 -5.85 22.94 18.67
N ARG A 84 -5.28 23.44 17.57
CA ARG A 84 -4.76 24.80 17.52
C ARG A 84 -5.91 25.80 17.28
N LYS A 85 -6.88 25.79 18.19
CA LYS A 85 -8.10 26.59 18.06
C LYS A 85 -8.86 26.31 16.75
N LEU A 86 -8.91 25.04 16.35
CA LEU A 86 -9.75 24.63 15.21
C LEU A 86 -11.23 24.62 15.63
N GLU A 87 -11.81 25.80 15.78
CA GLU A 87 -13.21 25.95 16.21
C GLU A 87 -14.17 25.86 15.02
N THR A 88 -15.40 25.45 15.29
CA THR A 88 -16.41 25.32 14.23
C THR A 88 -16.94 26.68 13.76
N ILE A 89 -16.31 27.22 12.71
CA ILE A 89 -16.79 28.44 12.05
C ILE A 89 -17.77 28.07 10.94
N VAL A 90 -17.42 27.02 10.19
CA VAL A 90 -18.30 26.47 9.17
C VAL A 90 -19.41 25.62 9.82
N GLN A 91 -20.51 26.26 10.18
CA GLN A 91 -21.63 25.58 10.83
C GLN A 91 -22.48 24.77 9.83
N MET A 1 -16.86 -45.05 -33.26
CA MET A 1 -17.69 -44.19 -32.37
C MET A 1 -16.87 -43.77 -31.14
N GLY A 2 -16.80 -42.47 -30.87
CA GLY A 2 -15.99 -41.96 -29.75
C GLY A 2 -16.73 -41.96 -28.43
N HIS A 3 -16.32 -42.84 -27.51
CA HIS A 3 -16.91 -42.94 -26.17
C HIS A 3 -15.84 -42.72 -25.07
N HIS A 4 -16.02 -41.66 -24.27
CA HIS A 4 -15.06 -41.26 -23.23
C HIS A 4 -13.71 -40.80 -23.81
N HIS A 5 -13.58 -40.76 -25.13
CA HIS A 5 -12.33 -40.34 -25.77
C HIS A 5 -12.26 -38.81 -25.90
N HIS A 6 -11.30 -38.20 -25.19
CA HIS A 6 -11.13 -36.75 -25.19
C HIS A 6 -9.68 -36.36 -24.89
N HIS A 7 -9.34 -35.09 -25.12
CA HIS A 7 -7.97 -34.60 -24.88
C HIS A 7 -7.69 -34.42 -23.38
N HIS A 8 -6.52 -34.87 -22.95
CA HIS A 8 -6.10 -34.78 -21.54
C HIS A 8 -4.61 -34.45 -21.42
N SER A 9 -4.28 -33.50 -20.55
CA SER A 9 -2.88 -33.05 -20.37
C SER A 9 -2.60 -32.57 -18.94
N HIS A 10 -1.35 -32.17 -18.69
CA HIS A 10 -0.94 -31.64 -17.38
C HIS A 10 -0.38 -30.21 -17.49
N MET A 11 -0.89 -29.30 -16.66
CA MET A 11 -0.42 -27.90 -16.64
C MET A 11 -0.60 -27.27 -15.25
N ALA A 12 0.03 -26.12 -15.02
CA ALA A 12 -0.05 -25.45 -13.71
C ALA A 12 0.24 -23.94 -13.81
N LYS A 13 -0.25 -23.18 -12.83
CA LYS A 13 -0.02 -21.73 -12.77
C LYS A 13 1.24 -21.40 -11.95
N PRO A 14 2.01 -20.37 -12.36
CA PRO A 14 3.17 -19.89 -11.60
C PRO A 14 2.77 -19.14 -10.31
N THR A 15 3.00 -19.74 -9.16
CA THR A 15 2.64 -19.13 -7.86
C THR A 15 3.88 -18.74 -7.06
N ALA A 16 3.67 -18.05 -5.93
CA ALA A 16 4.79 -17.59 -5.10
C ALA A 16 4.42 -17.61 -3.60
N ARG A 17 5.40 -17.27 -2.75
CA ARG A 17 5.20 -17.24 -1.30
C ARG A 17 4.19 -16.16 -0.87
N GLY A 18 3.37 -16.50 0.12
CA GLY A 18 2.39 -15.55 0.66
C GLY A 18 2.39 -15.53 2.19
N GLU A 19 3.33 -14.79 2.77
CA GLU A 19 3.50 -14.74 4.23
C GLU A 19 2.54 -13.72 4.88
N ALA A 20 2.75 -13.42 6.16
CA ALA A 20 1.83 -12.54 6.91
C ALA A 20 2.59 -11.70 7.97
N GLY A 21 1.90 -10.71 8.54
CA GLY A 21 2.52 -9.83 9.52
C GLY A 21 1.65 -8.62 9.87
N SER A 22 1.95 -7.48 9.28
CA SER A 22 1.13 -6.27 9.45
C SER A 22 -0.12 -6.34 8.56
N ARG A 23 -1.29 -6.02 9.12
CA ARG A 23 -2.56 -6.09 8.38
C ARG A 23 -2.54 -5.21 7.12
N ASP A 24 -1.81 -4.11 7.17
CA ASP A 24 -1.59 -3.27 6.00
C ASP A 24 -0.78 -4.02 4.92
N GLU A 25 0.34 -4.62 5.32
CA GLU A 25 1.13 -5.49 4.43
C GLU A 25 0.27 -6.63 3.85
N ARG A 26 -0.62 -7.19 4.69
CA ARG A 26 -1.52 -8.25 4.25
C ARG A 26 -2.41 -7.77 3.10
N ARG A 27 -2.89 -6.53 3.18
CA ARG A 27 -3.62 -5.89 2.08
C ARG A 27 -2.76 -5.86 0.80
N ALA A 28 -1.51 -5.44 0.96
CA ALA A 28 -0.58 -5.31 -0.17
C ALA A 28 -0.40 -6.65 -0.91
N LEU A 29 -0.04 -7.70 -0.19
CA LEU A 29 0.18 -9.02 -0.81
C LEU A 29 -1.14 -9.65 -1.31
N ALA A 30 -2.26 -9.30 -0.68
CA ALA A 30 -3.57 -9.82 -1.08
C ALA A 30 -4.04 -9.22 -2.42
N MET A 31 -3.75 -7.94 -2.64
CA MET A 31 -4.09 -7.24 -3.88
C MET A 31 -2.90 -7.14 -4.84
N LYS A 32 -1.80 -7.80 -4.46
CA LYS A 32 -0.55 -7.79 -5.24
C LYS A 32 -0.01 -6.36 -5.48
N ILE A 33 0.54 -5.77 -4.43
CA ILE A 33 1.16 -4.44 -4.51
C ILE A 33 2.69 -4.55 -4.52
N PRO A 34 3.35 -4.10 -5.61
CA PRO A 34 4.81 -4.24 -5.78
C PRO A 34 5.65 -3.26 -4.95
N PHE A 35 5.11 -2.78 -3.83
CA PHE A 35 5.84 -1.88 -2.93
C PHE A 35 5.23 -1.91 -1.50
N PRO A 36 6.09 -1.83 -0.46
CA PRO A 36 5.66 -1.94 0.94
C PRO A 36 4.83 -0.75 1.45
N THR A 37 4.02 -0.99 2.47
CA THR A 37 3.13 0.04 3.04
C THR A 37 3.91 1.21 3.66
N ASP A 38 4.99 0.89 4.37
CA ASP A 38 5.88 1.92 4.94
C ASP A 38 6.28 2.96 3.87
N LYS A 39 6.57 2.50 2.67
CA LYS A 39 6.88 3.40 1.54
C LYS A 39 5.67 4.27 1.21
N ILE A 40 4.50 3.65 1.13
CA ILE A 40 3.25 4.35 0.81
C ILE A 40 2.99 5.54 1.75
N VAL A 41 3.33 5.37 3.02
CA VAL A 41 3.10 6.41 4.04
C VAL A 41 4.27 7.41 4.14
N ASN A 42 5.51 6.91 4.12
CA ASN A 42 6.68 7.76 4.37
C ASN A 42 7.22 8.45 3.10
N LEU A 43 6.39 8.58 2.08
CA LEU A 43 6.73 9.41 0.91
C LEU A 43 5.98 10.75 0.93
N PRO A 44 6.63 11.86 0.54
CA PRO A 44 5.94 13.15 0.39
C PRO A 44 4.88 13.10 -0.73
N VAL A 45 3.86 13.97 -0.63
CA VAL A 45 2.71 13.93 -1.57
C VAL A 45 3.13 13.86 -3.06
N ASP A 46 4.18 14.58 -3.44
CA ASP A 46 4.68 14.54 -4.82
C ASP A 46 5.19 13.13 -5.20
N ASP A 47 6.11 12.60 -4.41
CA ASP A 47 6.66 11.26 -4.65
C ASP A 47 5.60 10.16 -4.47
N PHE A 48 4.52 10.48 -3.75
CA PHE A 48 3.37 9.56 -3.62
C PHE A 48 2.66 9.42 -4.97
N ASN A 49 2.39 10.56 -5.61
CA ASN A 49 1.82 10.55 -6.97
C ASN A 49 2.74 9.82 -7.94
N GLU A 50 4.05 10.06 -7.80
CA GLU A 50 5.06 9.32 -8.55
C GLU A 50 4.94 7.81 -8.33
N LEU A 51 4.87 7.41 -7.07
CA LEU A 51 4.74 6.00 -6.68
C LEU A 51 3.63 5.30 -7.46
N LEU A 52 2.45 5.93 -7.52
CA LEU A 52 1.31 5.38 -8.25
C LEU A 52 1.61 5.21 -9.76
N ALA A 53 2.27 6.21 -10.34
CA ALA A 53 2.58 6.21 -11.77
C ALA A 53 3.74 5.27 -12.13
N ARG A 54 4.68 5.11 -11.20
CA ARG A 54 5.89 4.31 -11.45
C ARG A 54 5.62 2.80 -11.38
N TYR A 55 4.62 2.39 -10.61
CA TYR A 55 4.30 0.97 -10.46
C TYR A 55 2.97 0.62 -11.16
N PRO A 56 2.90 -0.54 -11.84
CA PRO A 56 1.68 -0.99 -12.53
C PRO A 56 0.53 -1.34 -11.56
N LEU A 57 -0.46 -0.45 -11.48
CA LEU A 57 -1.60 -0.62 -10.56
C LEU A 57 -2.95 -0.41 -11.27
N THR A 58 -3.94 -1.22 -10.92
CA THR A 58 -5.31 -1.02 -11.43
C THR A 58 -6.06 0.03 -10.60
N GLU A 59 -7.17 0.55 -11.13
CA GLU A 59 -7.97 1.58 -10.43
C GLU A 59 -8.18 1.23 -8.95
N SER A 60 -8.58 -0.01 -8.69
CA SER A 60 -8.84 -0.48 -7.31
C SER A 60 -7.56 -0.50 -6.47
N GLN A 61 -6.41 -0.78 -7.09
CA GLN A 61 -5.13 -0.81 -6.38
C GLN A 61 -4.71 0.60 -5.93
N LEU A 62 -4.90 1.61 -6.79
CA LEU A 62 -4.58 3.01 -6.42
C LEU A 62 -5.46 3.46 -5.23
N ALA A 63 -6.75 3.10 -5.27
CA ALA A 63 -7.67 3.41 -4.17
C ALA A 63 -7.17 2.78 -2.86
N LEU A 64 -6.73 1.52 -2.93
CA LEU A 64 -6.16 0.84 -1.76
C LEU A 64 -4.94 1.58 -1.22
N VAL A 65 -3.99 1.91 -2.10
CA VAL A 65 -2.77 2.62 -1.71
C VAL A 65 -3.10 3.93 -0.96
N ARG A 66 -4.10 4.67 -1.46
CA ARG A 66 -4.57 5.88 -0.78
C ARG A 66 -5.11 5.57 0.63
N ASP A 67 -5.87 4.49 0.75
CA ASP A 67 -6.43 4.09 2.03
C ASP A 67 -5.33 3.59 2.99
N ILE A 68 -4.30 2.92 2.44
CA ILE A 68 -3.17 2.45 3.24
C ILE A 68 -2.41 3.63 3.87
N ARG A 69 -2.18 4.68 3.10
CA ARG A 69 -1.59 5.92 3.64
C ARG A 69 -2.50 6.55 4.68
N ARG A 70 -3.80 6.58 4.38
CA ARG A 70 -4.82 7.13 5.29
C ARG A 70 -4.78 6.40 6.65
N ARG A 71 -4.64 5.08 6.62
CA ARG A 71 -4.52 4.26 7.84
C ARG A 71 -3.15 4.44 8.51
N GLY A 72 -2.09 4.34 7.71
CA GLY A 72 -0.73 4.47 8.23
C GLY A 72 -0.45 5.83 8.86
N LYS A 73 -1.04 6.87 8.28
CA LYS A 73 -0.91 8.23 8.82
C LYS A 73 -1.49 8.33 10.23
N ASN A 74 -2.58 7.60 10.49
CA ASN A 74 -3.17 7.51 11.82
C ASN A 74 -2.35 6.57 12.72
N LYS A 75 -1.74 5.55 12.12
CA LYS A 75 -0.86 4.62 12.84
C LYS A 75 0.34 5.36 13.45
N VAL A 76 1.19 5.94 12.59
CA VAL A 76 2.38 6.67 13.03
C VAL A 76 2.00 7.90 13.87
N ALA A 77 0.79 8.45 13.63
CA ALA A 77 0.30 9.58 14.41
C ALA A 77 0.30 9.30 15.92
N ALA A 78 0.21 8.02 16.27
CA ALA A 78 0.20 7.61 17.69
C ALA A 78 1.40 8.19 18.46
N GLN A 79 2.52 8.40 17.77
CA GLN A 79 3.72 8.96 18.40
C GLN A 79 3.56 10.46 18.71
N ASN A 80 2.74 11.15 17.90
CA ASN A 80 2.56 12.60 18.03
C ASN A 80 1.08 12.98 18.16
N TYR A 81 0.24 12.02 18.54
CA TYR A 81 -1.21 12.23 18.61
C TYR A 81 -1.60 13.10 19.81
N ARG A 82 -2.30 14.19 19.53
CA ARG A 82 -2.74 15.15 20.56
C ARG A 82 -3.73 14.52 21.55
N LYS A 83 -3.63 14.91 22.81
CA LYS A 83 -4.40 14.29 23.90
C LYS A 83 -5.90 14.64 23.86
N ARG A 84 -6.72 13.66 23.48
CA ARG A 84 -8.18 13.79 23.61
C ARG A 84 -8.63 13.38 25.03
N LYS A 85 -8.26 14.20 26.00
CA LYS A 85 -8.51 13.92 27.43
C LYS A 85 -8.56 15.22 28.26
N LEU A 86 -9.75 15.56 28.74
CA LEU A 86 -9.92 16.72 29.63
C LEU A 86 -9.85 16.29 31.11
N GLU A 87 -9.80 17.26 32.02
CA GLU A 87 -9.81 16.97 33.46
C GLU A 87 -11.15 16.33 33.88
N THR A 88 -11.17 15.00 33.94
CA THR A 88 -12.36 14.29 34.42
C THR A 88 -12.47 14.38 35.94
N ILE A 89 -13.21 15.39 36.40
CA ILE A 89 -13.37 15.65 37.83
C ILE A 89 -14.00 14.45 38.57
N VAL A 90 -13.17 13.72 39.30
CA VAL A 90 -13.63 12.56 40.07
C VAL A 90 -14.13 12.98 41.46
N GLN A 91 -15.35 12.56 41.80
CA GLN A 91 -15.95 12.89 43.10
C GLN A 91 -15.99 11.64 44.02
N MET A 1 30.38 -30.51 -47.72
CA MET A 1 30.43 -29.23 -46.95
C MET A 1 29.41 -29.25 -45.80
N GLY A 2 29.89 -29.35 -44.55
CA GLY A 2 28.99 -29.48 -43.41
C GLY A 2 29.12 -28.36 -42.38
N HIS A 3 28.81 -27.12 -42.78
CA HIS A 3 28.77 -25.99 -41.84
C HIS A 3 27.47 -26.06 -41.02
N HIS A 4 27.54 -26.70 -39.85
CA HIS A 4 26.33 -27.04 -39.07
C HIS A 4 26.03 -26.02 -37.95
N HIS A 5 24.74 -25.76 -37.74
CA HIS A 5 24.29 -24.88 -36.65
C HIS A 5 22.87 -25.27 -36.20
N HIS A 6 22.50 -24.89 -34.97
CA HIS A 6 21.15 -25.15 -34.45
C HIS A 6 20.95 -24.44 -33.10
N HIS A 7 19.84 -23.72 -32.96
CA HIS A 7 19.60 -22.92 -31.74
C HIS A 7 18.97 -23.74 -30.60
N HIS A 8 19.51 -23.56 -29.39
CA HIS A 8 19.00 -24.18 -28.17
C HIS A 8 18.61 -23.10 -27.16
N SER A 9 17.31 -22.98 -26.86
CA SER A 9 16.85 -21.92 -25.94
C SER A 9 15.51 -22.28 -25.26
N HIS A 10 15.16 -21.51 -24.23
CA HIS A 10 13.88 -21.66 -23.50
C HIS A 10 13.32 -20.29 -23.08
N MET A 11 12.06 -20.26 -22.66
CA MET A 11 11.39 -19.01 -22.25
C MET A 11 11.64 -18.69 -20.77
N ALA A 12 11.61 -17.40 -20.44
CA ALA A 12 11.83 -16.93 -19.07
C ALA A 12 10.50 -16.72 -18.31
N LYS A 13 10.50 -17.04 -17.02
CA LYS A 13 9.30 -16.91 -16.17
C LYS A 13 9.60 -16.13 -14.88
N PRO A 14 8.67 -15.26 -14.42
CA PRO A 14 8.85 -14.44 -13.22
C PRO A 14 8.63 -15.22 -11.91
N THR A 15 8.78 -14.54 -10.77
CA THR A 15 8.57 -15.15 -9.45
C THR A 15 8.11 -14.11 -8.41
N ALA A 16 7.10 -14.47 -7.61
CA ALA A 16 6.55 -13.55 -6.61
C ALA A 16 6.27 -14.26 -5.27
N ARG A 17 7.22 -14.16 -4.34
CA ARG A 17 7.05 -14.76 -3.00
C ARG A 17 6.68 -13.68 -1.97
N GLY A 18 5.37 -13.43 -1.82
CA GLY A 18 4.90 -12.37 -0.93
C GLY A 18 4.81 -12.79 0.53
N GLU A 19 5.94 -12.81 1.22
CA GLU A 19 5.97 -13.10 2.65
C GLU A 19 5.61 -11.85 3.47
N ALA A 20 4.37 -11.80 3.96
CA ALA A 20 3.84 -10.61 4.64
C ALA A 20 3.80 -10.77 6.16
N GLY A 21 4.00 -9.66 6.88
CA GLY A 21 3.92 -9.67 8.34
C GLY A 21 2.75 -8.86 8.88
N SER A 22 2.43 -7.74 8.23
CA SER A 22 1.33 -6.87 8.67
C SER A 22 0.04 -7.12 7.87
N ARG A 23 -1.07 -6.58 8.36
CA ARG A 23 -2.37 -6.69 7.68
C ARG A 23 -2.38 -5.85 6.39
N ASP A 24 -1.70 -4.71 6.42
CA ASP A 24 -1.59 -3.84 5.24
C ASP A 24 -1.00 -4.61 4.06
N GLU A 25 0.07 -5.36 4.32
CA GLU A 25 0.69 -6.22 3.31
C GLU A 25 -0.28 -7.30 2.80
N ARG A 26 -1.12 -7.82 3.69
CA ARG A 26 -2.12 -8.83 3.32
C ARG A 26 -3.11 -8.28 2.28
N ARG A 27 -3.52 -7.02 2.44
CA ARG A 27 -4.31 -6.34 1.40
C ARG A 27 -3.47 -6.14 0.12
N ALA A 28 -2.22 -5.71 0.31
CA ALA A 28 -1.30 -5.44 -0.80
C ALA A 28 -1.14 -6.65 -1.74
N LEU A 29 -0.69 -7.78 -1.18
CA LEU A 29 -0.48 -9.00 -1.97
C LEU A 29 -1.79 -9.53 -2.59
N ALA A 30 -2.91 -9.29 -1.93
CA ALA A 30 -4.22 -9.69 -2.45
C ALA A 30 -4.60 -8.88 -3.70
N MET A 31 -4.32 -7.58 -3.65
CA MET A 31 -4.57 -6.68 -4.80
C MET A 31 -3.38 -6.69 -5.77
N LYS A 32 -2.26 -7.28 -5.33
CA LYS A 32 -1.04 -7.42 -6.15
C LYS A 32 -0.24 -6.10 -6.22
N ILE A 33 0.23 -5.64 -5.07
CA ILE A 33 1.09 -4.45 -4.98
C ILE A 33 2.59 -4.85 -4.97
N PRO A 34 3.37 -4.42 -5.97
CA PRO A 34 4.78 -4.83 -6.13
C PRO A 34 5.77 -4.04 -5.25
N PHE A 35 5.27 -3.21 -4.33
CA PHE A 35 6.14 -2.40 -3.45
C PHE A 35 5.67 -2.46 -1.97
N PRO A 36 6.62 -2.33 -1.01
CA PRO A 36 6.34 -2.48 0.43
C PRO A 36 5.50 -1.33 1.04
N THR A 37 4.78 -1.64 2.12
CA THR A 37 3.90 -0.68 2.80
C THR A 37 4.68 0.46 3.47
N ASP A 38 5.82 0.13 4.09
CA ASP A 38 6.65 1.10 4.81
C ASP A 38 6.99 2.31 3.92
N LYS A 39 7.50 2.04 2.71
CA LYS A 39 7.82 3.11 1.76
C LYS A 39 6.58 3.94 1.43
N ILE A 40 5.44 3.28 1.20
CA ILE A 40 4.16 3.96 0.95
C ILE A 40 3.87 5.03 2.00
N VAL A 41 4.01 4.67 3.26
CA VAL A 41 3.72 5.58 4.37
C VAL A 41 4.75 6.72 4.47
N ASN A 42 6.03 6.39 4.24
CA ASN A 42 7.12 7.36 4.42
C ASN A 42 7.22 8.40 3.28
N LEU A 43 6.77 8.02 2.07
CA LEU A 43 6.81 8.94 0.92
C LEU A 43 5.81 10.10 1.08
N PRO A 44 6.27 11.35 0.86
CA PRO A 44 5.40 12.54 0.91
C PRO A 44 4.39 12.59 -0.25
N VAL A 45 3.57 13.66 -0.29
CA VAL A 45 2.43 13.74 -1.22
C VAL A 45 2.83 13.51 -2.71
N ASP A 46 3.76 14.31 -3.24
CA ASP A 46 4.14 14.22 -4.66
C ASP A 46 4.81 12.88 -4.99
N ASP A 47 5.79 12.48 -4.18
CA ASP A 47 6.49 11.21 -4.38
C ASP A 47 5.54 10.02 -4.29
N PHE A 48 4.55 10.12 -3.41
CA PHE A 48 3.50 9.11 -3.29
C PHE A 48 2.70 8.98 -4.59
N ASN A 49 2.24 10.11 -5.13
CA ASN A 49 1.51 10.12 -6.40
C ASN A 49 2.38 9.56 -7.54
N GLU A 50 3.66 9.90 -7.54
CA GLU A 50 4.63 9.33 -8.48
C GLU A 50 4.68 7.80 -8.37
N LEU A 51 4.81 7.31 -7.14
CA LEU A 51 4.84 5.87 -6.89
C LEU A 51 3.65 5.16 -7.55
N LEU A 52 2.46 5.73 -7.40
CA LEU A 52 1.24 5.18 -8.02
C LEU A 52 1.31 5.25 -9.56
N ALA A 53 1.90 6.32 -10.08
CA ALA A 53 1.98 6.54 -11.53
C ALA A 53 3.13 5.74 -12.18
N ARG A 54 4.09 5.30 -11.37
CA ARG A 54 5.28 4.59 -11.88
C ARG A 54 5.11 3.06 -11.85
N TYR A 55 3.95 2.58 -11.44
CA TYR A 55 3.67 1.13 -11.41
C TYR A 55 2.32 0.80 -12.06
N PRO A 56 2.20 -0.40 -12.68
CA PRO A 56 0.93 -0.86 -13.25
C PRO A 56 -0.08 -1.30 -12.17
N LEU A 57 -0.82 -0.34 -11.65
CA LEU A 57 -1.80 -0.60 -10.59
C LEU A 57 -3.23 -0.29 -11.05
N THR A 58 -4.15 -1.22 -10.81
CA THR A 58 -5.57 -1.01 -11.10
C THR A 58 -6.18 0.03 -10.15
N GLU A 59 -7.26 0.67 -10.58
CA GLU A 59 -7.89 1.78 -9.85
C GLU A 59 -8.09 1.47 -8.35
N SER A 60 -8.57 0.27 -8.05
CA SER A 60 -8.80 -0.16 -6.66
C SER A 60 -7.47 -0.26 -5.88
N GLN A 61 -6.41 -0.66 -6.56
CA GLN A 61 -5.09 -0.78 -5.94
C GLN A 61 -4.59 0.58 -5.44
N LEU A 62 -4.73 1.63 -6.26
CA LEU A 62 -4.34 2.98 -5.84
C LEU A 62 -5.14 3.41 -4.60
N ALA A 63 -6.45 3.15 -4.61
CA ALA A 63 -7.33 3.45 -3.47
C ALA A 63 -6.85 2.75 -2.19
N LEU A 64 -6.36 1.52 -2.34
CA LEU A 64 -5.81 0.76 -1.21
C LEU A 64 -4.52 1.42 -0.69
N VAL A 65 -3.57 1.66 -1.58
CA VAL A 65 -2.28 2.27 -1.23
C VAL A 65 -2.47 3.59 -0.46
N ARG A 66 -3.47 4.37 -0.85
CA ARG A 66 -3.77 5.64 -0.16
C ARG A 66 -4.22 5.39 1.29
N ASP A 67 -5.01 4.34 1.50
CA ASP A 67 -5.44 3.95 2.86
C ASP A 67 -4.24 3.43 3.68
N ILE A 68 -3.40 2.61 3.06
CA ILE A 68 -2.19 2.09 3.71
C ILE A 68 -1.31 3.23 4.26
N ARG A 69 -1.16 4.28 3.45
CA ARG A 69 -0.37 5.46 3.87
C ARG A 69 -0.99 6.14 5.10
N ARG A 70 -2.30 6.42 5.04
CA ARG A 70 -2.97 7.10 6.15
C ARG A 70 -3.10 6.20 7.39
N ARG A 71 -3.14 4.88 7.18
CA ARG A 71 -3.16 3.91 8.29
C ARG A 71 -1.82 3.89 9.03
N GLY A 72 -0.73 3.75 8.28
CA GLY A 72 0.60 3.82 8.87
C GLY A 72 0.89 5.16 9.54
N LYS A 73 0.56 6.25 8.84
CA LYS A 73 0.74 7.60 9.36
C LYS A 73 -0.16 7.87 10.59
N ASN A 74 -1.29 7.17 10.67
CA ASN A 74 -2.22 7.33 11.80
C ASN A 74 -1.50 7.16 13.15
N LYS A 75 -0.46 6.34 13.17
CA LYS A 75 0.37 6.15 14.37
C LYS A 75 0.98 7.50 14.81
N VAL A 76 1.54 8.22 13.86
CA VAL A 76 2.12 9.54 14.11
C VAL A 76 1.02 10.60 14.33
N ALA A 77 -0.08 10.46 13.60
CA ALA A 77 -1.21 11.39 13.70
C ALA A 77 -1.90 11.31 15.08
N ALA A 78 -1.95 10.11 15.64
CA ALA A 78 -2.59 9.89 16.96
C ALA A 78 -1.74 10.48 18.10
N GLN A 79 -0.43 10.21 18.08
CA GLN A 79 0.48 10.74 19.10
C GLN A 79 0.62 12.27 18.99
N ASN A 80 0.59 12.79 17.76
CA ASN A 80 0.70 14.23 17.52
C ASN A 80 -0.68 14.91 17.44
N TYR A 81 -1.72 14.25 17.95
CA TYR A 81 -3.07 14.82 17.92
C TYR A 81 -3.13 16.14 18.71
N ARG A 82 -3.35 17.25 18.00
CA ARG A 82 -3.38 18.57 18.63
C ARG A 82 -4.52 18.68 19.66
N LYS A 83 -4.17 18.59 20.93
CA LYS A 83 -5.15 18.67 22.01
C LYS A 83 -4.99 19.96 22.82
N ARG A 84 -5.86 20.93 22.55
CA ARG A 84 -5.79 22.25 23.20
C ARG A 84 -7.13 22.99 23.07
N LYS A 85 -7.72 23.37 24.20
CA LYS A 85 -8.99 24.08 24.18
C LYS A 85 -8.76 25.55 23.80
N LEU A 86 -8.63 25.81 22.49
CA LEU A 86 -8.52 27.18 22.00
C LEU A 86 -9.82 27.95 22.31
N GLU A 87 -9.69 29.23 22.61
CA GLU A 87 -10.86 30.02 23.03
C GLU A 87 -11.62 30.57 21.82
N THR A 88 -12.70 29.88 21.45
CA THR A 88 -13.55 30.31 20.35
C THR A 88 -14.47 31.47 20.78
N ILE A 89 -13.99 32.70 20.59
CA ILE A 89 -14.76 33.89 20.96
C ILE A 89 -15.85 34.20 19.92
N VAL A 90 -17.09 34.32 20.37
CA VAL A 90 -18.21 34.67 19.49
C VAL A 90 -18.64 36.13 19.70
N GLN A 91 -18.72 36.88 18.60
CA GLN A 91 -19.08 38.32 18.64
C GLN A 91 -20.59 38.52 18.92
N MET A 1 -10.37 5.57 -30.22
CA MET A 1 -11.31 6.55 -29.59
C MET A 1 -12.75 6.01 -29.61
N GLY A 2 -13.70 6.82 -29.12
CA GLY A 2 -15.11 6.42 -29.13
C GLY A 2 -15.48 5.45 -28.00
N HIS A 3 -14.66 4.41 -27.81
CA HIS A 3 -14.89 3.43 -26.74
C HIS A 3 -15.00 4.11 -25.37
N HIS A 4 -16.17 3.97 -24.74
CA HIS A 4 -16.58 4.81 -23.60
C HIS A 4 -15.61 4.77 -22.40
N HIS A 5 -14.85 3.68 -22.22
CA HIS A 5 -13.90 3.59 -21.09
C HIS A 5 -12.55 2.95 -21.46
N HIS A 6 -12.31 2.76 -22.76
CA HIS A 6 -10.96 2.39 -23.27
C HIS A 6 -10.31 1.22 -22.48
N HIS A 7 -11.14 0.30 -21.96
CA HIS A 7 -10.63 -0.81 -21.14
C HIS A 7 -9.82 -1.84 -21.98
N HIS A 8 -8.51 -1.67 -22.00
CA HIS A 8 -7.61 -2.64 -22.64
C HIS A 8 -6.32 -2.81 -21.82
N SER A 9 -5.72 -4.00 -21.88
CA SER A 9 -4.44 -4.25 -21.20
C SER A 9 -3.33 -3.34 -21.74
N HIS A 10 -3.16 -2.18 -21.11
CA HIS A 10 -2.13 -1.21 -21.49
C HIS A 10 -0.76 -1.60 -20.90
N MET A 11 -0.80 -2.29 -19.76
CA MET A 11 0.41 -2.67 -19.02
C MET A 11 0.63 -4.19 -19.03
N ALA A 12 1.85 -4.60 -18.65
CA ALA A 12 2.24 -6.02 -18.66
C ALA A 12 1.80 -6.76 -17.38
N LYS A 13 0.73 -6.27 -16.74
CA LYS A 13 0.17 -6.89 -15.52
C LYS A 13 1.13 -6.76 -14.30
N PRO A 14 0.61 -6.34 -13.13
CA PRO A 14 1.40 -6.21 -11.90
C PRO A 14 1.67 -7.57 -11.25
N THR A 15 2.73 -8.25 -11.68
CA THR A 15 3.12 -9.53 -11.09
C THR A 15 3.85 -9.30 -9.75
N ALA A 16 3.08 -9.17 -8.68
CA ALA A 16 3.65 -8.92 -7.34
C ALA A 16 3.89 -10.24 -6.59
N ARG A 17 5.15 -10.57 -6.36
CA ARG A 17 5.53 -11.78 -5.62
C ARG A 17 6.09 -11.42 -4.24
N GLY A 18 5.40 -11.82 -3.18
CA GLY A 18 5.83 -11.49 -1.82
C GLY A 18 5.20 -12.36 -0.76
N GLU A 19 5.54 -12.10 0.51
CA GLU A 19 5.01 -12.88 1.63
C GLU A 19 4.88 -12.00 2.90
N ALA A 20 3.73 -12.11 3.59
CA ALA A 20 3.51 -11.35 4.83
C ALA A 20 2.41 -11.98 5.70
N GLY A 21 2.46 -11.73 7.01
CA GLY A 21 1.47 -12.26 7.93
C GLY A 21 0.74 -11.19 8.73
N SER A 22 1.01 -9.92 8.41
CA SER A 22 0.36 -8.78 9.10
C SER A 22 -0.81 -8.23 8.28
N ARG A 23 -1.81 -7.63 8.96
CA ARG A 23 -3.07 -7.23 8.32
C ARG A 23 -2.85 -6.25 7.14
N ASP A 24 -2.31 -5.08 7.48
CA ASP A 24 -2.13 -3.99 6.51
C ASP A 24 -1.24 -4.42 5.33
N GLU A 25 -0.24 -5.25 5.65
CA GLU A 25 0.66 -5.79 4.64
C GLU A 25 -0.04 -6.83 3.75
N ARG A 26 -0.97 -7.60 4.33
CA ARG A 26 -1.73 -8.61 3.58
C ARG A 26 -2.62 -7.98 2.50
N ARG A 27 -3.00 -6.71 2.69
CA ARG A 27 -3.75 -5.98 1.67
C ARG A 27 -2.95 -5.91 0.35
N ALA A 28 -1.65 -5.62 0.47
CA ALA A 28 -0.77 -5.46 -0.68
C ALA A 28 -0.67 -6.76 -1.51
N LEU A 29 -0.26 -7.85 -0.87
CA LEU A 29 -0.10 -9.14 -1.55
C LEU A 29 -1.44 -9.68 -2.08
N ALA A 30 -2.55 -9.32 -1.42
CA ALA A 30 -3.89 -9.74 -1.85
C ALA A 30 -4.28 -9.09 -3.19
N MET A 31 -4.09 -7.77 -3.29
CA MET A 31 -4.40 -7.01 -4.52
C MET A 31 -3.17 -6.91 -5.42
N LYS A 32 -2.10 -7.62 -5.06
CA LYS A 32 -0.85 -7.64 -5.84
C LYS A 32 -0.23 -6.24 -6.00
N ILE A 33 0.31 -5.72 -4.90
CA ILE A 33 1.04 -4.44 -4.91
C ILE A 33 2.56 -4.70 -4.88
N PRO A 34 3.27 -4.38 -5.98
CA PRO A 34 4.69 -4.73 -6.14
C PRO A 34 5.68 -3.78 -5.42
N PHE A 35 5.24 -3.12 -4.35
CA PHE A 35 6.13 -2.25 -3.57
C PHE A 35 5.76 -2.24 -2.07
N PRO A 36 6.78 -2.09 -1.18
CA PRO A 36 6.60 -2.20 0.29
C PRO A 36 5.65 -1.15 0.90
N THR A 37 4.83 -1.59 1.86
CA THR A 37 3.85 -0.73 2.54
C THR A 37 4.51 0.37 3.39
N ASP A 38 5.59 0.02 4.08
CA ASP A 38 6.31 0.96 4.95
C ASP A 38 6.73 2.23 4.18
N LYS A 39 7.23 2.05 2.97
CA LYS A 39 7.66 3.17 2.13
C LYS A 39 6.48 4.07 1.75
N ILE A 40 5.31 3.45 1.53
CA ILE A 40 4.07 4.19 1.21
C ILE A 40 3.75 5.25 2.28
N VAL A 41 3.94 4.86 3.55
CA VAL A 41 3.69 5.75 4.68
C VAL A 41 4.77 6.83 4.83
N ASN A 42 6.02 6.45 4.55
CA ASN A 42 7.17 7.36 4.70
C ASN A 42 7.21 8.45 3.61
N LEU A 43 6.90 8.07 2.38
CA LEU A 43 6.98 9.01 1.24
C LEU A 43 5.92 10.13 1.34
N PRO A 44 6.32 11.38 1.05
CA PRO A 44 5.39 12.53 1.02
C PRO A 44 4.44 12.49 -0.19
N VAL A 45 3.51 13.44 -0.26
CA VAL A 45 2.45 13.42 -1.29
C VAL A 45 3.01 13.36 -2.73
N ASP A 46 4.05 14.14 -3.03
CA ASP A 46 4.63 14.17 -4.38
C ASP A 46 5.21 12.80 -4.78
N ASP A 47 6.11 12.27 -3.95
CA ASP A 47 6.70 10.95 -4.17
C ASP A 47 5.63 9.85 -4.22
N PHE A 48 4.61 9.99 -3.38
CA PHE A 48 3.46 9.07 -3.35
C PHE A 48 2.71 9.06 -4.69
N ASN A 49 2.38 10.25 -5.20
CA ASN A 49 1.69 10.38 -6.49
C ASN A 49 2.55 9.83 -7.64
N GLU A 50 3.84 10.15 -7.62
CA GLU A 50 4.80 9.58 -8.58
C GLU A 50 4.75 8.04 -8.53
N LEU A 51 4.86 7.49 -7.33
CA LEU A 51 4.82 6.04 -7.12
C LEU A 51 3.60 5.40 -7.81
N LEU A 52 2.42 5.97 -7.57
CA LEU A 52 1.18 5.48 -8.17
C LEU A 52 1.16 5.64 -9.70
N ALA A 53 1.81 6.69 -10.21
CA ALA A 53 1.86 6.95 -11.66
C ALA A 53 2.93 6.11 -12.38
N ARG A 54 3.93 5.66 -11.61
CA ARG A 54 5.05 4.90 -12.18
C ARG A 54 4.79 3.38 -12.19
N TYR A 55 3.81 2.93 -11.41
CA TYR A 55 3.47 1.51 -11.35
C TYR A 55 2.17 1.18 -12.08
N PRO A 56 2.09 -0.01 -12.72
CA PRO A 56 0.95 -0.40 -13.56
C PRO A 56 -0.29 -0.86 -12.77
N LEU A 57 -0.63 -0.13 -11.72
CA LEU A 57 -1.78 -0.48 -10.87
C LEU A 57 -3.11 0.02 -11.46
N THR A 58 -4.17 -0.75 -11.26
CA THR A 58 -5.52 -0.33 -11.69
C THR A 58 -6.19 0.55 -10.64
N GLU A 59 -7.26 1.25 -11.04
CA GLU A 59 -7.96 2.20 -10.16
C GLU A 59 -8.26 1.62 -8.77
N SER A 60 -8.58 0.33 -8.72
CA SER A 60 -8.88 -0.34 -7.44
C SER A 60 -7.63 -0.44 -6.56
N GLN A 61 -6.48 -0.75 -7.18
CA GLN A 61 -5.22 -0.90 -6.45
C GLN A 61 -4.75 0.43 -5.84
N LEU A 62 -4.84 1.53 -6.61
CA LEU A 62 -4.44 2.86 -6.11
C LEU A 62 -5.29 3.25 -4.88
N ALA A 63 -6.59 2.95 -4.93
CA ALA A 63 -7.49 3.22 -3.81
C ALA A 63 -7.02 2.49 -2.54
N LEU A 64 -6.57 1.25 -2.70
CA LEU A 64 -6.03 0.47 -1.58
C LEU A 64 -4.78 1.15 -0.99
N VAL A 65 -3.81 1.46 -1.85
CA VAL A 65 -2.56 2.10 -1.44
C VAL A 65 -2.81 3.40 -0.64
N ARG A 66 -3.81 4.16 -1.07
CA ARG A 66 -4.19 5.40 -0.37
C ARG A 66 -4.66 5.13 1.07
N ASP A 67 -5.36 4.02 1.29
CA ASP A 67 -5.80 3.65 2.65
C ASP A 67 -4.60 3.14 3.48
N ILE A 68 -3.73 2.35 2.86
CA ILE A 68 -2.51 1.87 3.52
C ILE A 68 -1.65 3.05 4.02
N ARG A 69 -1.55 4.09 3.20
CA ARG A 69 -0.89 5.35 3.59
C ARG A 69 -1.49 5.88 4.90
N ARG A 70 -2.82 5.98 4.94
CA ARG A 70 -3.55 6.41 6.13
C ARG A 70 -3.26 5.51 7.34
N ARG A 71 -3.28 4.20 7.13
CA ARG A 71 -3.08 3.21 8.20
C ARG A 71 -1.82 3.49 9.03
N GLY A 72 -0.68 3.53 8.36
CA GLY A 72 0.59 3.75 9.06
C GLY A 72 0.79 5.19 9.53
N LYS A 73 0.34 6.15 8.73
CA LYS A 73 0.57 7.58 9.03
C LYS A 73 -0.28 8.05 10.22
N ASN A 74 -1.55 7.64 10.26
CA ASN A 74 -2.46 8.00 11.36
C ASN A 74 -1.89 7.53 12.72
N LYS A 75 -1.19 6.39 12.70
CA LYS A 75 -0.53 5.84 13.89
C LYS A 75 0.35 6.88 14.60
N VAL A 76 1.25 7.50 13.84
CA VAL A 76 2.15 8.52 14.39
C VAL A 76 1.48 9.90 14.48
N ALA A 77 0.49 10.13 13.61
CA ALA A 77 -0.27 11.39 13.63
C ALA A 77 -1.05 11.56 14.94
N ALA A 78 -1.48 10.44 15.53
CA ALA A 78 -2.20 10.46 16.81
C ALA A 78 -1.32 10.99 17.96
N GLN A 79 -0.09 10.47 18.06
CA GLN A 79 0.84 10.88 19.12
C GLN A 79 1.41 12.29 18.88
N ASN A 80 1.53 12.67 17.61
CA ASN A 80 2.02 14.02 17.25
C ASN A 80 0.87 15.03 17.14
N TYR A 81 -0.24 14.75 17.83
CA TYR A 81 -1.43 15.61 17.75
C TYR A 81 -1.21 16.97 18.44
N ARG A 82 -1.57 18.03 17.72
CA ARG A 82 -1.47 19.41 18.24
C ARG A 82 -2.22 19.57 19.58
N LYS A 83 -1.84 20.56 20.36
CA LYS A 83 -2.47 20.79 21.67
C LYS A 83 -3.93 21.27 21.51
N ARG A 84 -4.85 20.40 21.92
CA ARG A 84 -6.28 20.72 21.92
C ARG A 84 -6.63 21.66 23.10
N LYS A 85 -7.31 22.76 22.81
CA LYS A 85 -7.74 23.69 23.86
C LYS A 85 -9.26 23.60 24.08
N LEU A 86 -9.65 23.22 25.29
CA LEU A 86 -11.07 22.97 25.61
C LEU A 86 -11.88 24.26 25.78
N GLU A 87 -11.26 25.41 25.50
CA GLU A 87 -11.96 26.70 25.57
C GLU A 87 -13.03 26.80 24.47
N THR A 88 -14.25 26.40 24.83
CA THR A 88 -15.38 26.44 23.88
C THR A 88 -16.00 27.85 23.84
N ILE A 89 -16.83 28.10 22.82
CA ILE A 89 -17.52 29.39 22.70
C ILE A 89 -18.45 29.63 23.91
N VAL A 90 -18.08 30.60 24.75
CA VAL A 90 -18.82 30.90 25.98
C VAL A 90 -20.33 31.07 25.75
N GLN A 91 -21.14 30.48 26.62
CA GLN A 91 -22.60 30.50 26.49
C GLN A 91 -23.17 31.89 26.84
N MET A 1 -0.09 -21.82 -50.70
CA MET A 1 1.12 -21.52 -49.89
C MET A 1 0.91 -21.90 -48.41
N GLY A 2 1.99 -21.88 -47.62
CA GLY A 2 1.88 -22.20 -46.20
C GLY A 2 2.85 -21.40 -45.33
N HIS A 3 2.46 -20.18 -44.98
CA HIS A 3 3.29 -19.29 -44.15
C HIS A 3 3.28 -19.72 -42.67
N HIS A 4 4.36 -20.39 -42.25
CA HIS A 4 4.53 -20.75 -40.82
C HIS A 4 4.98 -19.52 -40.01
N HIS A 5 4.06 -18.95 -39.25
CA HIS A 5 4.31 -17.71 -38.50
C HIS A 5 4.12 -17.94 -36.99
N HIS A 6 5.22 -17.94 -36.23
CA HIS A 6 5.14 -18.22 -34.77
C HIS A 6 6.03 -17.26 -33.96
N HIS A 7 5.66 -17.03 -32.70
CA HIS A 7 6.50 -16.31 -31.74
C HIS A 7 6.05 -16.57 -30.29
N HIS A 8 7.01 -16.81 -29.39
CA HIS A 8 6.72 -17.02 -27.97
C HIS A 8 7.58 -16.13 -27.07
N SER A 9 6.98 -15.06 -26.57
CA SER A 9 7.68 -14.14 -25.65
C SER A 9 7.63 -14.67 -24.21
N HIS A 10 8.54 -14.20 -23.37
CA HIS A 10 8.61 -14.64 -21.97
C HIS A 10 8.52 -13.45 -20.99
N MET A 11 7.34 -13.28 -20.39
CA MET A 11 7.07 -12.17 -19.47
C MET A 11 6.36 -12.67 -18.20
N ALA A 12 6.44 -11.90 -17.11
CA ALA A 12 5.80 -12.23 -15.83
C ALA A 12 6.47 -13.45 -15.16
N LYS A 13 7.56 -13.18 -14.44
CA LYS A 13 8.32 -14.24 -13.75
C LYS A 13 8.06 -14.20 -12.23
N PRO A 14 7.97 -15.38 -11.58
CA PRO A 14 7.72 -15.47 -10.13
C PRO A 14 8.82 -14.77 -9.30
N THR A 15 8.49 -13.59 -8.78
CA THR A 15 9.46 -12.77 -8.04
C THR A 15 9.27 -12.93 -6.52
N ALA A 16 10.22 -13.61 -5.87
CA ALA A 16 10.14 -13.85 -4.43
C ALA A 16 10.44 -12.57 -3.62
N ARG A 17 9.48 -12.16 -2.78
CA ARG A 17 9.62 -10.96 -1.95
C ARG A 17 10.03 -11.31 -0.51
N GLY A 18 10.56 -10.33 0.22
CA GLY A 18 10.92 -10.52 1.62
C GLY A 18 9.72 -10.88 2.50
N GLU A 19 10.00 -11.37 3.71
CA GLU A 19 8.97 -11.84 4.62
C GLU A 19 8.35 -10.68 5.43
N ALA A 20 7.05 -10.45 5.23
CA ALA A 20 6.32 -9.40 5.96
C ALA A 20 4.92 -9.89 6.37
N GLY A 21 4.74 -10.12 7.68
CA GLY A 21 3.47 -10.63 8.18
C GLY A 21 2.60 -9.56 8.82
N SER A 22 2.68 -8.34 8.30
CA SER A 22 1.90 -7.21 8.83
C SER A 22 0.47 -7.18 8.27
N ARG A 23 -0.47 -6.74 9.11
CA ARG A 23 -1.89 -6.62 8.71
C ARG A 23 -2.06 -5.94 7.34
N ASP A 24 -1.45 -4.77 7.18
CA ASP A 24 -1.50 -4.01 5.92
C ASP A 24 -0.91 -4.83 4.75
N GLU A 25 0.22 -5.49 5.01
CA GLU A 25 0.90 -6.32 3.98
C GLU A 25 -0.02 -7.41 3.43
N ARG A 26 -0.85 -8.00 4.29
CA ARG A 26 -1.79 -9.04 3.87
C ARG A 26 -2.76 -8.52 2.79
N ARG A 27 -3.04 -7.21 2.84
CA ARG A 27 -3.87 -6.55 1.81
C ARG A 27 -3.05 -6.29 0.55
N ALA A 28 -1.81 -5.84 0.74
CA ALA A 28 -0.90 -5.54 -0.37
C ALA A 28 -0.70 -6.75 -1.29
N LEU A 29 -0.28 -7.87 -0.72
CA LEU A 29 -0.03 -9.10 -1.49
C LEU A 29 -1.33 -9.65 -2.12
N ALA A 30 -2.47 -9.31 -1.54
CA ALA A 30 -3.78 -9.75 -2.06
C ALA A 30 -4.13 -9.03 -3.38
N MET A 31 -4.00 -7.70 -3.38
CA MET A 31 -4.29 -6.88 -4.58
C MET A 31 -3.07 -6.79 -5.51
N LYS A 32 -2.01 -7.54 -5.18
CA LYS A 32 -0.76 -7.55 -5.96
C LYS A 32 -0.06 -6.18 -5.93
N ILE A 33 0.52 -5.83 -4.78
CA ILE A 33 1.29 -4.60 -4.63
C ILE A 33 2.80 -4.92 -4.51
N PRO A 34 3.62 -4.48 -5.49
CA PRO A 34 5.07 -4.79 -5.51
C PRO A 34 5.90 -4.03 -4.46
N PHE A 35 5.40 -2.88 -4.01
CA PHE A 35 6.13 -2.06 -3.04
C PHE A 35 5.55 -2.20 -1.61
N PRO A 36 6.43 -2.23 -0.58
CA PRO A 36 6.01 -2.47 0.82
C PRO A 36 5.12 -1.37 1.40
N THR A 37 4.15 -1.76 2.24
CA THR A 37 3.22 -0.83 2.87
C THR A 37 3.95 0.23 3.70
N ASP A 38 4.99 -0.19 4.41
CA ASP A 38 5.85 0.73 5.18
C ASP A 38 6.35 1.88 4.30
N LYS A 39 6.86 1.56 3.12
CA LYS A 39 7.34 2.58 2.18
C LYS A 39 6.20 3.54 1.78
N ILE A 40 5.02 2.96 1.50
CA ILE A 40 3.83 3.75 1.17
C ILE A 40 3.56 4.85 2.22
N VAL A 41 3.79 4.51 3.48
CA VAL A 41 3.59 5.44 4.59
C VAL A 41 4.76 6.43 4.74
N ASN A 42 5.99 5.92 4.69
CA ASN A 42 7.19 6.75 4.90
C ASN A 42 7.47 7.70 3.72
N LEU A 43 6.70 7.56 2.63
CA LEU A 43 6.77 8.52 1.53
C LEU A 43 5.88 9.75 1.80
N PRO A 44 6.32 10.95 1.38
CA PRO A 44 5.50 12.16 1.47
C PRO A 44 4.34 12.16 0.45
N VAL A 45 3.40 13.09 0.61
CA VAL A 45 2.20 13.14 -0.24
C VAL A 45 2.56 13.21 -1.74
N ASP A 46 3.56 14.00 -2.10
CA ASP A 46 3.96 14.16 -3.51
C ASP A 46 4.53 12.84 -4.06
N ASP A 47 5.62 12.36 -3.46
CA ASP A 47 6.25 11.10 -3.86
C ASP A 47 5.26 9.93 -3.85
N PHE A 48 4.23 10.02 -3.01
CA PHE A 48 3.15 9.02 -2.99
C PHE A 48 2.43 8.98 -4.36
N ASN A 49 1.97 10.14 -4.83
CA ASN A 49 1.32 10.23 -6.14
C ASN A 49 2.31 9.87 -7.27
N GLU A 50 3.59 10.16 -7.05
CA GLU A 50 4.64 9.76 -7.99
C GLU A 50 4.73 8.23 -8.09
N LEU A 51 4.79 7.56 -6.95
CA LEU A 51 4.88 6.10 -6.89
C LEU A 51 3.73 5.44 -7.67
N LEU A 52 2.51 5.92 -7.44
CA LEU A 52 1.32 5.41 -8.14
C LEU A 52 1.39 5.66 -9.65
N ALA A 53 1.98 6.78 -10.06
CA ALA A 53 2.12 7.12 -11.47
C ALA A 53 3.24 6.31 -12.15
N ARG A 54 4.30 6.03 -11.40
CA ARG A 54 5.45 5.28 -11.92
C ARG A 54 5.15 3.77 -11.97
N TYR A 55 4.33 3.29 -11.03
CA TYR A 55 3.89 1.89 -11.01
C TYR A 55 2.43 1.77 -11.47
N PRO A 56 2.20 1.37 -12.74
CA PRO A 56 0.85 1.33 -13.33
C PRO A 56 -0.08 0.28 -12.68
N LEU A 57 -0.66 0.65 -11.54
CA LEU A 57 -1.64 -0.21 -10.86
C LEU A 57 -3.07 0.11 -11.32
N THR A 58 -4.01 -0.79 -11.06
CA THR A 58 -5.42 -0.55 -11.40
C THR A 58 -6.03 0.48 -10.45
N GLU A 59 -6.98 1.28 -10.94
CA GLU A 59 -7.65 2.29 -10.13
C GLU A 59 -8.21 1.69 -8.82
N SER A 60 -8.43 0.37 -8.83
CA SER A 60 -8.85 -0.37 -7.62
C SER A 60 -7.66 -0.57 -6.67
N GLN A 61 -6.48 -0.92 -7.22
CA GLN A 61 -5.27 -1.07 -6.41
C GLN A 61 -4.88 0.25 -5.73
N LEU A 62 -4.89 1.35 -6.50
CA LEU A 62 -4.58 2.68 -5.93
C LEU A 62 -5.52 3.04 -4.77
N ALA A 63 -6.77 2.57 -4.86
CA ALA A 63 -7.74 2.79 -3.78
C ALA A 63 -7.24 2.20 -2.44
N LEU A 64 -6.71 0.98 -2.51
CA LEU A 64 -6.14 0.33 -1.34
C LEU A 64 -4.85 1.02 -0.89
N VAL A 65 -3.94 1.27 -1.82
CA VAL A 65 -2.67 1.95 -1.52
C VAL A 65 -2.91 3.30 -0.83
N ARG A 66 -3.89 4.07 -1.32
CA ARG A 66 -4.25 5.35 -0.71
C ARG A 66 -4.85 5.15 0.69
N ASP A 67 -5.51 4.01 0.90
CA ASP A 67 -6.09 3.69 2.21
C ASP A 67 -5.00 3.32 3.23
N ILE A 68 -4.12 2.38 2.85
CA ILE A 68 -2.99 1.99 3.70
C ILE A 68 -2.12 3.22 4.06
N ARG A 69 -1.84 4.04 3.05
CA ARG A 69 -1.12 5.31 3.26
C ARG A 69 -1.75 6.13 4.38
N ARG A 70 -3.08 6.27 4.35
CA ARG A 70 -3.81 7.04 5.36
C ARG A 70 -3.74 6.34 6.73
N ARG A 71 -3.87 5.01 6.71
CA ARG A 71 -3.80 4.19 7.93
C ARG A 71 -2.47 4.38 8.67
N GLY A 72 -1.37 4.11 7.97
CA GLY A 72 -0.05 4.26 8.57
C GLY A 72 0.29 5.71 8.89
N LYS A 73 -0.13 6.64 8.03
CA LYS A 73 0.13 8.07 8.25
C LYS A 73 -0.59 8.57 9.53
N ASN A 74 -1.76 8.01 9.81
CA ASN A 74 -2.46 8.29 11.08
C ASN A 74 -1.74 7.63 12.27
N LYS A 75 -1.20 6.44 12.02
CA LYS A 75 -0.40 5.70 13.02
C LYS A 75 0.79 6.53 13.53
N VAL A 76 1.45 7.24 12.63
CA VAL A 76 2.58 8.11 13.00
C VAL A 76 2.09 9.52 13.44
N ALA A 77 1.08 10.05 12.76
CA ALA A 77 0.52 11.36 13.09
C ALA A 77 -0.08 11.40 14.51
N ALA A 78 -0.46 10.23 15.01
CA ALA A 78 -1.01 10.09 16.37
C ALA A 78 -0.01 10.58 17.44
N GLN A 79 1.28 10.59 17.10
CA GLN A 79 2.32 11.05 18.03
C GLN A 79 2.45 12.59 18.02
N ASN A 80 1.78 13.25 17.08
CA ASN A 80 1.88 14.71 16.94
C ASN A 80 0.56 15.36 16.48
N TYR A 81 -0.57 14.73 16.81
CA TYR A 81 -1.88 15.25 16.39
C TYR A 81 -2.28 16.50 17.19
N ARG A 82 -2.68 17.56 16.47
CA ARG A 82 -3.14 18.80 17.08
C ARG A 82 -4.40 18.55 17.93
N LYS A 83 -4.23 18.60 19.25
CA LYS A 83 -5.26 18.14 20.20
C LYS A 83 -6.59 18.91 20.06
N ARG A 84 -7.70 18.17 20.08
CA ARG A 84 -9.05 18.76 19.98
C ARG A 84 -9.56 19.25 21.35
N LYS A 85 -9.63 20.56 21.51
CA LYS A 85 -10.11 21.16 22.76
C LYS A 85 -11.61 20.91 22.99
N LEU A 86 -11.97 20.35 24.13
CA LEU A 86 -13.37 20.16 24.49
C LEU A 86 -13.92 21.40 25.22
N GLU A 87 -14.44 22.34 24.46
CA GLU A 87 -14.91 23.63 24.99
C GLU A 87 -16.43 23.60 25.23
N THR A 88 -16.83 23.29 26.46
CA THR A 88 -18.27 23.29 26.83
C THR A 88 -18.72 24.68 27.28
N ILE A 89 -19.17 25.48 26.33
CA ILE A 89 -19.63 26.86 26.61
C ILE A 89 -21.02 27.14 26.04
N VAL A 90 -22.02 27.26 26.92
CA VAL A 90 -23.40 27.55 26.52
C VAL A 90 -24.20 28.19 27.66
N GLN A 91 -25.00 29.19 27.32
CA GLN A 91 -25.82 29.93 28.29
C GLN A 91 -26.85 29.01 29.01
N MET A 1 16.46 -19.60 -43.94
CA MET A 1 15.37 -19.62 -44.95
C MET A 1 14.47 -20.86 -44.78
N GLY A 2 13.16 -20.66 -44.88
CA GLY A 2 12.22 -21.78 -44.84
C GLY A 2 11.54 -21.97 -43.49
N HIS A 3 11.56 -23.20 -42.99
CA HIS A 3 10.83 -23.56 -41.76
C HIS A 3 11.77 -23.68 -40.54
N HIS A 4 11.37 -23.05 -39.44
CA HIS A 4 12.12 -23.15 -38.19
C HIS A 4 11.39 -24.06 -37.18
N HIS A 5 12.04 -24.36 -36.05
CA HIS A 5 11.41 -25.16 -34.99
C HIS A 5 11.23 -24.36 -33.70
N HIS A 6 9.98 -24.06 -33.35
CA HIS A 6 9.69 -23.28 -32.13
C HIS A 6 9.84 -24.12 -30.86
N HIS A 7 9.97 -23.46 -29.72
CA HIS A 7 10.30 -24.11 -28.43
C HIS A 7 9.31 -23.73 -27.31
N HIS A 8 8.78 -24.74 -26.62
CA HIS A 8 7.82 -24.52 -25.54
C HIS A 8 8.43 -24.77 -24.15
N SER A 9 7.96 -24.03 -23.15
CA SER A 9 8.41 -24.23 -21.76
C SER A 9 7.53 -23.46 -20.76
N HIS A 10 6.69 -24.18 -20.03
CA HIS A 10 5.88 -23.59 -18.96
C HIS A 10 6.55 -23.79 -17.58
N MET A 11 6.25 -22.90 -16.64
CA MET A 11 6.77 -23.02 -15.28
C MET A 11 6.06 -24.14 -14.51
N ALA A 12 6.72 -25.31 -14.47
CA ALA A 12 6.16 -26.49 -13.79
C ALA A 12 6.19 -26.32 -12.26
N LYS A 13 5.00 -26.20 -11.66
CA LYS A 13 4.85 -25.96 -10.21
C LYS A 13 5.47 -24.61 -9.78
N PRO A 14 4.75 -23.51 -10.02
CA PRO A 14 5.20 -22.16 -9.62
C PRO A 14 4.86 -21.85 -8.15
N THR A 15 5.32 -22.70 -7.25
CA THR A 15 5.05 -22.53 -5.81
C THR A 15 5.64 -21.20 -5.29
N ALA A 16 4.79 -20.18 -5.21
CA ALA A 16 5.21 -18.86 -4.74
C ALA A 16 5.31 -18.83 -3.21
N ARG A 17 6.20 -17.97 -2.70
CA ARG A 17 6.41 -17.84 -1.25
C ARG A 17 5.54 -16.69 -0.67
N GLY A 18 4.65 -17.03 0.26
CA GLY A 18 3.77 -16.03 0.85
C GLY A 18 4.44 -15.20 1.94
N GLU A 19 5.36 -14.32 1.55
CA GLU A 19 6.04 -13.43 2.50
C GLU A 19 5.11 -12.33 3.03
N ALA A 20 4.58 -12.52 4.25
CA ALA A 20 3.64 -11.55 4.83
C ALA A 20 3.99 -11.21 6.29
N GLY A 21 4.68 -10.08 6.48
CA GLY A 21 5.02 -9.64 7.84
C GLY A 21 3.88 -8.88 8.52
N SER A 22 3.74 -7.59 8.20
CA SER A 22 2.69 -6.74 8.76
C SER A 22 1.29 -7.16 8.31
N ARG A 23 0.26 -6.58 8.94
CA ARG A 23 -1.13 -6.89 8.59
C ARG A 23 -1.45 -6.46 7.16
N ASP A 24 -0.99 -5.25 6.80
CA ASP A 24 -1.19 -4.70 5.46
C ASP A 24 -0.57 -5.58 4.36
N GLU A 25 0.44 -6.37 4.71
CA GLU A 25 1.08 -7.26 3.73
C GLU A 25 0.05 -8.21 3.11
N ARG A 26 -0.93 -8.65 3.90
CA ARG A 26 -2.03 -9.49 3.38
C ARG A 26 -2.86 -8.70 2.35
N ARG A 27 -3.21 -7.47 2.69
CA ARG A 27 -3.90 -6.55 1.77
C ARG A 27 -3.09 -6.35 0.48
N ALA A 28 -1.77 -6.23 0.63
CA ALA A 28 -0.87 -6.01 -0.50
C ALA A 28 -0.87 -7.19 -1.49
N LEU A 29 -0.66 -8.40 -0.96
CA LEU A 29 -0.62 -9.61 -1.80
C LEU A 29 -2.02 -10.02 -2.28
N ALA A 30 -3.06 -9.57 -1.57
CA ALA A 30 -4.45 -9.86 -1.96
C ALA A 30 -4.86 -9.08 -3.22
N MET A 31 -4.42 -7.82 -3.32
CA MET A 31 -4.69 -6.98 -4.49
C MET A 31 -3.50 -6.95 -5.46
N LYS A 32 -2.42 -7.65 -5.10
CA LYS A 32 -1.19 -7.72 -5.91
C LYS A 32 -0.53 -6.33 -6.09
N ILE A 33 0.17 -5.88 -5.05
CA ILE A 33 0.93 -4.62 -5.11
C ILE A 33 2.39 -4.90 -5.54
N PRO A 34 2.84 -4.35 -6.68
CA PRO A 34 4.17 -4.62 -7.24
C PRO A 34 5.31 -3.75 -6.64
N PHE A 35 5.15 -3.31 -5.39
CA PHE A 35 6.19 -2.53 -4.70
C PHE A 35 6.04 -2.62 -3.17
N PRO A 36 7.15 -2.40 -2.42
CA PRO A 36 7.18 -2.56 -0.94
C PRO A 36 6.22 -1.62 -0.19
N THR A 37 5.52 -2.17 0.81
CA THR A 37 4.55 -1.41 1.61
C THR A 37 5.21 -0.31 2.46
N ASP A 38 6.38 -0.61 3.00
CA ASP A 38 7.12 0.35 3.81
C ASP A 38 7.35 1.66 3.03
N LYS A 39 7.74 1.52 1.76
CA LYS A 39 7.96 2.68 0.88
C LYS A 39 6.71 3.58 0.82
N ILE A 40 5.52 2.95 0.79
CA ILE A 40 4.25 3.66 0.77
C ILE A 40 4.14 4.69 1.91
N VAL A 41 4.56 4.29 3.10
CA VAL A 41 4.43 5.13 4.30
C VAL A 41 5.66 6.04 4.51
N ASN A 42 6.82 5.63 4.00
CA ASN A 42 8.07 6.38 4.26
C ASN A 42 8.39 7.45 3.18
N LEU A 43 7.72 7.40 2.03
CA LEU A 43 7.90 8.45 1.02
C LEU A 43 7.03 9.69 1.31
N PRO A 44 7.53 10.90 1.00
CA PRO A 44 6.75 12.13 1.12
C PRO A 44 5.58 12.18 0.12
N VAL A 45 4.65 13.13 0.30
CA VAL A 45 3.41 13.15 -0.49
C VAL A 45 3.67 13.21 -2.01
N ASP A 46 4.65 14.00 -2.43
CA ASP A 46 4.95 14.14 -3.86
C ASP A 46 5.49 12.83 -4.48
N ASP A 47 6.59 12.31 -3.92
CA ASP A 47 7.16 11.04 -4.37
C ASP A 47 6.09 9.92 -4.36
N PHE A 48 5.18 10.00 -3.39
CA PHE A 48 4.04 9.06 -3.31
C PHE A 48 3.12 9.22 -4.54
N ASN A 49 2.80 10.46 -4.89
CA ASN A 49 1.95 10.73 -6.06
C ASN A 49 2.57 10.14 -7.34
N GLU A 50 3.88 10.37 -7.53
CA GLU A 50 4.59 9.82 -8.69
C GLU A 50 4.70 8.29 -8.59
N LEU A 51 4.84 7.78 -7.37
CA LEU A 51 4.87 6.32 -7.13
C LEU A 51 3.63 5.64 -7.72
N LEU A 52 2.44 6.19 -7.39
CA LEU A 52 1.18 5.68 -7.94
C LEU A 52 1.16 5.74 -9.47
N ALA A 53 1.76 6.79 -10.03
CA ALA A 53 1.79 6.99 -11.48
C ALA A 53 2.81 6.07 -12.19
N ARG A 54 3.82 5.63 -11.45
CA ARG A 54 4.89 4.78 -12.02
C ARG A 54 4.53 3.29 -12.04
N TYR A 55 3.37 2.94 -11.49
CA TYR A 55 2.94 1.53 -11.44
C TYR A 55 1.55 1.33 -12.06
N PRO A 56 1.30 0.14 -12.66
CA PRO A 56 0.01 -0.19 -13.33
C PRO A 56 -1.12 -0.50 -12.33
N LEU A 57 -1.22 0.28 -11.27
CA LEU A 57 -2.23 0.07 -10.22
C LEU A 57 -3.64 0.38 -10.73
N THR A 58 -4.59 -0.49 -10.38
CA THR A 58 -6.02 -0.22 -10.66
C THR A 58 -6.53 0.88 -9.73
N GLU A 59 -7.61 1.54 -10.11
CA GLU A 59 -8.22 2.60 -9.28
C GLU A 59 -8.42 2.12 -7.83
N SER A 60 -8.81 0.86 -7.68
CA SER A 60 -8.97 0.24 -6.35
C SER A 60 -7.61 0.11 -5.64
N GLN A 61 -6.55 -0.22 -6.39
CA GLN A 61 -5.21 -0.37 -5.81
C GLN A 61 -4.66 0.97 -5.30
N LEU A 62 -4.85 2.06 -6.06
CA LEU A 62 -4.44 3.39 -5.58
C LEU A 62 -5.11 3.73 -4.24
N ALA A 63 -6.39 3.38 -4.13
CA ALA A 63 -7.14 3.56 -2.87
C ALA A 63 -6.52 2.73 -1.74
N LEU A 64 -6.16 1.48 -2.04
CA LEU A 64 -5.51 0.59 -1.05
C LEU A 64 -4.17 1.16 -0.59
N VAL A 65 -3.32 1.53 -1.55
CA VAL A 65 -2.00 2.12 -1.25
C VAL A 65 -2.15 3.38 -0.36
N ARG A 66 -3.10 4.24 -0.73
CA ARG A 66 -3.41 5.44 0.07
C ARG A 66 -3.92 5.06 1.47
N ASP A 67 -4.70 3.98 1.55
CA ASP A 67 -5.23 3.50 2.83
C ASP A 67 -4.09 2.95 3.72
N ILE A 68 -3.21 2.14 3.14
CA ILE A 68 -2.04 1.61 3.87
C ILE A 68 -1.23 2.74 4.51
N ARG A 69 -0.93 3.77 3.72
CA ARG A 69 -0.27 4.98 4.23
C ARG A 69 -1.12 5.66 5.31
N ARG A 70 -2.42 5.72 5.06
CA ARG A 70 -3.38 6.35 5.97
C ARG A 70 -3.37 5.69 7.36
N ARG A 71 -3.37 4.35 7.37
CA ARG A 71 -3.34 3.58 8.62
C ARG A 71 -2.02 3.82 9.37
N GLY A 72 -0.91 3.75 8.64
CA GLY A 72 0.41 3.96 9.23
C GLY A 72 0.60 5.36 9.81
N LYS A 73 0.11 6.38 9.11
CA LYS A 73 0.23 7.78 9.56
C LYS A 73 -0.88 8.18 10.54
N ASN A 74 -1.96 7.39 10.61
CA ASN A 74 -3.06 7.68 11.54
C ASN A 74 -2.55 7.71 13.00
N LYS A 75 -1.54 6.89 13.28
CA LYS A 75 -0.89 6.89 14.60
C LYS A 75 -0.25 8.26 14.89
N VAL A 76 0.35 8.86 13.87
CA VAL A 76 0.87 10.22 13.97
C VAL A 76 -0.28 11.23 14.14
N ALA A 77 -1.35 11.04 13.38
CA ALA A 77 -2.55 11.88 13.48
C ALA A 77 -3.13 11.88 14.90
N ALA A 78 -2.99 10.75 15.59
CA ALA A 78 -3.40 10.63 17.00
C ALA A 78 -2.47 11.45 17.92
N GLN A 79 -1.18 11.46 17.60
CA GLN A 79 -0.19 12.21 18.37
C GLN A 79 -0.38 13.73 18.21
N ASN A 80 -0.75 14.18 17.01
CA ASN A 80 -1.04 15.60 16.78
C ASN A 80 -2.56 15.85 16.67
N TYR A 81 -3.33 15.01 17.37
CA TYR A 81 -4.80 15.09 17.36
C TYR A 81 -5.28 16.44 17.94
N ARG A 82 -6.18 17.10 17.21
CA ARG A 82 -6.72 18.40 17.61
C ARG A 82 -5.65 19.51 17.54
N LYS A 83 -5.16 19.76 16.34
CA LYS A 83 -4.19 20.84 16.08
C LYS A 83 -4.77 22.21 16.43
N ARG A 84 -3.92 23.24 16.48
CA ARG A 84 -4.41 24.61 16.75
C ARG A 84 -5.29 25.12 15.60
N LYS A 85 -6.59 25.17 15.86
CA LYS A 85 -7.57 25.59 14.85
C LYS A 85 -7.61 27.12 14.69
N LEU A 86 -7.76 27.58 13.45
CA LEU A 86 -7.76 29.02 13.13
C LEU A 86 -9.19 29.57 13.08
N GLU A 87 -9.58 30.30 14.13
CA GLU A 87 -10.92 30.90 14.21
C GLU A 87 -10.99 32.24 13.45
N THR A 88 -12.03 32.42 12.66
CA THR A 88 -12.24 33.67 11.92
C THR A 88 -13.00 34.69 12.77
N ILE A 89 -12.46 35.91 12.87
CA ILE A 89 -13.10 36.98 13.65
C ILE A 89 -14.44 37.39 13.02
N VAL A 90 -15.53 36.88 13.60
CA VAL A 90 -16.88 37.08 13.07
C VAL A 90 -17.66 38.13 13.88
N GLN A 91 -18.70 38.70 13.26
CA GLN A 91 -19.60 39.64 13.93
C GLN A 91 -20.53 38.92 14.94
N MET A 1 -11.44 -18.56 8.43
CA MET A 1 -12.51 -17.70 7.85
C MET A 1 -11.92 -16.66 6.88
N GLY A 2 -12.60 -16.43 5.76
CA GLY A 2 -12.12 -15.47 4.78
C GLY A 2 -13.09 -15.24 3.63
N HIS A 3 -14.04 -14.34 3.82
CA HIS A 3 -14.98 -13.97 2.75
C HIS A 3 -14.31 -12.99 1.77
N HIS A 4 -14.23 -13.38 0.50
CA HIS A 4 -13.53 -12.57 -0.51
C HIS A 4 -14.05 -12.85 -1.93
N HIS A 5 -13.99 -11.83 -2.80
CA HIS A 5 -14.40 -11.99 -4.21
C HIS A 5 -13.68 -10.96 -5.11
N HIS A 6 -12.98 -11.47 -6.13
CA HIS A 6 -12.33 -10.63 -7.14
C HIS A 6 -12.31 -11.32 -8.51
N HIS A 7 -13.24 -10.95 -9.38
CA HIS A 7 -13.28 -11.49 -10.75
C HIS A 7 -12.47 -10.62 -11.72
N HIS A 8 -12.28 -9.35 -11.38
CA HIS A 8 -11.43 -8.46 -12.19
C HIS A 8 -9.95 -8.81 -11.99
N SER A 9 -9.41 -9.59 -12.92
CA SER A 9 -8.03 -10.09 -12.82
C SER A 9 -6.99 -8.98 -13.07
N HIS A 10 -5.77 -9.22 -12.59
CA HIS A 10 -4.65 -8.28 -12.79
C HIS A 10 -3.94 -8.56 -14.13
N MET A 11 -4.09 -7.64 -15.08
CA MET A 11 -3.40 -7.75 -16.38
C MET A 11 -1.88 -7.92 -16.22
N ALA A 12 -1.34 -7.37 -15.14
CA ALA A 12 0.09 -7.49 -14.82
C ALA A 12 0.28 -8.14 -13.44
N LYS A 13 1.22 -9.10 -13.36
CA LYS A 13 1.48 -9.82 -12.10
C LYS A 13 2.83 -9.39 -11.49
N PRO A 14 2.79 -8.52 -10.46
CA PRO A 14 4.00 -8.05 -9.77
C PRO A 14 4.40 -8.90 -8.55
N THR A 15 5.55 -8.56 -7.95
CA THR A 15 6.02 -9.23 -6.73
C THR A 15 6.02 -8.27 -5.55
N ALA A 16 5.32 -8.63 -4.47
CA ALA A 16 5.18 -7.77 -3.30
C ALA A 16 6.14 -8.18 -2.17
N ARG A 17 7.30 -7.54 -2.09
CA ARG A 17 8.30 -7.88 -1.07
C ARG A 17 8.05 -7.11 0.24
N GLY A 18 6.87 -7.33 0.84
CA GLY A 18 6.60 -6.81 2.18
C GLY A 18 6.95 -7.84 3.25
N GLU A 19 6.34 -9.03 3.12
CA GLU A 19 6.76 -10.22 3.87
C GLU A 19 6.58 -10.10 5.40
N ALA A 20 5.90 -9.05 5.86
CA ALA A 20 5.65 -8.85 7.29
C ALA A 20 4.30 -9.49 7.71
N GLY A 21 4.16 -9.79 9.00
CA GLY A 21 2.94 -10.43 9.47
C GLY A 21 1.90 -9.45 10.01
N SER A 22 1.52 -8.46 9.18
CA SER A 22 0.55 -7.43 9.61
C SER A 22 -0.75 -7.51 8.79
N ARG A 23 -1.85 -7.10 9.40
CA ARG A 23 -3.16 -6.98 8.72
C ARG A 23 -2.99 -6.17 7.41
N ASP A 24 -2.19 -5.11 7.49
CA ASP A 24 -1.88 -4.25 6.35
C ASP A 24 -1.28 -5.05 5.18
N GLU A 25 -0.23 -5.82 5.50
CA GLU A 25 0.46 -6.67 4.52
C GLU A 25 -0.54 -7.57 3.78
N ARG A 26 -1.45 -8.18 4.53
CA ARG A 26 -2.45 -9.08 3.96
C ARG A 26 -3.37 -8.32 2.96
N ARG A 27 -3.68 -7.07 3.27
CA ARG A 27 -4.45 -6.23 2.34
C ARG A 27 -3.64 -5.95 1.07
N ALA A 28 -2.36 -5.64 1.25
CA ALA A 28 -1.45 -5.34 0.14
C ALA A 28 -1.33 -6.53 -0.84
N LEU A 29 -0.96 -7.69 -0.31
CA LEU A 29 -0.79 -8.89 -1.13
C LEU A 29 -2.13 -9.41 -1.71
N ALA A 30 -3.24 -9.02 -1.08
CA ALA A 30 -4.57 -9.35 -1.61
C ALA A 30 -4.81 -8.69 -2.97
N MET A 31 -4.38 -7.44 -3.10
CA MET A 31 -4.48 -6.71 -4.38
C MET A 31 -3.15 -6.71 -5.14
N LYS A 32 -2.08 -7.18 -4.48
CA LYS A 32 -0.74 -7.31 -5.07
C LYS A 32 -0.11 -5.94 -5.39
N ILE A 33 0.68 -5.43 -4.43
CA ILE A 33 1.37 -4.14 -4.57
C ILE A 33 2.90 -4.33 -4.68
N PRO A 34 3.53 -3.81 -5.76
CA PRO A 34 4.97 -4.04 -6.05
C PRO A 34 5.96 -3.36 -5.07
N PHE A 35 5.49 -2.35 -4.34
CA PHE A 35 6.35 -1.55 -3.47
C PHE A 35 5.99 -1.69 -1.98
N PRO A 36 6.99 -1.57 -1.07
CA PRO A 36 6.81 -1.79 0.38
C PRO A 36 5.85 -0.79 1.04
N THR A 37 5.04 -1.31 1.98
CA THR A 37 4.03 -0.51 2.69
C THR A 37 4.64 0.66 3.48
N ASP A 38 5.77 0.39 4.14
CA ASP A 38 6.47 1.42 4.93
C ASP A 38 6.80 2.67 4.08
N LYS A 39 7.37 2.45 2.91
CA LYS A 39 7.72 3.55 2.00
C LYS A 39 6.50 4.38 1.62
N ILE A 40 5.38 3.71 1.36
CA ILE A 40 4.11 4.38 1.05
C ILE A 40 3.75 5.43 2.12
N VAL A 41 4.00 5.07 3.37
CA VAL A 41 3.69 5.95 4.51
C VAL A 41 4.68 7.12 4.63
N ASN A 42 5.95 6.86 4.32
CA ASN A 42 7.01 7.89 4.48
C ASN A 42 7.06 8.87 3.30
N LEU A 43 6.69 8.42 2.10
CA LEU A 43 6.74 9.30 0.92
C LEU A 43 5.72 10.43 0.99
N PRO A 44 6.10 11.66 0.56
CA PRO A 44 5.18 12.79 0.47
C PRO A 44 4.28 12.70 -0.79
N VAL A 45 3.30 13.60 -0.88
CA VAL A 45 2.33 13.58 -2.00
C VAL A 45 3.03 13.55 -3.37
N ASP A 46 4.12 14.29 -3.50
CA ASP A 46 4.86 14.39 -4.78
C ASP A 46 5.35 13.01 -5.24
N ASP A 47 6.22 12.38 -4.46
CA ASP A 47 6.78 11.06 -4.78
C ASP A 47 5.71 9.97 -4.73
N PHE A 48 4.67 10.19 -3.94
CA PHE A 48 3.53 9.27 -3.86
C PHE A 48 2.80 9.18 -5.20
N ASN A 49 2.46 10.34 -5.77
CA ASN A 49 1.84 10.41 -7.10
C ASN A 49 2.74 9.78 -8.17
N GLU A 50 4.03 10.11 -8.11
CA GLU A 50 5.03 9.51 -9.01
C GLU A 50 5.06 7.97 -8.85
N LEU A 51 5.06 7.51 -7.61
CA LEU A 51 5.09 6.07 -7.31
C LEU A 51 3.88 5.34 -7.94
N LEU A 52 2.70 5.92 -7.78
CA LEU A 52 1.48 5.38 -8.39
C LEU A 52 1.53 5.46 -9.93
N ALA A 53 2.21 6.48 -10.45
CA ALA A 53 2.37 6.65 -11.89
C ALA A 53 3.37 5.65 -12.49
N ARG A 54 4.34 5.22 -11.68
CA ARG A 54 5.39 4.30 -12.13
C ARG A 54 4.84 2.93 -12.58
N TYR A 55 3.99 2.33 -11.74
CA TYR A 55 3.51 0.96 -11.96
C TYR A 55 2.07 0.93 -12.52
N PRO A 56 1.77 -0.04 -13.43
CA PRO A 56 0.42 -0.20 -14.01
C PRO A 56 -0.60 -0.79 -13.01
N LEU A 57 -0.85 -0.07 -11.92
CA LEU A 57 -1.81 -0.52 -10.91
C LEU A 57 -3.25 -0.19 -11.33
N THR A 58 -4.16 -1.14 -11.11
CA THR A 58 -5.59 -0.89 -11.37
C THR A 58 -6.15 0.11 -10.36
N GLU A 59 -7.20 0.83 -10.76
CA GLU A 59 -7.77 1.93 -9.95
C GLU A 59 -8.02 1.51 -8.49
N SER A 60 -8.50 0.29 -8.29
CA SER A 60 -8.77 -0.23 -6.94
C SER A 60 -7.47 -0.37 -6.12
N GLN A 61 -6.37 -0.69 -6.79
CA GLN A 61 -5.07 -0.81 -6.13
C GLN A 61 -4.55 0.53 -5.62
N LEU A 62 -4.68 1.59 -6.44
CA LEU A 62 -4.28 2.94 -6.02
C LEU A 62 -5.07 3.36 -4.77
N ALA A 63 -6.36 3.03 -4.74
CA ALA A 63 -7.20 3.27 -3.57
C ALA A 63 -6.63 2.56 -2.32
N LEU A 64 -6.21 1.31 -2.50
CA LEU A 64 -5.59 0.55 -1.40
C LEU A 64 -4.29 1.22 -0.93
N VAL A 65 -3.43 1.61 -1.87
CA VAL A 65 -2.16 2.26 -1.54
C VAL A 65 -2.40 3.54 -0.70
N ARG A 66 -3.42 4.31 -1.08
CA ARG A 66 -3.81 5.51 -0.32
C ARG A 66 -4.31 5.13 1.09
N ASP A 67 -5.07 4.04 1.17
CA ASP A 67 -5.55 3.52 2.45
C ASP A 67 -4.38 3.11 3.36
N ILE A 68 -3.40 2.39 2.79
CA ILE A 68 -2.19 1.99 3.52
C ILE A 68 -1.43 3.21 4.04
N ARG A 69 -1.26 4.23 3.18
CA ARG A 69 -0.61 5.48 3.59
C ARG A 69 -1.37 6.13 4.75
N ARG A 70 -2.69 6.08 4.69
CA ARG A 70 -3.55 6.56 5.79
C ARG A 70 -3.33 5.74 7.07
N ARG A 71 -3.34 4.41 6.94
CA ARG A 71 -3.18 3.51 8.08
C ARG A 71 -1.84 3.74 8.81
N GLY A 72 -0.78 3.98 8.06
CA GLY A 72 0.52 4.29 8.65
C GLY A 72 0.58 5.69 9.24
N LYS A 73 0.14 6.69 8.46
CA LYS A 73 0.12 8.09 8.92
C LYS A 73 -0.82 8.26 10.14
N ASN A 74 -1.81 7.38 10.26
CA ASN A 74 -2.73 7.39 11.40
C ASN A 74 -1.96 7.10 12.70
N LYS A 75 -1.00 6.19 12.64
CA LYS A 75 -0.12 5.89 13.78
C LYS A 75 0.74 7.11 14.14
N VAL A 76 1.28 7.78 13.12
CA VAL A 76 2.05 9.02 13.31
C VAL A 76 1.20 10.09 14.01
N ALA A 77 -0.09 10.10 13.70
CA ALA A 77 -1.04 11.00 14.37
C ALA A 77 -1.36 10.50 15.79
N ALA A 78 -1.47 9.18 15.95
CA ALA A 78 -1.78 8.57 17.25
C ALA A 78 -0.73 8.91 18.33
N GLN A 79 0.55 8.96 17.93
CA GLN A 79 1.63 9.32 18.86
C GLN A 79 1.64 10.83 19.17
N ASN A 80 0.70 11.58 18.59
CA ASN A 80 0.49 13.00 18.91
C ASN A 80 -0.95 13.25 19.35
N TYR A 81 -1.65 12.17 19.71
CA TYR A 81 -3.08 12.22 20.04
C TYR A 81 -3.32 12.38 21.56
N ARG A 82 -4.41 13.07 21.91
CA ARG A 82 -4.78 13.30 23.32
C ARG A 82 -5.34 12.03 23.99
N LYS A 83 -4.72 11.60 25.08
CA LYS A 83 -5.14 10.38 25.80
C LYS A 83 -6.15 10.71 26.92
N ARG A 84 -7.17 9.86 27.07
CA ARG A 84 -8.24 10.10 28.05
C ARG A 84 -7.91 9.60 29.46
N LYS A 85 -8.37 10.34 30.46
CA LYS A 85 -8.33 9.91 31.86
C LYS A 85 -9.56 9.02 32.17
N LEU A 86 -9.32 7.85 32.73
CA LEU A 86 -10.41 6.92 33.08
C LEU A 86 -11.31 7.48 34.19
N GLU A 87 -12.30 8.29 33.78
CA GLU A 87 -13.28 8.84 34.71
C GLU A 87 -14.42 7.84 34.97
N THR A 88 -14.33 7.14 36.12
CA THR A 88 -15.34 6.12 36.47
C THR A 88 -16.56 6.75 37.15
N ILE A 89 -17.59 7.01 36.37
CA ILE A 89 -18.82 7.63 36.89
C ILE A 89 -19.66 6.62 37.70
N VAL A 90 -19.52 6.68 39.02
CA VAL A 90 -20.27 5.78 39.92
C VAL A 90 -21.63 6.39 40.30
N GLN A 91 -22.70 5.61 40.17
CA GLN A 91 -24.05 6.08 40.55
C GLN A 91 -24.76 5.00 41.40
N MET A 1 12.92 -6.29 -40.34
CA MET A 1 11.45 -6.33 -40.11
C MET A 1 11.02 -7.65 -39.46
N GLY A 2 10.05 -7.58 -38.54
CA GLY A 2 9.51 -8.79 -37.93
C GLY A 2 9.06 -8.60 -36.50
N HIS A 3 10.00 -8.37 -35.58
CA HIS A 3 9.70 -8.31 -34.15
C HIS A 3 10.06 -6.95 -33.51
N HIS A 4 9.04 -6.12 -33.30
CA HIS A 4 9.18 -4.87 -32.54
C HIS A 4 8.42 -4.98 -31.21
N HIS A 5 9.05 -4.57 -30.11
CA HIS A 5 8.51 -4.84 -28.78
C HIS A 5 8.19 -3.57 -27.98
N HIS A 6 7.35 -3.73 -26.95
CA HIS A 6 7.11 -2.67 -25.96
C HIS A 6 7.77 -3.05 -24.62
N HIS A 7 7.10 -3.92 -23.86
CA HIS A 7 7.63 -4.43 -22.58
C HIS A 7 7.84 -5.94 -22.66
N HIS A 8 9.10 -6.36 -22.82
CA HIS A 8 9.43 -7.77 -22.97
C HIS A 8 9.90 -8.40 -21.64
N SER A 9 8.98 -9.02 -20.92
CA SER A 9 9.29 -9.69 -19.65
C SER A 9 8.12 -10.52 -19.11
N HIS A 10 8.43 -11.46 -18.23
CA HIS A 10 7.41 -12.24 -17.51
C HIS A 10 7.97 -12.76 -16.18
N MET A 11 9.03 -12.12 -15.69
CA MET A 11 9.64 -12.48 -14.40
C MET A 11 8.90 -11.79 -13.24
N ALA A 12 7.98 -12.50 -12.60
CA ALA A 12 7.20 -11.94 -11.51
C ALA A 12 6.91 -12.99 -10.42
N LYS A 13 7.17 -12.63 -9.16
CA LYS A 13 6.87 -13.51 -8.02
C LYS A 13 6.66 -12.69 -6.73
N PRO A 14 5.49 -12.82 -6.09
CA PRO A 14 5.20 -12.13 -4.83
C PRO A 14 5.89 -12.80 -3.63
N THR A 15 7.17 -12.48 -3.42
CA THR A 15 7.94 -13.03 -2.32
C THR A 15 7.54 -12.40 -0.97
N ALA A 16 6.40 -12.84 -0.45
CA ALA A 16 5.89 -12.38 0.85
C ALA A 16 5.42 -13.57 1.70
N ARG A 17 5.51 -13.45 3.01
CA ARG A 17 5.17 -14.57 3.92
C ARG A 17 3.79 -14.39 4.57
N GLY A 18 3.34 -13.14 4.71
CA GLY A 18 2.05 -12.86 5.31
C GLY A 18 2.06 -12.90 6.84
N GLU A 19 2.64 -13.96 7.41
CA GLU A 19 2.78 -14.09 8.86
C GLU A 19 3.53 -12.89 9.47
N ALA A 20 3.11 -12.47 10.67
CA ALA A 20 3.74 -11.33 11.37
C ALA A 20 3.51 -9.99 10.64
N GLY A 21 2.76 -10.02 9.54
CA GLY A 21 2.47 -8.80 8.80
C GLY A 21 1.21 -8.09 9.28
N SER A 22 1.01 -6.85 8.85
CA SER A 22 -0.17 -6.06 9.21
C SER A 22 -1.40 -6.47 8.39
N ARG A 23 -2.51 -5.78 8.64
CA ARG A 23 -3.74 -5.95 7.84
C ARG A 23 -3.46 -5.72 6.36
N ASP A 24 -2.78 -4.61 6.07
CA ASP A 24 -2.52 -4.17 4.70
C ASP A 24 -1.51 -5.07 3.97
N GLU A 25 -0.67 -5.77 4.73
CA GLU A 25 0.27 -6.74 4.16
C GLU A 25 -0.47 -7.80 3.31
N ARG A 26 -1.60 -8.29 3.83
CA ARG A 26 -2.45 -9.23 3.07
C ARG A 26 -2.95 -8.57 1.77
N ARG A 27 -3.45 -7.36 1.90
CA ARG A 27 -3.98 -6.60 0.76
C ARG A 27 -2.92 -6.41 -0.33
N ALA A 28 -1.68 -6.15 0.09
CA ALA A 28 -0.56 -5.94 -0.84
C ALA A 28 -0.29 -7.20 -1.68
N LEU A 29 -0.12 -8.34 -1.01
CA LEU A 29 0.17 -9.60 -1.70
C LEU A 29 -1.06 -10.16 -2.43
N ALA A 30 -2.26 -9.75 -1.99
CA ALA A 30 -3.52 -10.17 -2.64
C ALA A 30 -3.70 -9.49 -4.00
N MET A 31 -3.51 -8.17 -4.04
CA MET A 31 -3.64 -7.40 -5.28
C MET A 31 -2.30 -7.31 -6.03
N LYS A 32 -1.28 -7.96 -5.47
CA LYS A 32 0.09 -7.95 -6.03
C LYS A 32 0.61 -6.52 -6.24
N ILE A 33 0.96 -5.86 -5.15
CA ILE A 33 1.50 -4.50 -5.19
C ILE A 33 3.04 -4.53 -5.24
N PRO A 34 3.64 -3.98 -6.32
CA PRO A 34 5.11 -4.04 -6.55
C PRO A 34 5.95 -3.15 -5.60
N PHE A 35 5.36 -2.69 -4.50
CA PHE A 35 6.07 -1.91 -3.49
C PHE A 35 5.50 -2.15 -2.08
N PRO A 36 6.36 -2.09 -1.03
CA PRO A 36 5.95 -2.43 0.35
C PRO A 36 5.00 -1.40 1.01
N THR A 37 4.13 -1.89 1.90
CA THR A 37 3.18 -1.03 2.60
C THR A 37 3.88 -0.08 3.58
N ASP A 38 4.98 -0.56 4.18
CA ASP A 38 5.79 0.28 5.07
C ASP A 38 6.19 1.59 4.38
N LYS A 39 6.63 1.48 3.14
CA LYS A 39 7.02 2.66 2.34
C LYS A 39 5.83 3.61 2.16
N ILE A 40 4.65 3.03 1.93
CA ILE A 40 3.40 3.79 1.77
C ILE A 40 3.10 4.66 3.03
N VAL A 41 3.57 4.20 4.18
CA VAL A 41 3.34 4.90 5.45
C VAL A 41 4.44 5.94 5.74
N ASN A 42 5.70 5.59 5.47
CA ASN A 42 6.82 6.50 5.73
C ASN A 42 6.82 7.70 4.76
N LEU A 43 6.30 7.50 3.55
CA LEU A 43 6.22 8.58 2.57
C LEU A 43 4.98 9.47 2.79
N PRO A 44 5.16 10.80 2.89
CA PRO A 44 4.04 11.74 3.02
C PRO A 44 3.19 11.80 1.73
N VAL A 45 1.99 12.38 1.85
CA VAL A 45 1.06 12.45 0.71
C VAL A 45 1.72 12.98 -0.58
N ASP A 46 2.70 13.88 -0.42
CA ASP A 46 3.45 14.44 -1.55
C ASP A 46 4.18 13.33 -2.34
N ASP A 47 5.12 12.65 -1.67
CA ASP A 47 5.86 11.55 -2.30
C ASP A 47 4.95 10.36 -2.63
N PHE A 48 3.89 10.18 -1.84
CA PHE A 48 2.92 9.10 -2.04
C PHE A 48 2.23 9.20 -3.42
N ASN A 49 1.64 10.36 -3.71
CA ASN A 49 0.95 10.57 -5.00
C ASN A 49 1.91 10.40 -6.18
N GLU A 50 3.20 10.69 -5.96
CA GLU A 50 4.25 10.42 -6.94
C GLU A 50 4.46 8.92 -7.13
N LEU A 51 4.57 8.19 -6.01
CA LEU A 51 4.79 6.74 -6.03
C LEU A 51 3.72 6.02 -6.87
N LEU A 52 2.47 6.47 -6.77
CA LEU A 52 1.35 5.89 -7.53
C LEU A 52 1.58 5.92 -9.05
N ALA A 53 2.32 6.94 -9.52
CA ALA A 53 2.57 7.11 -10.96
C ALA A 53 3.84 6.36 -11.40
N ARG A 54 4.58 5.81 -10.44
CA ARG A 54 5.88 5.17 -10.72
C ARG A 54 5.79 3.63 -10.73
N TYR A 55 4.58 3.10 -10.57
CA TYR A 55 4.34 1.65 -10.65
C TYR A 55 3.00 1.35 -11.35
N PRO A 56 2.98 0.35 -12.28
CA PRO A 56 1.76 -0.02 -13.01
C PRO A 56 0.67 -0.64 -12.12
N LEU A 57 -0.36 0.14 -11.80
CA LEU A 57 -1.47 -0.32 -10.96
C LEU A 57 -2.83 0.06 -11.58
N THR A 58 -3.82 -0.81 -11.38
CA THR A 58 -5.20 -0.51 -11.79
C THR A 58 -5.89 0.38 -10.74
N GLU A 59 -6.93 1.08 -11.15
CA GLU A 59 -7.66 2.01 -10.25
C GLU A 59 -8.07 1.32 -8.94
N SER A 60 -8.46 0.05 -9.03
CA SER A 60 -8.82 -0.74 -7.84
C SER A 60 -7.62 -0.91 -6.89
N GLN A 61 -6.43 -1.04 -7.49
CA GLN A 61 -5.20 -1.19 -6.71
C GLN A 61 -4.78 0.15 -6.06
N LEU A 62 -4.88 1.25 -6.79
CA LEU A 62 -4.59 2.58 -6.22
C LEU A 62 -5.54 2.89 -5.05
N ALA A 63 -6.84 2.63 -5.23
CA ALA A 63 -7.82 2.84 -4.17
C ALA A 63 -7.42 2.10 -2.88
N LEU A 64 -6.86 0.91 -3.05
CA LEU A 64 -6.34 0.13 -1.92
C LEU A 64 -5.10 0.81 -1.28
N VAL A 65 -4.11 1.12 -2.11
CA VAL A 65 -2.88 1.76 -1.64
C VAL A 65 -3.17 3.07 -0.87
N ARG A 66 -4.14 3.84 -1.36
CA ARG A 66 -4.55 5.08 -0.69
C ARG A 66 -5.19 4.79 0.68
N ASP A 67 -5.92 3.68 0.78
CA ASP A 67 -6.51 3.24 2.05
C ASP A 67 -5.39 2.88 3.05
N ILE A 68 -4.44 2.07 2.59
CA ILE A 68 -3.27 1.70 3.40
C ILE A 68 -2.60 2.93 4.03
N ARG A 69 -2.32 3.93 3.21
CA ARG A 69 -1.72 5.19 3.68
C ARG A 69 -2.61 5.86 4.75
N ARG A 70 -3.92 5.89 4.50
CA ARG A 70 -4.88 6.47 5.46
C ARG A 70 -4.78 5.79 6.84
N ARG A 71 -4.54 4.49 6.86
CA ARG A 71 -4.49 3.73 8.11
C ARG A 71 -3.12 3.87 8.81
N GLY A 72 -2.07 3.40 8.15
CA GLY A 72 -0.74 3.36 8.75
C GLY A 72 -0.18 4.73 9.15
N LYS A 73 -0.48 5.76 8.35
CA LYS A 73 0.07 7.10 8.59
C LYS A 73 -0.35 7.65 9.95
N ASN A 74 -1.41 7.09 10.53
CA ASN A 74 -1.89 7.51 11.85
C ASN A 74 -0.79 7.41 12.91
N LYS A 75 0.04 6.38 12.82
CA LYS A 75 1.18 6.21 13.73
C LYS A 75 2.24 7.30 13.50
N VAL A 76 2.46 7.64 12.23
CA VAL A 76 3.44 8.66 11.86
C VAL A 76 2.79 10.05 11.76
N ALA A 77 1.79 10.30 12.61
CA ALA A 77 1.09 11.58 12.65
C ALA A 77 1.34 12.34 13.98
N ALA A 78 1.74 11.60 15.02
CA ALA A 78 1.90 12.18 16.36
C ALA A 78 2.85 13.40 16.38
N GLN A 79 3.96 13.30 15.65
CA GLN A 79 4.97 14.38 15.63
C GLN A 79 4.51 15.60 14.81
N ASN A 80 3.52 15.39 13.94
CA ASN A 80 3.05 16.45 13.04
C ASN A 80 1.53 16.68 13.17
N TYR A 81 0.97 16.30 14.31
CA TYR A 81 -0.46 16.45 14.58
C TYR A 81 -0.78 17.88 15.08
N ARG A 82 -2.02 18.12 15.51
CA ARG A 82 -2.42 19.42 16.04
C ARG A 82 -1.56 19.84 17.24
N LYS A 83 -1.33 21.15 17.38
CA LYS A 83 -0.50 21.71 18.46
C LYS A 83 1.01 21.37 18.30
N ARG A 84 1.35 20.62 17.25
CA ARG A 84 2.76 20.27 16.97
C ARG A 84 3.28 21.05 15.76
N LYS A 85 4.59 21.22 15.66
CA LYS A 85 5.21 21.90 14.51
C LYS A 85 5.22 20.98 13.28
N LEU A 86 4.07 20.88 12.61
CA LEU A 86 3.91 20.00 11.46
C LEU A 86 4.74 20.45 10.24
N GLU A 87 4.64 19.69 9.14
CA GLU A 87 5.41 19.95 7.91
C GLU A 87 6.92 19.87 8.15
N THR A 88 7.33 18.83 8.90
CA THR A 88 8.75 18.54 9.12
C THR A 88 8.98 17.03 9.12
N ILE A 89 9.66 16.55 8.07
CA ILE A 89 9.91 15.11 7.92
C ILE A 89 10.84 14.55 9.02
N VAL A 90 10.24 13.93 10.03
CA VAL A 90 10.99 13.29 11.11
C VAL A 90 10.76 11.77 11.13
N GLN A 91 11.78 11.02 11.55
CA GLN A 91 11.72 9.55 11.53
C GLN A 91 11.38 8.97 12.93
N MET A 1 -32.15 -40.96 -32.83
CA MET A 1 -30.96 -40.07 -32.90
C MET A 1 -30.14 -40.14 -31.60
N GLY A 2 -28.81 -40.14 -31.73
CA GLY A 2 -27.94 -40.25 -30.56
C GLY A 2 -27.07 -39.02 -30.34
N HIS A 3 -27.54 -38.10 -29.50
CA HIS A 3 -26.75 -36.91 -29.13
C HIS A 3 -25.81 -37.23 -27.94
N HIS A 4 -24.65 -37.76 -28.26
CA HIS A 4 -23.66 -38.19 -27.25
C HIS A 4 -22.48 -37.22 -27.19
N HIS A 5 -22.37 -36.47 -26.10
CA HIS A 5 -21.30 -35.46 -25.94
C HIS A 5 -20.60 -35.56 -24.58
N HIS A 6 -19.45 -34.89 -24.48
CA HIS A 6 -18.70 -34.79 -23.21
C HIS A 6 -18.33 -33.34 -22.93
N HIS A 7 -18.03 -33.02 -21.66
CA HIS A 7 -17.67 -31.65 -21.27
C HIS A 7 -16.93 -31.60 -19.93
N HIS A 8 -15.68 -31.09 -19.95
CA HIS A 8 -14.87 -30.96 -18.73
C HIS A 8 -14.00 -29.69 -18.74
N SER A 9 -13.80 -29.12 -17.57
CA SER A 9 -12.96 -27.92 -17.41
C SER A 9 -12.35 -27.84 -15.99
N HIS A 10 -11.36 -26.97 -15.82
CA HIS A 10 -10.74 -26.74 -14.51
C HIS A 10 -10.44 -25.25 -14.29
N MET A 11 -10.34 -24.85 -13.03
CA MET A 11 -9.96 -23.47 -12.68
C MET A 11 -9.00 -23.43 -11.48
N ALA A 12 -7.85 -22.81 -11.66
CA ALA A 12 -6.85 -22.69 -10.60
C ALA A 12 -6.40 -21.23 -10.41
N LYS A 13 -6.26 -20.81 -9.16
CA LYS A 13 -5.86 -19.43 -8.83
C LYS A 13 -4.39 -19.39 -8.36
N PRO A 14 -3.69 -18.25 -8.57
CA PRO A 14 -2.33 -18.07 -8.06
C PRO A 14 -2.30 -17.83 -6.53
N THR A 15 -1.79 -18.81 -5.78
CA THR A 15 -1.73 -18.71 -4.32
C THR A 15 -0.41 -18.11 -3.84
N ALA A 16 -0.45 -17.42 -2.69
CA ALA A 16 0.75 -16.81 -2.12
C ALA A 16 1.33 -17.67 -1.01
N ARG A 17 2.50 -18.26 -1.27
CA ARG A 17 3.16 -19.13 -0.30
C ARG A 17 3.79 -18.32 0.85
N GLY A 18 3.19 -18.39 2.03
CA GLY A 18 3.70 -17.67 3.20
C GLY A 18 2.66 -16.76 3.83
N GLU A 19 2.64 -15.48 3.43
CA GLU A 19 1.68 -14.50 3.95
C GLU A 19 1.88 -14.21 5.45
N ALA A 20 3.00 -14.67 5.99
CA ALA A 20 3.29 -14.50 7.42
C ALA A 20 3.64 -13.04 7.76
N GLY A 21 2.62 -12.25 8.07
CA GLY A 21 2.83 -10.84 8.43
C GLY A 21 1.63 -10.22 9.12
N SER A 22 0.86 -9.43 8.37
CA SER A 22 -0.32 -8.74 8.92
C SER A 22 -1.42 -8.56 7.87
N ARG A 23 -2.59 -8.09 8.32
CA ARG A 23 -3.72 -7.77 7.44
C ARG A 23 -3.28 -6.99 6.18
N ASP A 24 -2.71 -5.81 6.40
CA ASP A 24 -2.26 -4.94 5.31
C ASP A 24 -1.30 -5.67 4.34
N GLU A 25 -0.39 -6.47 4.91
CA GLU A 25 0.53 -7.28 4.11
C GLU A 25 -0.21 -8.25 3.18
N ARG A 26 -1.21 -8.96 3.72
CA ARG A 26 -1.98 -9.91 2.93
C ARG A 26 -2.86 -9.19 1.88
N ARG A 27 -3.37 -8.00 2.22
CA ARG A 27 -4.09 -7.16 1.27
C ARG A 27 -3.20 -6.82 0.06
N ALA A 28 -1.95 -6.46 0.34
CA ALA A 28 -0.99 -6.09 -0.70
C ALA A 28 -0.73 -7.24 -1.69
N LEU A 29 -0.47 -8.43 -1.16
CA LEU A 29 -0.15 -9.60 -2.00
C LEU A 29 -1.41 -10.20 -2.66
N ALA A 30 -2.59 -9.95 -2.08
CA ALA A 30 -3.85 -10.41 -2.66
C ALA A 30 -4.23 -9.60 -3.91
N MET A 31 -4.14 -8.27 -3.81
CA MET A 31 -4.38 -7.37 -4.94
C MET A 31 -3.13 -7.27 -5.84
N LYS A 32 -2.01 -7.79 -5.33
CA LYS A 32 -0.71 -7.72 -6.00
C LYS A 32 -0.20 -6.28 -6.14
N ILE A 33 0.44 -5.78 -5.09
CA ILE A 33 1.09 -4.46 -5.11
C ILE A 33 2.58 -4.62 -5.49
N PRO A 34 3.00 -4.08 -6.66
CA PRO A 34 4.37 -4.27 -7.19
C PRO A 34 5.45 -3.42 -6.49
N PHE A 35 5.20 -3.03 -5.23
CA PHE A 35 6.18 -2.23 -4.46
C PHE A 35 5.98 -2.42 -2.95
N PRO A 36 7.06 -2.23 -2.15
CA PRO A 36 7.03 -2.45 -0.70
C PRO A 36 6.08 -1.51 0.07
N THR A 37 5.39 -2.06 1.07
CA THR A 37 4.46 -1.27 1.91
C THR A 37 5.20 -0.21 2.73
N ASP A 38 6.50 -0.43 2.97
CA ASP A 38 7.33 0.57 3.65
C ASP A 38 7.32 1.90 2.89
N LYS A 39 7.74 1.87 1.62
CA LYS A 39 7.78 3.07 0.78
C LYS A 39 6.45 3.83 0.79
N ILE A 40 5.34 3.11 0.86
CA ILE A 40 4.00 3.71 0.95
C ILE A 40 3.88 4.68 2.13
N VAL A 41 4.39 4.25 3.29
CA VAL A 41 4.29 5.05 4.52
C VAL A 41 5.55 5.91 4.76
N ASN A 42 6.66 5.54 4.13
CA ASN A 42 7.94 6.24 4.32
C ASN A 42 8.03 7.55 3.52
N LEU A 43 7.54 7.54 2.28
CA LEU A 43 7.65 8.72 1.41
C LEU A 43 6.58 9.80 1.74
N PRO A 44 6.92 11.08 1.51
CA PRO A 44 5.96 12.18 1.64
C PRO A 44 4.90 12.16 0.52
N VAL A 45 3.89 13.02 0.62
CA VAL A 45 2.76 13.01 -0.33
C VAL A 45 3.21 13.11 -1.81
N ASP A 46 4.13 14.03 -2.13
CA ASP A 46 4.52 14.28 -3.51
C ASP A 46 5.15 13.04 -4.17
N ASP A 47 6.19 12.49 -3.53
CA ASP A 47 6.82 11.26 -4.01
C ASP A 47 5.82 10.08 -4.03
N PHE A 48 4.94 10.04 -3.02
CA PHE A 48 3.86 9.06 -2.94
C PHE A 48 2.96 9.12 -4.20
N ASN A 49 2.64 10.34 -4.63
CA ASN A 49 1.84 10.55 -5.85
C ASN A 49 2.53 9.91 -7.07
N GLU A 50 3.84 10.16 -7.21
CA GLU A 50 4.62 9.59 -8.31
C GLU A 50 4.62 8.06 -8.24
N LEU A 51 4.80 7.51 -7.04
CA LEU A 51 4.76 6.07 -6.80
C LEU A 51 3.51 5.43 -7.43
N LEU A 52 2.36 6.06 -7.21
CA LEU A 52 1.07 5.58 -7.76
C LEU A 52 1.05 5.60 -9.30
N ALA A 53 1.76 6.57 -9.88
CA ALA A 53 1.78 6.73 -11.34
C ALA A 53 2.84 5.86 -12.03
N ARG A 54 3.97 5.66 -11.35
CA ARG A 54 5.09 4.88 -11.89
C ARG A 54 4.75 3.39 -12.01
N TYR A 55 3.99 2.87 -11.05
CA TYR A 55 3.58 1.46 -11.07
C TYR A 55 2.18 1.27 -11.65
N PRO A 56 1.95 0.18 -12.41
CA PRO A 56 0.63 -0.11 -12.99
C PRO A 56 -0.40 -0.45 -11.91
N LEU A 57 -1.10 0.56 -11.40
CA LEU A 57 -2.10 0.36 -10.36
C LEU A 57 -3.53 0.66 -10.87
N THR A 58 -4.51 -0.09 -10.38
CA THR A 58 -5.93 0.16 -10.67
C THR A 58 -6.52 1.10 -9.62
N GLU A 59 -7.68 1.70 -9.92
CA GLU A 59 -8.33 2.63 -9.00
C GLU A 59 -8.45 2.04 -7.59
N SER A 60 -8.83 0.76 -7.51
CA SER A 60 -8.93 0.05 -6.22
C SER A 60 -7.55 -0.12 -5.55
N GLN A 61 -6.52 -0.31 -6.37
CA GLN A 61 -5.14 -0.44 -5.85
C GLN A 61 -4.62 0.89 -5.30
N LEU A 62 -4.81 2.00 -6.04
CA LEU A 62 -4.45 3.32 -5.51
C LEU A 62 -5.16 3.58 -4.17
N ALA A 63 -6.44 3.19 -4.11
CA ALA A 63 -7.22 3.29 -2.87
C ALA A 63 -6.57 2.49 -1.73
N LEU A 64 -6.23 1.23 -2.02
CA LEU A 64 -5.57 0.35 -1.03
C LEU A 64 -4.24 0.94 -0.55
N VAL A 65 -3.45 1.49 -1.47
CA VAL A 65 -2.17 2.10 -1.12
C VAL A 65 -2.34 3.31 -0.18
N ARG A 66 -3.32 4.17 -0.49
CA ARG A 66 -3.64 5.30 0.38
C ARG A 66 -4.26 4.81 1.70
N ASP A 67 -5.00 3.71 1.62
CA ASP A 67 -5.62 3.07 2.78
C ASP A 67 -4.56 2.66 3.83
N ILE A 68 -3.55 1.93 3.37
CA ILE A 68 -2.40 1.55 4.22
C ILE A 68 -1.60 2.79 4.66
N ARG A 69 -1.36 3.71 3.71
CA ARG A 69 -0.64 4.96 4.00
C ARG A 69 -1.31 5.71 5.16
N ARG A 70 -2.64 5.77 5.14
CA ARG A 70 -3.41 6.43 6.19
C ARG A 70 -3.08 5.85 7.57
N ARG A 71 -3.30 4.54 7.76
CA ARG A 71 -3.02 3.89 9.04
C ARG A 71 -1.56 4.02 9.46
N GLY A 72 -0.66 3.99 8.48
CA GLY A 72 0.76 4.15 8.77
C GLY A 72 1.11 5.51 9.35
N LYS A 73 0.58 6.58 8.75
CA LYS A 73 0.89 7.95 9.19
C LYS A 73 -0.13 8.48 10.21
N ASN A 74 -1.26 7.78 10.36
CA ASN A 74 -2.27 8.15 11.36
C ASN A 74 -1.68 8.03 12.78
N LYS A 75 -0.73 7.10 12.92
CA LYS A 75 0.05 6.95 14.15
C LYS A 75 0.71 8.28 14.54
N VAL A 76 1.20 9.00 13.54
CA VAL A 76 1.77 10.34 13.75
C VAL A 76 0.66 11.38 13.96
N ALA A 77 -0.37 11.30 13.11
CA ALA A 77 -1.51 12.23 13.18
C ALA A 77 -2.18 12.21 14.57
N ALA A 78 -2.21 11.05 15.22
CA ALA A 78 -2.76 10.93 16.57
C ALA A 78 -2.06 11.88 17.57
N GLN A 79 -0.75 12.09 17.36
CA GLN A 79 0.04 12.97 18.22
C GLN A 79 0.06 14.41 17.71
N ASN A 80 -0.58 14.64 16.54
CA ASN A 80 -0.66 15.97 15.94
C ASN A 80 -2.11 16.30 15.54
N TYR A 81 -3.04 15.62 16.19
CA TYR A 81 -4.47 15.74 15.86
C TYR A 81 -5.07 17.05 16.40
N ARG A 82 -4.72 17.41 17.63
CA ARG A 82 -5.27 18.63 18.23
C ARG A 82 -4.45 19.87 17.89
N LYS A 83 -4.68 20.40 16.69
CA LYS A 83 -4.13 21.68 16.27
C LYS A 83 -4.97 22.84 16.85
N ARG A 84 -4.31 23.77 17.53
CA ARG A 84 -5.02 24.82 18.26
C ARG A 84 -5.49 25.96 17.34
N LYS A 85 -6.63 26.57 17.69
CA LYS A 85 -7.28 27.57 16.83
C LYS A 85 -7.88 28.71 17.65
N LEU A 86 -7.23 29.87 17.65
CA LEU A 86 -7.70 31.05 18.39
C LEU A 86 -8.70 31.88 17.57
N GLU A 87 -9.61 32.58 18.25
CA GLU A 87 -10.62 33.41 17.59
C GLU A 87 -9.98 34.60 16.84
N THR A 88 -10.01 34.57 15.51
CA THR A 88 -9.59 35.71 14.70
C THR A 88 -10.83 36.43 14.14
N ILE A 89 -11.16 37.57 14.74
CA ILE A 89 -12.40 38.28 14.40
C ILE A 89 -12.34 38.93 13.02
N VAL A 90 -12.68 38.16 11.99
CA VAL A 90 -12.77 38.66 10.62
C VAL A 90 -13.98 39.61 10.44
N GLN A 91 -13.83 40.65 9.62
CA GLN A 91 -14.89 41.65 9.42
C GLN A 91 -15.79 41.32 8.20
N MET A 1 20.58 5.29 20.77
CA MET A 1 20.47 5.63 19.32
C MET A 1 21.66 6.47 18.86
N GLY A 2 22.11 6.24 17.62
CA GLY A 2 23.21 7.02 17.07
C GLY A 2 22.73 8.30 16.39
N HIS A 3 23.47 9.39 16.58
CA HIS A 3 23.10 10.70 15.99
C HIS A 3 23.57 10.83 14.53
N HIS A 4 23.99 9.73 13.94
CA HIS A 4 24.36 9.68 12.52
C HIS A 4 23.88 8.36 11.88
N HIS A 5 23.44 8.44 10.63
CA HIS A 5 22.93 7.27 9.92
C HIS A 5 24.07 6.41 9.34
N HIS A 6 24.34 5.28 9.99
CA HIS A 6 25.40 4.37 9.52
C HIS A 6 24.90 3.47 8.37
N HIS A 7 25.80 2.71 7.77
CA HIS A 7 25.50 1.93 6.56
C HIS A 7 25.03 2.86 5.43
N HIS A 8 25.59 4.06 5.40
CA HIS A 8 25.25 5.06 4.36
C HIS A 8 25.92 4.73 3.01
N SER A 9 25.45 3.66 2.37
CA SER A 9 26.00 3.22 1.07
C SER A 9 25.13 2.13 0.45
N HIS A 10 25.38 1.81 -0.82
CA HIS A 10 24.70 0.70 -1.50
C HIS A 10 25.69 -0.29 -2.10
N MET A 11 26.91 -0.31 -1.56
CA MET A 11 27.93 -1.28 -1.97
C MET A 11 27.53 -2.72 -1.56
N ALA A 12 26.83 -2.84 -0.43
CA ALA A 12 26.31 -4.12 0.02
C ALA A 12 25.00 -4.48 -0.71
N LYS A 13 24.99 -5.64 -1.36
CA LYS A 13 23.87 -6.01 -2.25
C LYS A 13 22.63 -6.49 -1.47
N PRO A 14 21.51 -5.75 -1.54
CA PRO A 14 20.23 -6.15 -0.96
C PRO A 14 19.34 -6.90 -1.97
N THR A 15 19.09 -8.18 -1.71
CA THR A 15 18.25 -9.01 -2.60
C THR A 15 17.25 -9.86 -1.81
N ALA A 16 17.76 -10.90 -1.14
CA ALA A 16 16.90 -11.84 -0.39
C ALA A 16 16.06 -11.13 0.67
N ARG A 17 14.77 -10.93 0.37
CA ARG A 17 13.84 -10.30 1.32
C ARG A 17 13.17 -11.34 2.21
N GLY A 18 12.67 -10.91 3.38
CA GLY A 18 12.02 -11.81 4.32
C GLY A 18 10.58 -11.42 4.62
N GLU A 19 9.67 -12.40 4.57
CA GLU A 19 8.25 -12.15 4.82
C GLU A 19 7.98 -11.76 6.29
N ALA A 20 7.07 -10.80 6.48
CA ALA A 20 6.67 -10.38 7.83
C ALA A 20 5.22 -10.78 8.11
N GLY A 21 4.27 -10.17 7.39
CA GLY A 21 2.88 -10.62 7.44
C GLY A 21 1.98 -9.83 8.39
N SER A 22 1.90 -8.51 8.21
CA SER A 22 0.90 -7.70 8.93
C SER A 22 -0.41 -7.68 8.13
N ARG A 23 -1.54 -7.49 8.81
CA ARG A 23 -2.86 -7.39 8.14
C ARG A 23 -2.79 -6.38 6.98
N ASP A 24 -2.15 -5.25 7.25
CA ASP A 24 -1.89 -4.23 6.24
C ASP A 24 -1.12 -4.81 5.04
N GLU A 25 0.05 -5.39 5.29
CA GLU A 25 0.86 -6.00 4.22
C GLU A 25 0.08 -7.06 3.43
N ARG A 26 -0.70 -7.87 4.12
CA ARG A 26 -1.45 -8.96 3.48
C ARG A 26 -2.50 -8.41 2.48
N ARG A 27 -3.10 -7.27 2.81
CA ARG A 27 -4.01 -6.60 1.88
C ARG A 27 -3.27 -6.16 0.61
N ALA A 28 -2.01 -5.74 0.78
CA ALA A 28 -1.17 -5.32 -0.35
C ALA A 28 -0.87 -6.50 -1.29
N LEU A 29 -0.35 -7.60 -0.74
CA LEU A 29 -0.01 -8.79 -1.54
C LEU A 29 -1.27 -9.49 -2.08
N ALA A 30 -2.40 -9.32 -1.39
CA ALA A 30 -3.69 -9.84 -1.88
C ALA A 30 -4.10 -9.15 -3.19
N MET A 31 -3.84 -7.85 -3.28
CA MET A 31 -4.11 -7.07 -4.49
C MET A 31 -2.85 -6.94 -5.36
N LYS A 32 -1.79 -7.67 -4.99
CA LYS A 32 -0.52 -7.67 -5.73
C LYS A 32 0.08 -6.26 -5.88
N ILE A 33 0.56 -5.70 -4.77
CA ILE A 33 1.24 -4.41 -4.77
C ILE A 33 2.78 -4.60 -4.91
N PRO A 34 3.39 -4.09 -5.99
CA PRO A 34 4.83 -4.29 -6.27
C PRO A 34 5.77 -3.33 -5.50
N PHE A 35 5.33 -2.87 -4.33
CA PHE A 35 6.17 -2.01 -3.49
C PHE A 35 5.74 -2.10 -2.00
N PRO A 36 6.72 -2.02 -1.06
CA PRO A 36 6.44 -2.20 0.38
C PRO A 36 5.58 -1.07 1.00
N THR A 37 4.63 -1.46 1.84
CA THR A 37 3.71 -0.50 2.49
C THR A 37 4.47 0.46 3.41
N ASP A 38 5.53 -0.04 4.04
CA ASP A 38 6.41 0.81 4.87
C ASP A 38 6.82 2.09 4.11
N LYS A 39 7.28 1.90 2.87
CA LYS A 39 7.70 3.02 2.03
C LYS A 39 6.51 3.96 1.73
N ILE A 40 5.34 3.37 1.45
CA ILE A 40 4.11 4.15 1.21
C ILE A 40 3.83 5.15 2.35
N VAL A 41 4.01 4.68 3.58
CA VAL A 41 3.77 5.50 4.77
C VAL A 41 4.91 6.52 5.02
N ASN A 42 6.14 6.13 4.69
CA ASN A 42 7.31 6.98 4.94
C ASN A 42 7.46 8.11 3.90
N LEU A 43 7.07 7.84 2.65
CA LEU A 43 7.19 8.84 1.58
C LEU A 43 6.23 10.02 1.78
N PRO A 44 6.63 11.23 1.35
CA PRO A 44 5.73 12.40 1.33
C PRO A 44 4.72 12.33 0.16
N VAL A 45 3.71 13.20 0.17
CA VAL A 45 2.69 13.20 -0.88
C VAL A 45 3.31 13.31 -2.29
N ASP A 46 4.42 14.04 -2.40
CA ASP A 46 5.13 14.22 -3.67
C ASP A 46 5.56 12.86 -4.27
N ASP A 47 6.39 12.12 -3.54
CA ASP A 47 6.82 10.77 -3.96
C ASP A 47 5.63 9.81 -4.07
N PHE A 48 4.65 9.96 -3.17
CA PHE A 48 3.45 9.11 -3.16
C PHE A 48 2.70 9.19 -4.50
N ASN A 49 2.42 10.41 -4.94
CA ASN A 49 1.75 10.64 -6.22
C ASN A 49 2.53 9.99 -7.38
N GLU A 50 3.85 10.19 -7.37
CA GLU A 50 4.72 9.58 -8.38
C GLU A 50 4.61 8.04 -8.34
N LEU A 51 4.67 7.48 -7.14
CA LEU A 51 4.60 6.03 -6.95
C LEU A 51 3.35 5.42 -7.61
N LEU A 52 2.20 6.07 -7.41
CA LEU A 52 0.93 5.62 -8.00
C LEU A 52 0.93 5.74 -9.53
N ALA A 53 1.66 6.73 -10.05
CA ALA A 53 1.72 6.96 -11.50
C ALA A 53 2.75 6.05 -12.19
N ARG A 54 3.85 5.78 -11.51
CA ARG A 54 4.96 5.00 -12.08
C ARG A 54 4.60 3.53 -12.27
N TYR A 55 4.05 2.89 -11.23
CA TYR A 55 3.67 1.48 -11.32
C TYR A 55 2.27 1.30 -11.92
N PRO A 56 2.12 0.37 -12.90
CA PRO A 56 0.83 0.14 -13.57
C PRO A 56 -0.18 -0.62 -12.69
N LEU A 57 -0.94 0.12 -11.89
CA LEU A 57 -1.92 -0.47 -10.97
C LEU A 57 -3.36 -0.22 -11.46
N THR A 58 -4.29 -1.03 -10.98
CA THR A 58 -5.73 -0.80 -11.27
C THR A 58 -6.29 0.26 -10.32
N GLU A 59 -7.40 0.90 -10.72
CA GLU A 59 -8.01 1.95 -9.90
C GLU A 59 -8.24 1.49 -8.44
N SER A 60 -8.61 0.23 -8.28
CA SER A 60 -8.77 -0.37 -6.95
C SER A 60 -7.44 -0.41 -6.19
N GLN A 61 -6.35 -0.76 -6.88
CA GLN A 61 -5.03 -0.82 -6.25
C GLN A 61 -4.56 0.57 -5.77
N LEU A 62 -4.72 1.60 -6.61
CA LEU A 62 -4.38 2.98 -6.21
C LEU A 62 -5.19 3.40 -4.97
N ALA A 63 -6.49 3.04 -4.96
CA ALA A 63 -7.35 3.33 -3.80
C ALA A 63 -6.84 2.62 -2.54
N LEU A 64 -6.46 1.34 -2.69
CA LEU A 64 -5.89 0.55 -1.60
C LEU A 64 -4.64 1.25 -1.02
N VAL A 65 -3.71 1.62 -1.91
CA VAL A 65 -2.48 2.31 -1.51
C VAL A 65 -2.79 3.60 -0.73
N ARG A 66 -3.85 4.31 -1.13
CA ARG A 66 -4.28 5.51 -0.40
C ARG A 66 -4.83 5.16 0.99
N ASP A 67 -5.53 4.02 1.10
CA ASP A 67 -6.02 3.54 2.39
C ASP A 67 -4.84 3.14 3.30
N ILE A 68 -3.85 2.47 2.70
CA ILE A 68 -2.62 2.09 3.41
C ILE A 68 -1.92 3.33 3.99
N ARG A 69 -1.79 4.37 3.16
CA ARG A 69 -1.22 5.65 3.60
C ARG A 69 -2.03 6.25 4.76
N ARG A 70 -3.35 6.24 4.62
CA ARG A 70 -4.25 6.82 5.62
C ARG A 70 -4.17 6.07 6.98
N ARG A 71 -4.23 4.75 6.95
CA ARG A 71 -4.16 3.94 8.17
C ARG A 71 -2.74 3.82 8.70
N GLY A 72 -1.76 3.87 7.80
CA GLY A 72 -0.36 3.81 8.19
C GLY A 72 0.10 5.07 8.92
N LYS A 73 -0.20 6.24 8.35
CA LYS A 73 0.13 7.52 8.98
C LYS A 73 -0.69 7.71 10.27
N ASN A 74 -1.86 7.06 10.33
CA ASN A 74 -2.69 7.06 11.54
C ASN A 74 -1.90 6.57 12.76
N LYS A 75 -0.94 5.67 12.52
CA LYS A 75 -0.03 5.17 13.56
C LYS A 75 0.73 6.34 14.23
N VAL A 76 1.15 7.31 13.42
CA VAL A 76 1.91 8.47 13.90
C VAL A 76 0.98 9.65 14.27
N ALA A 77 -0.26 9.60 13.78
CA ALA A 77 -1.23 10.70 13.95
C ALA A 77 -1.28 11.27 15.39
N ALA A 78 -1.33 10.38 16.39
CA ALA A 78 -1.36 10.79 17.80
C ALA A 78 -0.12 11.64 18.19
N GLN A 79 1.03 11.25 17.66
CA GLN A 79 2.30 11.95 17.96
C GLN A 79 2.46 13.22 17.09
N ASN A 80 1.94 13.16 15.87
CA ASN A 80 1.98 14.31 14.94
C ASN A 80 0.92 15.36 15.34
N TYR A 81 -0.06 14.95 16.14
CA TYR A 81 -1.12 15.84 16.62
C TYR A 81 -0.53 17.03 17.42
N ARG A 82 -1.28 18.13 17.52
CA ARG A 82 -0.84 19.36 18.21
C ARG A 82 0.24 20.11 17.41
N LYS A 83 0.32 19.83 16.12
CA LYS A 83 1.22 20.57 15.22
C LYS A 83 0.46 21.73 14.54
N ARG A 84 0.94 22.95 14.74
CA ARG A 84 0.27 24.15 14.22
C ARG A 84 0.87 24.63 12.89
N LYS A 85 0.19 25.59 12.26
CA LYS A 85 0.72 26.27 11.07
C LYS A 85 1.47 27.54 11.49
N LEU A 86 2.80 27.52 11.39
CA LEU A 86 3.64 28.63 11.86
C LEU A 86 4.11 29.54 10.70
N GLU A 87 3.18 30.31 10.14
CA GLU A 87 3.51 31.27 9.08
C GLU A 87 4.03 32.60 9.66
N THR A 88 4.92 33.25 8.92
CA THR A 88 5.52 34.52 9.35
C THR A 88 5.63 35.51 8.17
N ILE A 89 6.13 36.72 8.45
CA ILE A 89 6.27 37.76 7.42
C ILE A 89 7.45 37.44 6.48
N VAL A 90 7.26 37.71 5.19
CA VAL A 90 8.31 37.46 4.19
C VAL A 90 8.17 38.40 2.98
N GLN A 91 9.29 39.02 2.59
CA GLN A 91 9.32 39.92 1.42
C GLN A 91 9.42 39.15 0.09
N MET A 1 6.15 -42.38 -43.78
CA MET A 1 7.64 -42.32 -43.72
C MET A 1 8.15 -42.13 -42.28
N GLY A 2 7.34 -41.49 -41.43
CA GLY A 2 7.74 -41.24 -40.05
C GLY A 2 7.91 -39.75 -39.74
N HIS A 3 7.05 -39.23 -38.88
CA HIS A 3 7.07 -37.81 -38.50
C HIS A 3 8.02 -37.56 -37.32
N HIS A 4 9.30 -37.36 -37.63
CA HIS A 4 10.32 -37.13 -36.60
C HIS A 4 10.17 -35.76 -35.90
N HIS A 5 9.54 -35.77 -34.73
CA HIS A 5 9.38 -34.56 -33.92
C HIS A 5 10.28 -34.61 -32.67
N HIS A 6 11.37 -33.85 -32.71
CA HIS A 6 12.29 -33.75 -31.57
C HIS A 6 12.03 -32.50 -30.72
N HIS A 7 12.36 -32.59 -29.43
CA HIS A 7 12.16 -31.48 -28.50
C HIS A 7 13.01 -30.25 -28.87
N HIS A 8 12.60 -29.08 -28.35
CA HIS A 8 13.31 -27.82 -28.61
C HIS A 8 14.05 -27.31 -27.36
N SER A 9 13.35 -27.24 -26.24
CA SER A 9 13.92 -26.68 -25.01
C SER A 9 13.55 -27.52 -23.78
N HIS A 10 14.32 -27.33 -22.71
CA HIS A 10 14.06 -27.97 -21.41
C HIS A 10 14.87 -27.29 -20.29
N MET A 11 14.18 -26.75 -19.29
CA MET A 11 14.84 -26.07 -18.16
C MET A 11 13.84 -25.68 -17.07
N ALA A 12 14.35 -25.47 -15.85
CA ALA A 12 13.51 -25.05 -14.72
C ALA A 12 13.79 -23.57 -14.34
N LYS A 13 12.72 -22.84 -14.04
CA LYS A 13 12.84 -21.42 -13.64
C LYS A 13 12.86 -21.27 -12.11
N PRO A 14 13.53 -20.22 -11.59
CA PRO A 14 13.60 -19.97 -10.13
C PRO A 14 12.25 -19.61 -9.51
N THR A 15 11.96 -20.19 -8.34
CA THR A 15 10.70 -19.95 -7.63
C THR A 15 10.78 -18.69 -6.76
N ALA A 16 10.10 -17.63 -7.16
CA ALA A 16 10.15 -16.35 -6.44
C ALA A 16 9.15 -16.31 -5.27
N ARG A 17 9.66 -16.23 -4.04
CA ARG A 17 8.81 -16.19 -2.84
C ARG A 17 8.88 -14.80 -2.16
N GLY A 18 8.01 -14.59 -1.16
CA GLY A 18 8.00 -13.32 -0.45
C GLY A 18 7.28 -13.39 0.90
N GLU A 19 7.74 -12.62 1.88
CA GLU A 19 7.13 -12.61 3.22
C GLU A 19 7.07 -11.20 3.81
N ALA A 20 5.96 -10.91 4.50
CA ALA A 20 5.77 -9.61 5.15
C ALA A 20 5.06 -9.79 6.51
N GLY A 21 5.26 -8.84 7.43
CA GLY A 21 4.70 -8.95 8.78
C GLY A 21 3.88 -7.75 9.21
N SER A 22 2.60 -7.72 8.82
CA SER A 22 1.66 -6.66 9.23
C SER A 22 0.28 -6.85 8.59
N ARG A 23 -0.77 -6.34 9.25
CA ARG A 23 -2.13 -6.41 8.72
C ARG A 23 -2.23 -5.72 7.35
N ASP A 24 -1.54 -4.58 7.23
CA ASP A 24 -1.54 -3.79 5.99
C ASP A 24 -0.89 -4.57 4.84
N GLU A 25 0.22 -5.25 5.16
CA GLU A 25 0.94 -6.10 4.20
C GLU A 25 0.01 -7.16 3.59
N ARG A 26 -0.86 -7.74 4.43
CA ARG A 26 -1.83 -8.74 3.97
C ARG A 26 -2.76 -8.15 2.90
N ARG A 27 -3.18 -6.90 3.09
CA ARG A 27 -4.00 -6.18 2.09
C ARG A 27 -3.20 -5.98 0.79
N ALA A 28 -1.94 -5.58 0.93
CA ALA A 28 -1.06 -5.33 -0.21
C ALA A 28 -0.88 -6.59 -1.09
N LEU A 29 -0.39 -7.67 -0.49
CA LEU A 29 -0.16 -8.92 -1.23
C LEU A 29 -1.48 -9.53 -1.75
N ALA A 30 -2.58 -9.28 -1.03
CA ALA A 30 -3.91 -9.74 -1.47
C ALA A 30 -4.32 -9.06 -2.80
N MET A 31 -3.96 -7.78 -2.94
CA MET A 31 -4.25 -7.03 -4.17
C MET A 31 -3.02 -6.97 -5.09
N LYS A 32 -2.00 -7.77 -4.76
CA LYS A 32 -0.80 -7.93 -5.60
C LYS A 32 -0.09 -6.59 -5.87
N ILE A 33 0.11 -5.81 -4.81
CA ILE A 33 0.86 -4.55 -4.89
C ILE A 33 2.38 -4.82 -5.00
N PRO A 34 3.03 -4.37 -6.09
CA PRO A 34 4.46 -4.65 -6.35
C PRO A 34 5.44 -3.70 -5.61
N PHE A 35 5.04 -3.19 -4.45
CA PHE A 35 5.92 -2.34 -3.64
C PHE A 35 5.51 -2.33 -2.15
N PRO A 36 6.50 -2.27 -1.23
CA PRO A 36 6.24 -2.39 0.23
C PRO A 36 5.45 -1.20 0.83
N THR A 37 4.64 -1.50 1.85
CA THR A 37 3.78 -0.51 2.49
C THR A 37 4.56 0.51 3.33
N ASP A 38 5.65 0.08 3.98
CA ASP A 38 6.47 0.98 4.78
C ASP A 38 6.98 2.17 3.93
N LYS A 39 7.41 1.87 2.72
CA LYS A 39 7.85 2.91 1.78
C LYS A 39 6.68 3.88 1.48
N ILE A 40 5.52 3.32 1.14
CA ILE A 40 4.30 4.10 0.87
C ILE A 40 4.03 5.14 1.97
N VAL A 41 4.14 4.70 3.22
CA VAL A 41 3.85 5.56 4.38
C VAL A 41 4.92 6.65 4.59
N ASN A 42 6.19 6.28 4.41
CA ASN A 42 7.30 7.22 4.69
C ASN A 42 7.71 8.05 3.46
N LEU A 43 7.07 7.81 2.32
CA LEU A 43 7.29 8.65 1.13
C LEU A 43 6.57 10.00 1.27
N PRO A 44 7.17 11.09 0.73
CA PRO A 44 6.51 12.39 0.64
C PRO A 44 5.20 12.32 -0.17
N VAL A 45 4.32 13.30 0.00
CA VAL A 45 3.09 13.37 -0.79
C VAL A 45 3.39 13.36 -2.30
N ASP A 46 4.44 14.08 -2.69
CA ASP A 46 4.85 14.17 -4.09
C ASP A 46 5.38 12.82 -4.60
N ASP A 47 6.37 12.25 -3.91
CA ASP A 47 6.94 10.96 -4.30
C ASP A 47 5.91 9.83 -4.27
N PHE A 48 4.95 9.93 -3.35
CA PHE A 48 3.83 8.99 -3.28
C PHE A 48 2.99 9.04 -4.57
N ASN A 49 2.61 10.25 -4.98
CA ASN A 49 1.86 10.45 -6.23
C ASN A 49 2.68 9.99 -7.45
N GLU A 50 3.99 10.27 -7.43
CA GLU A 50 4.91 9.75 -8.46
C GLU A 50 4.84 8.22 -8.52
N LEU A 51 4.91 7.58 -7.35
CA LEU A 51 4.86 6.12 -7.23
C LEU A 51 3.64 5.54 -7.98
N LEU A 52 2.45 6.04 -7.69
CA LEU A 52 1.22 5.57 -8.34
C LEU A 52 1.15 5.96 -9.82
N ALA A 53 1.90 6.98 -10.21
CA ALA A 53 1.98 7.40 -11.62
C ALA A 53 3.02 6.56 -12.39
N ARG A 54 3.94 5.93 -11.66
CA ARG A 54 5.01 5.12 -12.25
C ARG A 54 4.62 3.63 -12.34
N TYR A 55 3.77 3.16 -11.43
CA TYR A 55 3.30 1.78 -11.45
C TYR A 55 1.89 1.66 -12.04
N PRO A 56 1.74 0.96 -13.19
CA PRO A 56 0.44 0.79 -13.86
C PRO A 56 -0.52 -0.15 -13.09
N LEU A 57 -1.09 0.36 -12.00
CA LEU A 57 -2.03 -0.40 -11.18
C LEU A 57 -3.49 -0.14 -11.59
N THR A 58 -4.37 -1.06 -11.27
CA THR A 58 -5.81 -0.87 -11.52
C THR A 58 -6.45 0.02 -10.45
N GLU A 59 -7.60 0.63 -10.78
CA GLU A 59 -8.26 1.60 -9.89
C GLU A 59 -8.30 1.12 -8.41
N SER A 60 -8.86 -0.06 -8.18
CA SER A 60 -8.97 -0.62 -6.82
C SER A 60 -7.62 -0.69 -6.09
N GLN A 61 -6.54 -0.91 -6.85
CA GLN A 61 -5.20 -1.01 -6.26
C GLN A 61 -4.71 0.37 -5.76
N LEU A 62 -4.85 1.42 -6.57
CA LEU A 62 -4.47 2.78 -6.14
C LEU A 62 -5.35 3.24 -4.97
N ALA A 63 -6.64 2.91 -5.02
CA ALA A 63 -7.56 3.20 -3.93
C ALA A 63 -7.09 2.57 -2.61
N LEU A 64 -6.53 1.37 -2.70
CA LEU A 64 -5.97 0.70 -1.53
C LEU A 64 -4.67 1.36 -1.07
N VAL A 65 -3.73 1.56 -2.01
CA VAL A 65 -2.42 2.16 -1.69
C VAL A 65 -2.56 3.51 -0.96
N ARG A 66 -3.46 4.37 -1.43
CA ARG A 66 -3.72 5.65 -0.77
C ARG A 66 -4.31 5.44 0.64
N ASP A 67 -5.13 4.40 0.80
CA ASP A 67 -5.72 4.07 2.10
C ASP A 67 -4.64 3.49 3.04
N ILE A 68 -3.71 2.71 2.48
CA ILE A 68 -2.61 2.13 3.27
C ILE A 68 -1.76 3.21 3.93
N ARG A 69 -1.42 4.25 3.17
CA ARG A 69 -0.64 5.37 3.72
C ARG A 69 -1.38 6.02 4.90
N ARG A 70 -2.70 6.12 4.76
CA ARG A 70 -3.57 6.59 5.84
C ARG A 70 -3.56 5.62 7.04
N ARG A 71 -3.56 4.32 6.73
CA ARG A 71 -3.53 3.26 7.75
C ARG A 71 -2.18 3.22 8.48
N GLY A 72 -1.12 3.64 7.81
CA GLY A 72 0.19 3.68 8.45
C GLY A 72 0.39 4.92 9.31
N LYS A 73 -0.09 6.06 8.83
CA LYS A 73 0.09 7.34 9.54
C LYS A 73 -0.86 7.48 10.74
N ASN A 74 -2.01 6.80 10.73
CA ASN A 74 -3.01 6.97 11.81
C ASN A 74 -2.41 6.68 13.20
N LYS A 75 -1.48 5.74 13.27
CA LYS A 75 -0.81 5.39 14.52
C LYS A 75 0.07 6.55 15.02
N VAL A 76 1.04 6.97 14.20
CA VAL A 76 1.91 8.10 14.54
C VAL A 76 1.13 9.43 14.63
N ALA A 77 -0.02 9.47 13.98
CA ALA A 77 -0.90 10.64 14.01
C ALA A 77 -1.36 10.95 15.45
N ALA A 78 -1.48 9.91 16.27
CA ALA A 78 -1.85 10.08 17.68
C ALA A 78 -0.88 11.02 18.42
N GLN A 79 0.39 11.03 17.96
CA GLN A 79 1.40 11.95 18.51
C GLN A 79 1.15 13.39 18.03
N ASN A 80 0.71 13.53 16.78
CA ASN A 80 0.50 14.84 16.17
C ASN A 80 -0.95 15.33 16.31
N TYR A 81 -1.80 14.50 16.90
CA TYR A 81 -3.20 14.84 17.10
C TYR A 81 -3.38 15.92 18.18
N ARG A 82 -3.97 17.05 17.78
CA ARG A 82 -4.32 18.12 18.71
C ARG A 82 -5.56 17.73 19.54
N LYS A 83 -5.46 17.87 20.86
CA LYS A 83 -6.58 17.52 21.75
C LYS A 83 -7.58 18.68 21.87
N ARG A 84 -8.80 18.37 22.32
CA ARG A 84 -9.87 19.37 22.45
C ARG A 84 -9.64 20.32 23.63
N LYS A 85 -10.13 21.54 23.49
CA LYS A 85 -10.10 22.53 24.57
C LYS A 85 -11.29 22.31 25.52
N LEU A 86 -11.05 22.40 26.82
CA LEU A 86 -12.11 22.23 27.83
C LEU A 86 -13.16 23.36 27.74
N GLU A 87 -14.33 23.09 28.30
CA GLU A 87 -15.45 24.04 28.30
C GLU A 87 -15.23 25.16 29.34
N THR A 88 -16.30 25.88 29.66
CA THR A 88 -16.27 26.91 30.72
C THR A 88 -15.66 26.36 32.01
N ILE A 89 -14.53 26.93 32.43
CA ILE A 89 -13.81 26.44 33.62
C ILE A 89 -14.54 26.81 34.92
N VAL A 90 -14.88 25.79 35.72
CA VAL A 90 -15.53 26.00 37.02
C VAL A 90 -14.56 26.61 38.04
N GLN A 91 -15.07 26.90 39.24
CA GLN A 91 -14.23 27.43 40.33
C GLN A 91 -13.48 26.29 41.06
N MET A 1 -13.33 -58.96 -13.03
CA MET A 1 -13.95 -58.23 -14.16
C MET A 1 -14.15 -56.74 -13.83
N GLY A 2 -13.71 -55.88 -14.72
CA GLY A 2 -13.84 -54.43 -14.51
C GLY A 2 -13.06 -53.63 -15.55
N HIS A 3 -12.90 -52.33 -15.31
CA HIS A 3 -12.16 -51.47 -16.25
C HIS A 3 -11.10 -50.64 -15.52
N HIS A 4 -9.86 -50.71 -15.99
CA HIS A 4 -8.75 -49.94 -15.41
C HIS A 4 -8.67 -48.53 -16.04
N HIS A 5 -8.95 -47.51 -15.23
CA HIS A 5 -8.94 -46.12 -15.71
C HIS A 5 -7.70 -45.36 -15.19
N HIS A 6 -7.32 -44.27 -15.86
CA HIS A 6 -6.19 -43.46 -15.42
C HIS A 6 -6.24 -42.03 -16.02
N HIS A 7 -6.26 -41.02 -15.14
CA HIS A 7 -6.29 -39.61 -15.56
C HIS A 7 -5.08 -38.85 -14.98
N HIS A 8 -4.42 -38.03 -15.81
CA HIS A 8 -3.16 -37.39 -15.41
C HIS A 8 -3.03 -35.95 -15.94
N SER A 9 -2.50 -35.06 -15.10
CA SER A 9 -2.26 -33.66 -15.47
C SER A 9 -0.81 -33.26 -15.18
N HIS A 10 -0.28 -32.31 -15.95
CA HIS A 10 1.10 -31.84 -15.76
C HIS A 10 1.17 -30.62 -14.83
N MET A 11 0.68 -29.47 -15.31
CA MET A 11 0.68 -28.24 -14.51
C MET A 11 -0.59 -28.15 -13.64
N ALA A 12 -0.42 -28.21 -12.33
CA ALA A 12 -1.56 -28.19 -11.40
C ALA A 12 -1.53 -26.96 -10.48
N LYS A 13 -2.11 -25.84 -10.95
CA LYS A 13 -2.22 -24.59 -10.17
C LYS A 13 -0.85 -23.96 -9.87
N PRO A 14 -0.72 -22.62 -10.00
CA PRO A 14 0.52 -21.90 -9.66
C PRO A 14 0.73 -21.77 -8.14
N THR A 15 1.86 -21.20 -7.73
CA THR A 15 2.17 -21.01 -6.31
C THR A 15 3.05 -19.78 -6.08
N ALA A 16 2.57 -18.83 -5.29
CA ALA A 16 3.28 -17.57 -5.04
C ALA A 16 4.08 -17.59 -3.73
N ARG A 17 5.07 -16.72 -3.64
CA ARG A 17 5.91 -16.59 -2.44
C ARG A 17 5.74 -15.21 -1.79
N GLY A 18 5.56 -15.18 -0.48
CA GLY A 18 5.38 -13.92 0.23
C GLY A 18 4.41 -14.02 1.41
N GLU A 19 4.95 -14.16 2.62
CA GLU A 19 4.15 -14.20 3.84
C GLU A 19 4.26 -12.87 4.62
N ALA A 20 3.21 -12.54 5.38
CA ALA A 20 3.18 -11.27 6.12
C ALA A 20 2.38 -11.39 7.43
N GLY A 21 2.35 -10.31 8.21
CA GLY A 21 1.68 -10.34 9.51
C GLY A 21 0.49 -9.39 9.61
N SER A 22 0.70 -8.11 9.31
CA SER A 22 -0.32 -7.07 9.53
C SER A 22 -1.48 -7.15 8.52
N ARG A 23 -2.64 -6.59 8.89
CA ARG A 23 -3.82 -6.55 8.02
C ARG A 23 -3.50 -5.91 6.65
N ASP A 24 -3.00 -4.67 6.69
CA ASP A 24 -2.60 -3.94 5.47
C ASP A 24 -1.61 -4.76 4.62
N GLU A 25 -0.58 -5.29 5.27
CA GLU A 25 0.38 -6.19 4.60
C GLU A 25 -0.34 -7.33 3.84
N ARG A 26 -1.30 -7.98 4.51
CA ARG A 26 -2.08 -9.06 3.90
C ARG A 26 -2.92 -8.58 2.71
N ARG A 27 -3.43 -7.34 2.80
CA ARG A 27 -4.22 -6.75 1.72
C ARG A 27 -3.34 -6.38 0.53
N ALA A 28 -2.13 -5.90 0.82
CA ALA A 28 -1.17 -5.49 -0.22
C ALA A 28 -0.82 -6.65 -1.16
N LEU A 29 -0.31 -7.74 -0.59
CA LEU A 29 0.07 -8.91 -1.38
C LEU A 29 -1.14 -9.58 -2.06
N ALA A 30 -2.32 -9.40 -1.48
CA ALA A 30 -3.57 -9.92 -2.06
C ALA A 30 -3.96 -9.14 -3.34
N MET A 31 -3.83 -7.81 -3.28
CA MET A 31 -4.15 -6.95 -4.42
C MET A 31 -2.95 -6.76 -5.35
N LYS A 32 -1.92 -7.61 -5.18
CA LYS A 32 -0.74 -7.63 -6.06
C LYS A 32 0.03 -6.29 -6.03
N ILE A 33 0.41 -5.86 -4.84
CA ILE A 33 1.25 -4.66 -4.69
C ILE A 33 2.74 -5.06 -4.63
N PRO A 34 3.54 -4.69 -5.66
CA PRO A 34 4.95 -5.12 -5.77
C PRO A 34 5.92 -4.36 -4.85
N PHE A 35 5.46 -3.26 -4.26
CA PHE A 35 6.32 -2.42 -3.39
C PHE A 35 5.83 -2.44 -1.93
N PRO A 36 6.78 -2.41 -0.96
CA PRO A 36 6.48 -2.54 0.47
C PRO A 36 5.65 -1.36 1.06
N THR A 37 4.81 -1.68 2.04
CA THR A 37 3.94 -0.68 2.68
C THR A 37 4.75 0.40 3.43
N ASP A 38 5.89 0.00 3.99
CA ASP A 38 6.79 0.94 4.67
C ASP A 38 7.21 2.09 3.76
N LYS A 39 7.39 1.79 2.47
CA LYS A 39 7.71 2.82 1.48
C LYS A 39 6.49 3.73 1.24
N ILE A 40 5.31 3.12 1.16
CA ILE A 40 4.05 3.85 0.97
C ILE A 40 3.84 4.92 2.06
N VAL A 41 4.02 4.52 3.32
CA VAL A 41 3.78 5.40 4.47
C VAL A 41 4.80 6.55 4.57
N ASN A 42 6.05 6.27 4.21
CA ASN A 42 7.16 7.21 4.42
C ASN A 42 7.36 8.19 3.25
N LEU A 43 6.58 8.05 2.18
CA LEU A 43 6.62 9.01 1.07
C LEU A 43 5.64 10.17 1.29
N PRO A 44 6.05 11.43 1.01
CA PRO A 44 5.17 12.60 1.10
C PRO A 44 4.15 12.64 -0.05
N VAL A 45 3.17 13.56 0.04
CA VAL A 45 2.09 13.63 -0.96
C VAL A 45 2.62 13.63 -2.41
N ASP A 46 3.64 14.45 -2.69
CA ASP A 46 4.20 14.56 -4.04
C ASP A 46 4.80 13.23 -4.53
N ASP A 47 5.84 12.75 -3.83
CA ASP A 47 6.49 11.48 -4.19
C ASP A 47 5.49 10.31 -4.21
N PHE A 48 4.51 10.36 -3.32
CA PHE A 48 3.45 9.34 -3.25
C PHE A 48 2.62 9.30 -4.55
N ASN A 49 2.12 10.45 -4.97
CA ASN A 49 1.33 10.54 -6.21
C ASN A 49 2.16 10.13 -7.43
N GLU A 50 3.47 10.35 -7.35
CA GLU A 50 4.39 9.91 -8.40
C GLU A 50 4.57 8.38 -8.35
N LEU A 51 4.68 7.83 -7.15
CA LEU A 51 4.80 6.37 -6.95
C LEU A 51 3.68 5.63 -7.68
N LEU A 52 2.44 6.09 -7.49
CA LEU A 52 1.27 5.51 -8.14
C LEU A 52 1.41 5.52 -9.67
N ALA A 53 1.99 6.58 -10.21
CA ALA A 53 2.15 6.75 -11.66
C ALA A 53 3.31 5.92 -12.23
N ARG A 54 4.23 5.48 -11.36
CA ARG A 54 5.42 4.72 -11.79
C ARG A 54 5.16 3.21 -11.83
N TYR A 55 3.96 2.78 -11.40
CA TYR A 55 3.61 1.36 -11.39
C TYR A 55 2.24 1.13 -12.06
N PRO A 56 2.12 0.06 -12.89
CA PRO A 56 0.86 -0.29 -13.57
C PRO A 56 -0.20 -0.83 -12.59
N LEU A 57 -0.78 0.07 -11.80
CA LEU A 57 -1.79 -0.29 -10.80
C LEU A 57 -3.21 0.07 -11.28
N THR A 58 -4.20 -0.71 -10.84
CA THR A 58 -5.62 -0.43 -11.12
C THR A 58 -6.18 0.55 -10.09
N GLU A 59 -7.26 1.25 -10.45
CA GLU A 59 -7.89 2.23 -9.53
C GLU A 59 -8.13 1.63 -8.13
N SER A 60 -8.49 0.35 -8.10
CA SER A 60 -8.66 -0.39 -6.85
C SER A 60 -7.34 -0.49 -6.07
N GLN A 61 -6.24 -0.77 -6.78
CA GLN A 61 -4.91 -0.85 -6.16
C GLN A 61 -4.47 0.51 -5.62
N LEU A 62 -4.64 1.58 -6.42
CA LEU A 62 -4.32 2.94 -5.94
C LEU A 62 -5.13 3.29 -4.69
N ALA A 63 -6.38 2.81 -4.63
CA ALA A 63 -7.22 2.98 -3.44
C ALA A 63 -6.59 2.32 -2.21
N LEU A 64 -6.13 1.07 -2.38
CA LEU A 64 -5.46 0.35 -1.30
C LEU A 64 -4.19 1.05 -0.82
N VAL A 65 -3.34 1.45 -1.76
CA VAL A 65 -2.10 2.17 -1.44
C VAL A 65 -2.39 3.45 -0.63
N ARG A 66 -3.43 4.17 -1.03
CA ARG A 66 -3.88 5.36 -0.29
C ARG A 66 -4.45 4.99 1.10
N ASP A 67 -5.15 3.86 1.18
CA ASP A 67 -5.68 3.36 2.45
C ASP A 67 -4.54 3.05 3.44
N ILE A 68 -3.54 2.31 2.97
CA ILE A 68 -2.38 1.96 3.78
C ILE A 68 -1.62 3.21 4.24
N ARG A 69 -1.45 4.17 3.33
CA ARG A 69 -0.81 5.45 3.65
C ARG A 69 -1.66 6.25 4.65
N ARG A 70 -2.99 6.21 4.47
CA ARG A 70 -3.92 6.89 5.36
C ARG A 70 -3.77 6.40 6.82
N ARG A 71 -4.02 5.11 7.03
CA ARG A 71 -3.89 4.51 8.37
C ARG A 71 -2.44 4.52 8.87
N GLY A 72 -1.49 4.29 7.96
CA GLY A 72 -0.07 4.29 8.31
C GLY A 72 0.40 5.63 8.83
N LYS A 73 0.10 6.71 8.11
CA LYS A 73 0.47 8.06 8.55
C LYS A 73 -0.31 8.46 9.81
N ASN A 74 -1.57 8.00 9.89
CA ASN A 74 -2.39 8.22 11.09
C ASN A 74 -1.76 7.56 12.32
N LYS A 75 -1.11 6.41 12.10
CA LYS A 75 -0.37 5.72 13.17
C LYS A 75 0.74 6.60 13.74
N VAL A 76 1.40 7.36 12.87
CA VAL A 76 2.44 8.31 13.28
C VAL A 76 1.83 9.58 13.91
N ALA A 77 0.80 10.11 13.24
CA ALA A 77 0.11 11.33 13.71
C ALA A 77 -0.52 11.15 15.10
N ALA A 78 -0.91 9.92 15.41
CA ALA A 78 -1.54 9.60 16.70
C ALA A 78 -0.66 10.05 17.90
N GLN A 79 0.65 10.03 17.72
CA GLN A 79 1.58 10.41 18.80
C GLN A 79 1.66 11.94 18.97
N ASN A 80 1.31 12.68 17.91
CA ASN A 80 1.24 14.15 17.96
C ASN A 80 -0.21 14.61 17.75
N TYR A 81 -1.15 13.72 18.06
CA TYR A 81 -2.58 13.96 17.84
C TYR A 81 -3.10 15.20 18.57
N ARG A 82 -2.63 15.43 19.79
CA ARG A 82 -3.11 16.55 20.60
C ARG A 82 -2.88 17.90 19.89
N LYS A 83 -3.91 18.40 19.24
CA LYS A 83 -3.84 19.68 18.51
C LYS A 83 -4.69 20.74 19.22
N ARG A 84 -4.04 21.74 19.83
CA ARG A 84 -4.76 22.81 20.52
C ARG A 84 -5.47 23.73 19.50
N LYS A 85 -6.72 24.08 19.79
CA LYS A 85 -7.49 25.00 18.94
C LYS A 85 -7.16 26.46 19.27
N LEU A 86 -7.73 27.39 18.52
CA LEU A 86 -7.52 28.82 18.74
C LEU A 86 -8.18 29.30 20.05
N GLU A 87 -7.67 30.39 20.62
CA GLU A 87 -8.27 30.99 21.80
C GLU A 87 -9.57 31.72 21.43
N THR A 88 -10.60 31.61 22.26
CA THR A 88 -11.91 32.18 21.95
C THR A 88 -12.84 32.24 23.17
N ILE A 89 -13.92 33.00 23.06
CA ILE A 89 -14.89 33.16 24.15
C ILE A 89 -16.33 32.98 23.63
N VAL A 90 -17.30 33.08 24.52
CA VAL A 90 -18.72 33.07 24.13
C VAL A 90 -19.42 34.37 24.58
N GLN A 91 -20.35 34.85 23.75
CA GLN A 91 -21.03 36.15 23.97
C GLN A 91 -20.05 37.34 23.77
N MET A 1 7.09 30.03 -11.88
CA MET A 1 7.61 28.70 -12.28
C MET A 1 6.70 27.57 -11.78
N GLY A 2 6.44 26.58 -12.64
CA GLY A 2 5.54 25.48 -12.29
C GLY A 2 4.46 25.27 -13.36
N HIS A 3 3.22 25.01 -12.92
CA HIS A 3 2.10 24.83 -13.86
C HIS A 3 2.35 23.64 -14.81
N HIS A 4 3.22 22.73 -14.39
CA HIS A 4 3.66 21.62 -15.24
C HIS A 4 3.44 20.26 -14.54
N HIS A 5 2.88 19.30 -15.26
CA HIS A 5 2.54 17.99 -14.67
C HIS A 5 3.02 16.81 -15.55
N HIS A 6 3.74 15.87 -14.94
CA HIS A 6 4.22 14.67 -15.64
C HIS A 6 3.16 13.55 -15.61
N HIS A 7 3.28 12.59 -16.54
CA HIS A 7 2.36 11.44 -16.58
C HIS A 7 3.04 10.23 -17.27
N HIS A 8 4.34 10.09 -17.05
CA HIS A 8 5.11 8.99 -17.66
C HIS A 8 4.88 7.66 -16.92
N SER A 9 3.83 6.95 -17.33
CA SER A 9 3.49 5.64 -16.74
C SER A 9 4.06 4.49 -17.58
N HIS A 10 4.23 3.32 -16.97
CA HIS A 10 4.75 2.15 -17.67
C HIS A 10 4.29 0.84 -17.00
N MET A 11 3.78 -0.10 -17.78
CA MET A 11 3.32 -1.39 -17.26
C MET A 11 4.49 -2.31 -16.89
N ALA A 12 4.31 -3.07 -15.81
CA ALA A 12 5.32 -4.00 -15.31
C ALA A 12 4.67 -5.05 -14.39
N LYS A 13 5.49 -5.90 -13.79
CA LYS A 13 4.97 -6.95 -12.88
C LYS A 13 5.62 -6.87 -11.49
N PRO A 14 4.86 -7.17 -10.41
CA PRO A 14 5.37 -7.11 -9.03
C PRO A 14 6.61 -8.01 -8.80
N THR A 15 7.74 -7.37 -8.55
CA THR A 15 8.99 -8.08 -8.23
C THR A 15 8.96 -8.67 -6.80
N ALA A 16 8.24 -7.99 -5.91
CA ALA A 16 8.01 -8.48 -4.55
C ALA A 16 6.68 -9.25 -4.48
N ARG A 17 6.58 -10.21 -3.56
CA ARG A 17 5.37 -11.05 -3.43
C ARG A 17 4.55 -10.68 -2.18
N GLY A 18 5.26 -10.39 -1.08
CA GLY A 18 4.62 -10.14 0.20
C GLY A 18 4.95 -11.23 1.22
N GLU A 19 5.28 -10.83 2.44
CA GLU A 19 5.65 -11.78 3.49
C GLU A 19 4.40 -12.39 4.16
N ALA A 20 3.26 -11.71 4.00
CA ALA A 20 1.96 -12.21 4.48
C ALA A 20 1.90 -12.32 6.01
N GLY A 21 2.75 -11.56 6.69
CA GLY A 21 2.75 -11.57 8.16
C GLY A 21 1.80 -10.53 8.75
N SER A 22 1.95 -9.29 8.31
CA SER A 22 1.11 -8.19 8.81
C SER A 22 -0.27 -8.16 8.14
N ARG A 23 -1.28 -7.74 8.90
CA ARG A 23 -2.66 -7.65 8.43
C ARG A 23 -2.79 -6.90 7.10
N ASP A 24 -2.00 -5.83 6.95
CA ASP A 24 -2.01 -5.01 5.72
C ASP A 24 -1.56 -5.81 4.49
N GLU A 25 -0.48 -6.60 4.64
CA GLU A 25 0.05 -7.40 3.54
C GLU A 25 -1.03 -8.27 2.87
N ARG A 26 -1.88 -8.90 3.68
CA ARG A 26 -2.94 -9.76 3.15
C ARG A 26 -3.80 -9.05 2.10
N ARG A 27 -3.91 -7.73 2.21
CA ARG A 27 -4.61 -6.91 1.20
C ARG A 27 -3.67 -6.54 0.05
N ALA A 28 -2.44 -6.16 0.39
CA ALA A 28 -1.43 -5.76 -0.59
C ALA A 28 -1.18 -6.87 -1.62
N LEU A 29 -0.86 -8.08 -1.16
CA LEU A 29 -0.59 -9.22 -2.04
C LEU A 29 -1.87 -9.69 -2.76
N ALA A 30 -3.03 -9.51 -2.12
CA ALA A 30 -4.32 -9.85 -2.73
C ALA A 30 -4.59 -9.00 -3.99
N MET A 31 -4.11 -7.76 -3.96
CA MET A 31 -4.23 -6.85 -5.12
C MET A 31 -2.94 -6.81 -5.95
N LYS A 32 -1.84 -7.34 -5.36
CA LYS A 32 -0.52 -7.37 -6.00
C LYS A 32 0.12 -5.97 -6.07
N ILE A 33 0.86 -5.61 -5.03
CA ILE A 33 1.56 -4.32 -4.94
C ILE A 33 3.08 -4.50 -5.13
N PRO A 34 3.67 -3.89 -6.19
CA PRO A 34 5.10 -4.07 -6.51
C PRO A 34 6.07 -3.25 -5.65
N PHE A 35 5.61 -2.79 -4.48
CA PHE A 35 6.47 -2.00 -3.58
C PHE A 35 6.07 -2.22 -2.10
N PRO A 36 7.07 -2.19 -1.18
CA PRO A 36 6.83 -2.45 0.26
C PRO A 36 5.89 -1.44 0.93
N THR A 37 5.18 -1.91 1.96
CA THR A 37 4.17 -1.10 2.67
C THR A 37 4.78 0.13 3.36
N ASP A 38 6.00 0.00 3.88
CA ASP A 38 6.69 1.11 4.54
C ASP A 38 6.90 2.30 3.59
N LYS A 39 7.32 1.99 2.36
CA LYS A 39 7.54 3.01 1.32
C LYS A 39 6.30 3.91 1.15
N ILE A 40 5.13 3.29 1.18
CA ILE A 40 3.84 3.98 1.00
C ILE A 40 3.69 5.19 1.94
N VAL A 41 4.08 5.02 3.21
CA VAL A 41 3.90 6.08 4.22
C VAL A 41 5.10 7.05 4.27
N ASN A 42 6.30 6.53 4.06
CA ASN A 42 7.53 7.33 4.23
C ASN A 42 7.84 8.25 3.03
N LEU A 43 7.33 7.92 1.84
CA LEU A 43 7.54 8.78 0.66
C LEU A 43 6.83 10.14 0.80
N PRO A 44 7.45 11.23 0.31
CA PRO A 44 6.81 12.56 0.30
C PRO A 44 5.54 12.58 -0.57
N VAL A 45 4.66 13.55 -0.34
CA VAL A 45 3.33 13.57 -0.99
C VAL A 45 3.43 13.54 -2.53
N ASP A 46 4.31 14.34 -3.13
CA ASP A 46 4.51 14.34 -4.58
C ASP A 46 4.91 12.95 -5.09
N ASP A 47 5.99 12.41 -4.54
CA ASP A 47 6.49 11.08 -4.92
C ASP A 47 5.47 9.98 -4.60
N PHE A 48 4.59 10.23 -3.62
CA PHE A 48 3.50 9.30 -3.30
C PHE A 48 2.46 9.25 -4.44
N ASN A 49 2.00 10.42 -4.87
CA ASN A 49 1.08 10.51 -6.01
C ASN A 49 1.75 9.96 -7.28
N GLU A 50 3.03 10.24 -7.44
CA GLU A 50 3.81 9.72 -8.58
C GLU A 50 4.11 8.23 -8.42
N LEU A 51 4.16 7.75 -7.18
CA LEU A 51 4.37 6.32 -6.90
C LEU A 51 3.36 5.46 -7.66
N LEU A 52 2.11 5.92 -7.67
CA LEU A 52 1.01 5.22 -8.35
C LEU A 52 1.12 5.34 -9.88
N ALA A 53 1.89 6.31 -10.36
CA ALA A 53 2.16 6.48 -11.80
C ALA A 53 3.42 5.70 -12.24
N ARG A 54 4.41 5.64 -11.35
CA ARG A 54 5.68 4.95 -11.61
C ARG A 54 5.49 3.42 -11.56
N TYR A 55 4.60 2.96 -10.69
CA TYR A 55 4.27 1.54 -10.56
C TYR A 55 2.84 1.28 -11.07
N PRO A 56 2.66 0.30 -11.99
CA PRO A 56 1.36 0.01 -12.61
C PRO A 56 0.33 -0.58 -11.62
N LEU A 57 -0.68 0.22 -11.26
CA LEU A 57 -1.74 -0.22 -10.35
C LEU A 57 -3.14 0.08 -10.92
N THR A 58 -4.12 -0.76 -10.57
CA THR A 58 -5.52 -0.52 -10.93
C THR A 58 -6.19 0.38 -9.89
N GLU A 59 -7.31 1.02 -10.28
CA GLU A 59 -7.98 2.02 -9.41
C GLU A 59 -8.08 1.58 -7.94
N SER A 60 -8.58 0.36 -7.70
CA SER A 60 -8.72 -0.16 -6.33
C SER A 60 -7.37 -0.30 -5.63
N GLN A 61 -6.31 -0.59 -6.40
CA GLN A 61 -4.96 -0.68 -5.84
C GLN A 61 -4.47 0.70 -5.38
N LEU A 62 -4.76 1.74 -6.17
CA LEU A 62 -4.44 3.13 -5.77
C LEU A 62 -5.19 3.49 -4.47
N ALA A 63 -6.46 3.11 -4.41
CA ALA A 63 -7.28 3.31 -3.21
C ALA A 63 -6.70 2.55 -2.01
N LEU A 64 -6.23 1.31 -2.26
CA LEU A 64 -5.60 0.49 -1.23
C LEU A 64 -4.31 1.15 -0.69
N VAL A 65 -3.43 1.56 -1.59
CA VAL A 65 -2.19 2.25 -1.21
C VAL A 65 -2.48 3.51 -0.38
N ARG A 66 -3.46 4.30 -0.83
CA ARG A 66 -3.89 5.48 -0.09
C ARG A 66 -4.53 5.11 1.26
N ASP A 67 -5.10 3.92 1.34
CA ASP A 67 -5.70 3.42 2.58
C ASP A 67 -4.61 2.98 3.58
N ILE A 68 -3.61 2.24 3.07
CA ILE A 68 -2.47 1.83 3.88
C ILE A 68 -1.76 3.04 4.49
N ARG A 69 -1.55 4.08 3.67
CA ARG A 69 -1.00 5.35 4.18
C ARG A 69 -1.92 5.96 5.24
N ARG A 70 -3.23 5.83 5.05
CA ARG A 70 -4.21 6.32 6.03
C ARG A 70 -4.04 5.62 7.39
N ARG A 71 -3.98 4.30 7.37
CA ARG A 71 -3.85 3.50 8.60
C ARG A 71 -2.47 3.72 9.25
N GLY A 72 -1.43 3.81 8.43
CA GLY A 72 -0.08 4.09 8.94
C GLY A 72 0.07 5.50 9.49
N LYS A 73 -0.56 6.47 8.83
CA LYS A 73 -0.54 7.86 9.27
C LYS A 73 -1.22 8.01 10.64
N ASN A 74 -2.20 7.15 10.91
CA ASN A 74 -2.90 7.15 12.21
C ASN A 74 -1.91 6.93 13.36
N LYS A 75 -0.87 6.13 13.09
CA LYS A 75 0.22 5.90 14.05
C LYS A 75 0.99 7.19 14.36
N VAL A 76 1.33 7.94 13.30
CA VAL A 76 2.09 9.19 13.44
C VAL A 76 1.23 10.33 14.02
N ALA A 77 -0.01 10.43 13.55
CA ALA A 77 -0.93 11.48 13.98
C ALA A 77 -1.24 11.41 15.48
N ALA A 78 -1.10 10.22 16.06
CA ALA A 78 -1.41 9.99 17.48
C ALA A 78 -0.66 10.98 18.41
N GLN A 79 0.42 11.57 17.92
CA GLN A 79 1.20 12.54 18.72
C GLN A 79 0.99 13.99 18.25
N ASN A 80 1.05 14.23 16.94
CA ASN A 80 1.02 15.60 16.40
C ASN A 80 -0.37 16.02 15.92
N TYR A 81 -1.40 15.25 16.27
CA TYR A 81 -2.79 15.59 15.93
C TYR A 81 -3.23 16.91 16.57
N ARG A 82 -2.51 17.34 17.62
CA ARG A 82 -2.83 18.59 18.32
C ARG A 82 -2.38 19.81 17.49
N LYS A 83 -3.03 20.02 16.35
CA LYS A 83 -2.68 21.12 15.44
C LYS A 83 -3.53 22.37 15.71
N ARG A 84 -2.90 23.54 15.69
CA ARG A 84 -3.60 24.82 15.92
C ARG A 84 -4.35 25.30 14.67
N LYS A 85 -5.11 26.40 14.83
CA LYS A 85 -5.87 27.01 13.73
C LYS A 85 -6.99 26.07 13.23
N LEU A 86 -8.05 25.94 14.04
CA LEU A 86 -9.20 25.12 13.67
C LEU A 86 -10.41 26.01 13.37
N GLU A 87 -11.55 25.39 13.01
CA GLU A 87 -12.79 26.13 12.83
C GLU A 87 -13.40 26.51 14.19
N THR A 88 -13.42 27.80 14.50
CA THR A 88 -13.88 28.28 15.81
C THR A 88 -15.34 27.89 16.09
N ILE A 89 -15.53 26.98 17.06
CA ILE A 89 -16.87 26.59 17.50
C ILE A 89 -17.66 27.81 18.03
N VAL A 90 -18.91 27.95 17.59
CA VAL A 90 -19.73 29.12 17.94
C VAL A 90 -20.76 28.78 19.02
N GLN A 91 -21.14 29.78 19.84
CA GLN A 91 -22.01 29.57 21.01
C GLN A 91 -21.32 28.72 22.09
N MET A 1 11.43 -40.06 -34.91
CA MET A 1 10.80 -41.34 -34.49
C MET A 1 10.43 -41.31 -33.00
N GLY A 2 9.53 -42.21 -32.58
CA GLY A 2 9.09 -42.25 -31.19
C GLY A 2 8.18 -41.09 -30.81
N HIS A 3 8.72 -39.87 -30.80
CA HIS A 3 7.98 -38.67 -30.43
C HIS A 3 6.99 -38.27 -31.55
N HIS A 4 5.81 -38.87 -31.52
CA HIS A 4 4.80 -38.64 -32.57
C HIS A 4 4.04 -37.33 -32.37
N HIS A 5 3.85 -36.93 -31.11
CA HIS A 5 3.18 -35.66 -30.81
C HIS A 5 3.74 -35.04 -29.51
N HIS A 6 3.96 -33.73 -29.51
CA HIS A 6 4.54 -33.05 -28.34
C HIS A 6 3.93 -31.65 -28.15
N HIS A 7 3.68 -31.26 -26.89
CA HIS A 7 3.12 -29.94 -26.58
C HIS A 7 4.16 -28.82 -26.81
N HIS A 8 3.66 -27.63 -27.16
CA HIS A 8 4.53 -26.48 -27.45
C HIS A 8 5.07 -25.83 -26.17
N SER A 9 5.89 -24.80 -26.32
CA SER A 9 6.50 -24.12 -25.16
C SER A 9 6.64 -22.60 -25.38
N HIS A 10 6.18 -21.80 -24.40
CA HIS A 10 6.31 -20.34 -24.45
C HIS A 10 6.62 -19.78 -23.06
N MET A 11 7.21 -18.58 -23.03
CA MET A 11 7.64 -17.95 -21.76
C MET A 11 6.46 -17.69 -20.81
N ALA A 12 6.77 -17.69 -19.51
CA ALA A 12 5.78 -17.39 -18.46
C ALA A 12 6.47 -16.76 -17.23
N LYS A 13 6.28 -15.46 -17.05
CA LYS A 13 6.91 -14.73 -15.95
C LYS A 13 6.20 -15.00 -14.59
N PRO A 14 6.88 -15.68 -13.66
CA PRO A 14 6.33 -16.00 -12.33
C PRO A 14 6.69 -14.96 -11.25
N THR A 15 5.73 -14.67 -10.37
CA THR A 15 5.97 -13.77 -9.23
C THR A 15 6.02 -14.56 -7.92
N ALA A 16 7.23 -14.88 -7.46
CA ALA A 16 7.43 -15.75 -6.29
C ALA A 16 7.68 -14.95 -5.00
N ARG A 17 7.07 -13.77 -4.88
CA ARG A 17 7.19 -12.93 -3.68
C ARG A 17 5.82 -12.37 -3.25
N GLY A 18 5.82 -11.60 -2.17
CA GLY A 18 4.58 -11.12 -1.58
C GLY A 18 4.23 -11.89 -0.32
N GLU A 19 5.15 -11.90 0.63
CA GLU A 19 5.03 -12.71 1.86
C GLU A 19 5.06 -11.82 3.11
N ALA A 20 4.10 -12.02 4.02
CA ALA A 20 4.00 -11.19 5.24
C ALA A 20 2.95 -11.72 6.21
N GLY A 21 2.70 -10.97 7.30
CA GLY A 21 1.77 -11.43 8.34
C GLY A 21 0.62 -10.45 8.65
N SER A 22 0.96 -9.18 8.91
CA SER A 22 -0.04 -8.19 9.35
C SER A 22 -1.18 -8.00 8.34
N ARG A 23 -2.34 -7.56 8.84
CA ARG A 23 -3.53 -7.33 8.00
C ARG A 23 -3.20 -6.53 6.73
N ASP A 24 -2.71 -5.30 6.90
CA ASP A 24 -2.42 -4.42 5.77
C ASP A 24 -1.35 -5.00 4.83
N GLU A 25 -0.40 -5.74 5.40
CA GLU A 25 0.56 -6.50 4.60
C GLU A 25 -0.17 -7.48 3.67
N ARG A 26 -1.11 -8.25 4.25
CA ARG A 26 -1.89 -9.23 3.50
C ARG A 26 -2.81 -8.56 2.46
N ARG A 27 -3.29 -7.36 2.79
CA ARG A 27 -4.08 -6.55 1.84
C ARG A 27 -3.24 -6.24 0.59
N ALA A 28 -1.99 -5.84 0.82
CA ALA A 28 -1.05 -5.53 -0.26
C ALA A 28 -0.77 -6.75 -1.14
N LEU A 29 -0.28 -7.84 -0.54
CA LEU A 29 0.10 -9.04 -1.30
C LEU A 29 -1.10 -9.70 -1.99
N ALA A 30 -2.29 -9.61 -1.38
CA ALA A 30 -3.52 -10.12 -1.99
C ALA A 30 -3.85 -9.35 -3.29
N MET A 31 -3.75 -8.04 -3.22
CA MET A 31 -3.93 -7.19 -4.40
C MET A 31 -2.65 -7.13 -5.25
N LYS A 32 -1.61 -7.84 -4.80
CA LYS A 32 -0.37 -8.01 -5.58
C LYS A 32 0.38 -6.68 -5.77
N ILE A 33 0.40 -5.85 -4.73
CA ILE A 33 1.15 -4.58 -4.74
C ILE A 33 2.68 -4.84 -4.76
N PRO A 34 3.38 -4.39 -5.81
CA PRO A 34 4.81 -4.68 -6.02
C PRO A 34 5.78 -3.72 -5.30
N PHE A 35 5.33 -3.07 -4.22
CA PHE A 35 6.21 -2.18 -3.44
C PHE A 35 5.81 -2.17 -1.94
N PRO A 36 6.79 -1.92 -1.03
CA PRO A 36 6.58 -2.04 0.44
C PRO A 36 5.63 -0.97 1.03
N THR A 37 4.85 -1.38 2.04
CA THR A 37 3.85 -0.50 2.68
C THR A 37 4.49 0.62 3.50
N ASP A 38 5.52 0.28 4.28
CA ASP A 38 6.21 1.27 5.11
C ASP A 38 6.64 2.50 4.30
N LYS A 39 7.21 2.27 3.11
CA LYS A 39 7.55 3.36 2.20
C LYS A 39 6.32 4.22 1.86
N ILE A 40 5.23 3.56 1.49
CA ILE A 40 3.96 4.24 1.17
C ILE A 40 3.58 5.26 2.26
N VAL A 41 3.64 4.82 3.51
CA VAL A 41 3.32 5.68 4.66
C VAL A 41 4.35 6.81 4.85
N ASN A 42 5.61 6.50 4.61
CA ASN A 42 6.72 7.42 4.90
C ASN A 42 7.13 8.27 3.69
N LEU A 43 6.43 8.12 2.56
CA LEU A 43 6.66 8.96 1.38
C LEU A 43 5.97 10.33 1.51
N PRO A 44 6.64 11.41 1.05
CA PRO A 44 6.01 12.73 0.93
C PRO A 44 4.95 12.76 -0.18
N VAL A 45 4.03 13.71 -0.13
CA VAL A 45 2.94 13.79 -1.11
C VAL A 45 3.49 13.87 -2.55
N ASP A 46 4.64 14.52 -2.72
CA ASP A 46 5.26 14.72 -4.04
C ASP A 46 5.66 13.39 -4.71
N ASP A 47 6.60 12.67 -4.07
CA ASP A 47 7.09 11.40 -4.61
C ASP A 47 6.00 10.30 -4.58
N PHE A 48 5.10 10.38 -3.62
CA PHE A 48 4.01 9.40 -3.49
C PHE A 48 3.09 9.42 -4.72
N ASN A 49 2.57 10.60 -5.07
CA ASN A 49 1.67 10.73 -6.23
C ASN A 49 2.35 10.26 -7.51
N GLU A 50 3.66 10.45 -7.60
CA GLU A 50 4.43 10.00 -8.78
C GLU A 50 4.61 8.47 -8.77
N LEU A 51 4.85 7.90 -7.59
CA LEU A 51 5.00 6.45 -7.44
C LEU A 51 3.81 5.70 -8.06
N LEU A 52 2.59 6.16 -7.74
CA LEU A 52 1.36 5.56 -8.26
C LEU A 52 1.35 5.49 -9.80
N ALA A 53 1.71 6.61 -10.44
CA ALA A 53 1.70 6.70 -11.90
C ALA A 53 2.85 5.92 -12.55
N ARG A 54 3.85 5.55 -11.75
CA ARG A 54 5.02 4.80 -12.25
C ARG A 54 4.75 3.29 -12.32
N TYR A 55 3.64 2.84 -11.73
CA TYR A 55 3.29 1.41 -11.71
C TYR A 55 1.95 1.14 -12.42
N PRO A 56 1.77 -0.07 -12.98
CA PRO A 56 0.52 -0.45 -13.69
C PRO A 56 -0.63 -0.79 -12.73
N LEU A 57 -0.86 0.07 -11.73
CA LEU A 57 -1.88 -0.15 -10.70
C LEU A 57 -3.30 0.14 -11.24
N THR A 58 -4.28 -0.57 -10.70
CA THR A 58 -5.69 -0.36 -11.07
C THR A 58 -6.35 0.67 -10.15
N GLU A 59 -7.48 1.23 -10.58
CA GLU A 59 -8.23 2.21 -9.77
C GLU A 59 -8.54 1.66 -8.37
N SER A 60 -8.56 0.34 -8.22
CA SER A 60 -8.73 -0.30 -6.91
C SER A 60 -7.40 -0.32 -6.14
N GLN A 61 -6.31 -0.56 -6.85
CA GLN A 61 -4.98 -0.63 -6.23
C GLN A 61 -4.50 0.75 -5.73
N LEU A 62 -4.69 1.81 -6.53
CA LEU A 62 -4.35 3.18 -6.07
C LEU A 62 -5.12 3.54 -4.80
N ALA A 63 -6.35 3.04 -4.69
CA ALA A 63 -7.16 3.22 -3.48
C ALA A 63 -6.54 2.50 -2.28
N LEU A 64 -6.18 1.23 -2.47
CA LEU A 64 -5.55 0.44 -1.41
C LEU A 64 -4.24 1.09 -0.92
N VAL A 65 -3.40 1.52 -1.85
CA VAL A 65 -2.13 2.17 -1.51
C VAL A 65 -2.36 3.41 -0.62
N ARG A 66 -3.31 4.25 -1.02
CA ARG A 66 -3.66 5.44 -0.23
C ARG A 66 -4.41 5.08 1.06
N ASP A 67 -5.08 3.91 1.05
CA ASP A 67 -5.77 3.40 2.23
C ASP A 67 -4.77 2.98 3.30
N ILE A 68 -3.88 2.05 2.94
CA ILE A 68 -2.82 1.58 3.85
C ILE A 68 -1.96 2.74 4.34
N ARG A 69 -1.71 3.72 3.48
CA ARG A 69 -0.98 4.93 3.87
C ARG A 69 -1.72 5.66 5.00
N ARG A 70 -3.04 5.74 4.89
CA ARG A 70 -3.89 6.32 5.95
C ARG A 70 -3.81 5.44 7.22
N ARG A 71 -3.97 4.13 7.03
CA ARG A 71 -3.86 3.14 8.11
C ARG A 71 -2.58 3.34 8.94
N GLY A 72 -1.51 3.76 8.28
CA GLY A 72 -0.24 4.01 8.98
C GLY A 72 -0.14 5.43 9.55
N LYS A 73 -0.45 6.43 8.73
CA LYS A 73 -0.32 7.84 9.16
C LYS A 73 -1.31 8.18 10.29
N ASN A 74 -2.38 7.39 10.42
CA ASN A 74 -3.29 7.50 11.57
C ASN A 74 -2.53 7.23 12.89
N LYS A 75 -1.62 6.27 12.84
CA LYS A 75 -0.76 5.95 14.00
C LYS A 75 0.26 7.08 14.25
N VAL A 76 0.86 7.57 13.17
CA VAL A 76 1.83 8.67 13.25
C VAL A 76 1.19 9.96 13.81
N ALA A 77 -0.01 10.27 13.32
CA ALA A 77 -0.73 11.49 13.72
C ALA A 77 -1.11 11.48 15.21
N ALA A 78 -1.23 10.30 15.79
CA ALA A 78 -1.49 10.17 17.23
C ALA A 78 -0.27 10.59 18.05
N GLN A 79 0.92 10.28 17.52
CA GLN A 79 2.18 10.67 18.15
C GLN A 79 2.49 12.16 17.91
N ASN A 80 2.52 12.55 16.63
CA ASN A 80 2.82 13.94 16.25
C ASN A 80 1.55 14.69 15.81
N TYR A 81 0.84 15.27 16.77
CA TYR A 81 -0.36 16.05 16.49
C TYR A 81 -0.24 17.48 17.03
N ARG A 82 -0.63 18.45 16.21
CA ARG A 82 -0.58 19.86 16.61
C ARG A 82 -1.46 20.74 15.70
N LYS A 83 -2.25 21.62 16.29
CA LYS A 83 -3.11 22.53 15.53
C LYS A 83 -2.39 23.86 15.25
N ARG A 84 -2.54 24.37 14.02
CA ARG A 84 -1.94 25.65 13.63
C ARG A 84 -2.65 26.25 12.40
N LYS A 85 -2.80 27.57 12.40
CA LYS A 85 -3.38 28.28 11.25
C LYS A 85 -2.38 28.34 10.09
N LEU A 86 -2.78 27.82 8.93
CA LEU A 86 -1.90 27.79 7.76
C LEU A 86 -1.59 29.20 7.24
N GLU A 87 -0.35 29.64 7.48
CA GLU A 87 0.08 30.99 7.10
C GLU A 87 -0.05 31.24 5.59
N THR A 88 -0.85 32.22 5.22
CA THR A 88 -0.99 32.60 3.80
C THR A 88 0.09 33.62 3.41
N ILE A 89 1.23 33.12 2.91
CA ILE A 89 2.35 33.98 2.53
C ILE A 89 2.03 34.80 1.27
N VAL A 90 1.78 34.11 0.16
CA VAL A 90 1.41 34.77 -1.11
C VAL A 90 -0.10 35.00 -1.20
N GLN A 91 -0.50 36.13 -1.79
CA GLN A 91 -1.92 36.50 -1.91
C GLN A 91 -2.64 35.70 -3.01
N MET A 1 7.78 2.38 -47.52
CA MET A 1 9.18 2.58 -47.04
C MET A 1 9.21 2.82 -45.51
N GLY A 2 10.26 2.33 -44.86
CA GLY A 2 10.42 2.53 -43.42
C GLY A 2 9.82 1.40 -42.56
N HIS A 3 10.52 1.05 -41.49
CA HIS A 3 10.04 0.04 -40.55
C HIS A 3 9.05 0.65 -39.55
N HIS A 4 7.83 0.11 -39.47
CA HIS A 4 6.83 0.61 -38.53
C HIS A 4 7.32 0.49 -37.07
N HIS A 5 7.48 -0.76 -36.60
CA HIS A 5 8.10 -1.02 -35.29
C HIS A 5 7.36 -0.28 -34.16
N HIS A 6 6.04 -0.17 -34.27
CA HIS A 6 5.24 0.57 -33.28
C HIS A 6 5.04 -0.23 -31.98
N HIS A 7 5.55 0.31 -30.88
CA HIS A 7 5.37 -0.31 -29.55
C HIS A 7 3.92 -0.16 -29.07
N HIS A 8 3.21 -1.28 -28.97
CA HIS A 8 1.83 -1.27 -28.48
C HIS A 8 1.75 -1.69 -27.01
N SER A 9 2.48 -2.74 -26.64
CA SER A 9 2.45 -3.26 -25.25
C SER A 9 3.72 -4.03 -24.87
N HIS A 10 3.77 -4.48 -23.61
CA HIS A 10 4.89 -5.26 -23.08
C HIS A 10 4.42 -6.18 -21.95
N MET A 11 4.64 -7.48 -22.09
CA MET A 11 4.19 -8.46 -21.09
C MET A 11 5.28 -8.82 -20.07
N ALA A 12 4.89 -9.01 -18.82
CA ALA A 12 5.81 -9.37 -17.72
C ALA A 12 5.03 -9.89 -16.51
N LYS A 13 5.74 -10.48 -15.54
CA LYS A 13 5.09 -11.03 -14.34
C LYS A 13 5.51 -10.26 -13.07
N PRO A 14 4.68 -9.31 -12.60
CA PRO A 14 4.89 -8.58 -11.35
C PRO A 14 4.17 -9.22 -10.15
N THR A 15 4.78 -9.19 -8.98
CA THR A 15 4.18 -9.76 -7.76
C THR A 15 4.91 -9.29 -6.50
N ALA A 16 4.23 -9.42 -5.35
CA ALA A 16 4.84 -9.08 -4.06
C ALA A 16 5.32 -10.35 -3.34
N ARG A 17 6.63 -10.55 -3.29
CA ARG A 17 7.21 -11.70 -2.60
C ARG A 17 6.99 -11.61 -1.08
N GLY A 18 5.99 -12.33 -0.59
CA GLY A 18 5.69 -12.31 0.84
C GLY A 18 4.44 -13.10 1.20
N GLU A 19 4.08 -13.07 2.48
CA GLU A 19 2.91 -13.81 2.99
C GLU A 19 2.61 -13.38 4.43
N ALA A 20 3.67 -13.12 5.19
CA ALA A 20 3.54 -12.65 6.58
C ALA A 20 3.69 -11.14 6.68
N GLY A 21 3.79 -10.62 7.91
CA GLY A 21 3.97 -9.20 8.11
C GLY A 21 2.76 -8.52 8.73
N SER A 22 2.74 -7.18 8.67
CA SER A 22 1.65 -6.38 9.22
C SER A 22 0.33 -6.60 8.45
N ARG A 23 -0.79 -6.35 9.11
CA ARG A 23 -2.11 -6.54 8.48
C ARG A 23 -2.28 -5.65 7.23
N ASP A 24 -1.55 -4.53 7.18
CA ASP A 24 -1.52 -3.68 5.98
C ASP A 24 -0.76 -4.36 4.83
N GLU A 25 0.38 -4.98 5.14
CA GLU A 25 1.12 -5.82 4.17
C GLU A 25 0.19 -6.83 3.49
N ARG A 26 -0.69 -7.45 4.28
CA ARG A 26 -1.67 -8.41 3.74
C ARG A 26 -2.63 -7.77 2.72
N ARG A 27 -2.87 -6.47 2.85
CA ARG A 27 -3.64 -5.73 1.84
C ARG A 27 -2.84 -5.61 0.54
N ALA A 28 -1.56 -5.27 0.68
CA ALA A 28 -0.67 -5.08 -0.48
C ALA A 28 -0.57 -6.35 -1.34
N LEU A 29 -0.08 -7.44 -0.75
CA LEU A 29 0.10 -8.70 -1.47
C LEU A 29 -1.23 -9.26 -2.03
N ALA A 30 -2.34 -8.92 -1.38
CA ALA A 30 -3.67 -9.37 -1.82
C ALA A 30 -4.10 -8.69 -3.14
N MET A 31 -3.75 -7.40 -3.28
CA MET A 31 -4.12 -6.64 -4.48
C MET A 31 -2.93 -6.50 -5.46
N LYS A 32 -1.97 -7.42 -5.36
CA LYS A 32 -0.83 -7.46 -6.29
C LYS A 32 0.01 -6.17 -6.26
N ILE A 33 0.16 -5.59 -5.08
CA ILE A 33 0.99 -4.40 -4.88
C ILE A 33 2.48 -4.80 -4.68
N PRO A 34 3.33 -4.60 -5.71
CA PRO A 34 4.72 -5.09 -5.68
C PRO A 34 5.70 -4.23 -4.86
N PHE A 35 5.18 -3.34 -4.03
CA PHE A 35 6.03 -2.49 -3.17
C PHE A 35 5.53 -2.47 -1.71
N PRO A 36 6.46 -2.43 -0.74
CA PRO A 36 6.14 -2.55 0.70
C PRO A 36 5.36 -1.36 1.26
N THR A 37 4.53 -1.62 2.30
CA THR A 37 3.73 -0.57 2.93
C THR A 37 4.60 0.53 3.55
N ASP A 38 5.81 0.16 3.96
CA ASP A 38 6.81 1.13 4.43
C ASP A 38 6.98 2.27 3.42
N LYS A 39 7.26 1.89 2.17
CA LYS A 39 7.42 2.85 1.07
C LYS A 39 6.17 3.75 0.94
N ILE A 40 4.99 3.14 1.02
CA ILE A 40 3.71 3.87 0.94
C ILE A 40 3.59 4.94 2.05
N VAL A 41 3.95 4.57 3.28
CA VAL A 41 3.83 5.47 4.43
C VAL A 41 5.00 6.46 4.52
N ASN A 42 6.18 6.05 4.08
CA ASN A 42 7.39 6.90 4.18
C ASN A 42 7.43 8.00 3.12
N LEU A 43 7.14 7.65 1.86
CA LEU A 43 7.20 8.61 0.75
C LEU A 43 6.17 9.75 0.90
N PRO A 44 6.58 11.00 0.64
CA PRO A 44 5.66 12.15 0.68
C PRO A 44 4.67 12.15 -0.50
N VAL A 45 3.69 13.05 -0.48
CA VAL A 45 2.70 13.11 -1.56
C VAL A 45 3.37 13.32 -2.93
N ASP A 46 4.51 14.02 -2.91
CA ASP A 46 5.31 14.26 -4.12
C ASP A 46 5.65 12.93 -4.83
N ASP A 47 6.40 12.07 -4.14
CA ASP A 47 6.77 10.75 -4.69
C ASP A 47 5.55 9.81 -4.77
N PHE A 48 4.60 9.98 -3.85
CA PHE A 48 3.39 9.15 -3.80
C PHE A 48 2.60 9.23 -5.12
N ASN A 49 2.36 10.45 -5.60
CA ASN A 49 1.68 10.66 -6.88
C ASN A 49 2.42 9.99 -8.04
N GLU A 50 3.75 10.10 -8.04
CA GLU A 50 4.59 9.47 -9.06
C GLU A 50 4.65 7.95 -8.86
N LEU A 51 4.61 7.50 -7.62
CA LEU A 51 4.67 6.07 -7.28
C LEU A 51 3.52 5.31 -7.94
N LEU A 52 2.30 5.80 -7.72
CA LEU A 52 1.10 5.24 -8.33
C LEU A 52 1.12 5.38 -9.87
N ALA A 53 1.96 6.29 -10.37
CA ALA A 53 2.10 6.50 -11.81
C ALA A 53 3.18 5.58 -12.42
N ARG A 54 4.21 5.28 -11.64
CA ARG A 54 5.31 4.43 -12.12
C ARG A 54 4.88 2.97 -12.24
N TYR A 55 4.13 2.48 -11.27
CA TYR A 55 3.61 1.11 -11.30
C TYR A 55 2.28 1.05 -12.08
N PRO A 56 2.05 -0.04 -12.83
CA PRO A 56 0.84 -0.20 -13.68
C PRO A 56 -0.43 -0.54 -12.85
N LEU A 57 -0.60 0.13 -11.72
CA LEU A 57 -1.71 -0.16 -10.81
C LEU A 57 -3.07 0.27 -11.39
N THR A 58 -4.11 -0.48 -11.04
CA THR A 58 -5.49 -0.12 -11.42
C THR A 58 -6.14 0.73 -10.34
N GLU A 59 -7.22 1.43 -10.67
CA GLU A 59 -7.93 2.28 -9.71
C GLU A 59 -8.20 1.56 -8.38
N SER A 60 -8.62 0.29 -8.47
CA SER A 60 -8.86 -0.55 -7.28
C SER A 60 -7.61 -0.64 -6.40
N GLN A 61 -6.44 -0.68 -7.04
CA GLN A 61 -5.15 -0.77 -6.33
C GLN A 61 -4.73 0.57 -5.73
N LEU A 62 -4.82 1.66 -6.52
CA LEU A 62 -4.48 3.01 -6.02
C LEU A 62 -5.30 3.37 -4.78
N ALA A 63 -6.61 3.12 -4.84
CA ALA A 63 -7.51 3.38 -3.72
C ALA A 63 -7.03 2.71 -2.43
N LEU A 64 -6.59 1.46 -2.54
CA LEU A 64 -6.06 0.72 -1.38
C LEU A 64 -4.79 1.38 -0.83
N VAL A 65 -3.85 1.71 -1.72
CA VAL A 65 -2.59 2.36 -1.33
C VAL A 65 -2.87 3.63 -0.51
N ARG A 66 -3.92 4.36 -0.87
CA ARG A 66 -4.35 5.55 -0.13
C ARG A 66 -4.78 5.18 1.30
N ASP A 67 -5.61 4.14 1.42
CA ASP A 67 -6.09 3.66 2.72
C ASP A 67 -4.92 3.20 3.61
N ILE A 68 -3.97 2.49 3.01
CA ILE A 68 -2.76 2.04 3.72
C ILE A 68 -1.94 3.23 4.25
N ARG A 69 -1.74 4.24 3.40
CA ARG A 69 -1.05 5.47 3.81
C ARG A 69 -1.76 6.18 4.97
N ARG A 70 -3.09 6.31 4.86
CA ARG A 70 -3.90 6.96 5.89
C ARG A 70 -3.82 6.21 7.24
N ARG A 71 -4.11 4.92 7.22
CA ARG A 71 -4.10 4.10 8.44
C ARG A 71 -2.67 3.89 8.99
N GLY A 72 -1.70 3.81 8.08
CA GLY A 72 -0.31 3.62 8.48
C GLY A 72 0.27 4.83 9.22
N LYS A 73 0.08 6.03 8.64
CA LYS A 73 0.57 7.27 9.26
C LYS A 73 -0.30 7.67 10.47
N ASN A 74 -1.54 7.17 10.52
CA ASN A 74 -2.41 7.39 11.68
C ASN A 74 -1.71 6.94 12.97
N LYS A 75 -0.91 5.88 12.88
CA LYS A 75 -0.19 5.34 14.03
C LYS A 75 0.79 6.37 14.64
N VAL A 76 1.51 7.11 13.77
CA VAL A 76 2.44 8.14 14.26
C VAL A 76 1.69 9.42 14.65
N ALA A 77 0.56 9.67 13.98
CA ALA A 77 -0.27 10.86 14.26
C ALA A 77 -1.00 10.75 15.61
N ALA A 78 -0.92 9.57 16.23
CA ALA A 78 -1.55 9.34 17.54
C ALA A 78 -0.97 10.26 18.64
N GLN A 79 0.29 10.65 18.48
CA GLN A 79 0.94 11.55 19.45
C GLN A 79 0.37 12.97 19.36
N ASN A 80 0.22 13.48 18.13
CA ASN A 80 -0.35 14.82 17.90
C ASN A 80 -1.88 14.77 17.81
N TYR A 81 -2.44 13.63 18.18
CA TYR A 81 -3.90 13.44 18.23
C TYR A 81 -4.52 14.25 19.39
N ARG A 82 -3.71 14.51 20.42
CA ARG A 82 -4.17 15.29 21.58
C ARG A 82 -4.24 16.79 21.27
N LYS A 83 -5.46 17.29 21.10
CA LYS A 83 -5.71 18.71 20.82
C LYS A 83 -7.08 19.12 21.39
N ARG A 84 -7.52 20.35 21.10
CA ARG A 84 -8.85 20.81 21.52
C ARG A 84 -9.97 20.02 20.82
N LYS A 85 -10.87 19.43 21.62
CA LYS A 85 -12.03 18.74 21.06
C LYS A 85 -13.07 19.75 20.56
N LEU A 86 -12.90 20.22 19.32
CA LEU A 86 -13.86 21.15 18.71
C LEU A 86 -15.19 20.44 18.43
N GLU A 87 -16.26 21.23 18.29
CA GLU A 87 -17.59 20.67 18.04
C GLU A 87 -17.67 19.99 16.66
N THR A 88 -17.26 18.73 16.60
CA THR A 88 -17.36 17.93 15.37
C THR A 88 -18.70 17.17 15.32
N ILE A 89 -19.68 17.65 16.11
CA ILE A 89 -21.03 17.05 16.18
C ILE A 89 -21.03 15.70 16.93
N VAL A 90 -19.95 14.94 16.82
CA VAL A 90 -19.82 13.64 17.49
C VAL A 90 -19.88 13.76 19.03
N GLN A 91 -20.51 12.78 19.67
CA GLN A 91 -20.64 12.75 21.13
C GLN A 91 -19.33 12.32 21.83
N MET A 1 -6.30 -39.51 -19.04
CA MET A 1 -5.81 -38.10 -19.14
C MET A 1 -5.14 -37.84 -20.49
N GLY A 2 -4.84 -36.58 -20.77
CA GLY A 2 -4.20 -36.21 -22.04
C GLY A 2 -2.82 -36.86 -22.25
N HIS A 3 -2.56 -37.30 -23.47
CA HIS A 3 -1.32 -38.00 -23.80
C HIS A 3 -0.07 -37.09 -23.67
N HIS A 4 0.99 -37.65 -23.08
CA HIS A 4 2.30 -37.00 -23.01
C HIS A 4 2.27 -35.68 -22.19
N HIS A 5 1.24 -35.49 -21.37
CA HIS A 5 1.17 -34.31 -20.50
C HIS A 5 1.97 -34.51 -19.20
N HIS A 6 3.11 -33.83 -19.09
CA HIS A 6 3.96 -33.95 -17.91
C HIS A 6 3.32 -33.32 -16.65
N HIS A 7 2.47 -34.10 -15.97
CA HIS A 7 1.83 -33.66 -14.72
C HIS A 7 1.68 -34.81 -13.72
N HIS A 8 2.36 -34.67 -12.58
CA HIS A 8 2.28 -35.66 -11.49
C HIS A 8 2.53 -34.96 -10.14
N SER A 9 1.65 -35.22 -9.17
CA SER A 9 1.70 -34.53 -7.87
C SER A 9 2.77 -35.12 -6.93
N HIS A 10 3.66 -34.26 -6.44
CA HIS A 10 4.73 -34.69 -5.51
C HIS A 10 5.07 -33.57 -4.51
N MET A 11 4.92 -33.86 -3.21
CA MET A 11 5.26 -32.90 -2.14
C MET A 11 6.76 -32.89 -1.86
N ALA A 12 7.41 -31.75 -2.09
CA ALA A 12 8.87 -31.64 -1.94
C ALA A 12 9.30 -30.48 -1.01
N LYS A 13 9.70 -30.83 0.21
CA LYS A 13 10.26 -29.87 1.18
C LYS A 13 9.32 -28.67 1.49
N PRO A 14 8.58 -28.73 2.61
CA PRO A 14 7.75 -27.63 3.07
C PRO A 14 8.56 -26.57 3.86
N THR A 15 8.63 -25.35 3.34
CA THR A 15 9.35 -24.24 4.00
C THR A 15 8.46 -23.00 4.17
N ALA A 16 8.95 -22.01 4.91
CA ALA A 16 8.17 -20.80 5.20
C ALA A 16 8.63 -19.59 4.38
N ARG A 17 7.79 -19.16 3.44
CA ARG A 17 8.09 -17.96 2.63
C ARG A 17 7.32 -16.73 3.15
N GLY A 18 6.34 -16.93 4.01
CA GLY A 18 5.68 -15.82 4.69
C GLY A 18 4.22 -15.63 4.33
N GLU A 19 3.40 -15.37 5.35
CA GLU A 19 1.98 -15.01 5.18
C GLU A 19 1.78 -13.49 5.39
N ALA A 20 2.84 -12.83 5.88
CA ALA A 20 2.82 -11.40 6.21
C ALA A 20 2.08 -11.13 7.52
N GLY A 21 2.63 -10.23 8.35
CA GLY A 21 2.06 -9.96 9.66
C GLY A 21 1.21 -8.69 9.72
N SER A 22 1.77 -7.57 9.25
CA SER A 22 1.07 -6.27 9.30
C SER A 22 -0.22 -6.31 8.46
N ARG A 23 -1.27 -5.62 8.93
CA ARG A 23 -2.56 -5.59 8.25
C ARG A 23 -2.43 -5.01 6.82
N ASP A 24 -1.57 -4.00 6.68
CA ASP A 24 -1.27 -3.41 5.37
C ASP A 24 -0.65 -4.46 4.42
N GLU A 25 0.33 -5.22 4.93
CA GLU A 25 0.92 -6.33 4.17
C GLU A 25 -0.16 -7.31 3.68
N ARG A 26 -1.05 -7.70 4.60
CA ARG A 26 -2.14 -8.64 4.28
C ARG A 26 -3.03 -8.12 3.14
N ARG A 27 -3.13 -6.79 3.04
CA ARG A 27 -3.88 -6.16 1.94
C ARG A 27 -3.06 -6.17 0.64
N ALA A 28 -1.75 -5.88 0.76
CA ALA A 28 -0.84 -5.81 -0.38
C ALA A 28 -0.87 -7.11 -1.20
N LEU A 29 -0.68 -8.24 -0.52
CA LEU A 29 -0.66 -9.56 -1.19
C LEU A 29 -2.05 -9.92 -1.76
N ALA A 30 -3.10 -9.32 -1.21
CA ALA A 30 -4.47 -9.55 -1.70
C ALA A 30 -4.72 -8.85 -3.04
N MET A 31 -4.20 -7.63 -3.19
CA MET A 31 -4.36 -6.86 -4.43
C MET A 31 -3.06 -6.81 -5.26
N LYS A 32 -2.10 -7.67 -4.91
CA LYS A 32 -0.87 -7.86 -5.68
C LYS A 32 -0.03 -6.57 -5.80
N ILE A 33 0.03 -5.79 -4.71
CA ILE A 33 0.85 -4.57 -4.68
C ILE A 33 2.35 -4.92 -4.79
N PRO A 34 3.04 -4.49 -5.88
CA PRO A 34 4.43 -4.87 -6.15
C PRO A 34 5.47 -3.95 -5.47
N PHE A 35 5.10 -3.25 -4.41
CA PHE A 35 6.03 -2.36 -3.70
C PHE A 35 5.73 -2.30 -2.19
N PRO A 36 6.75 -2.00 -1.36
CA PRO A 36 6.64 -2.03 0.11
C PRO A 36 5.56 -1.09 0.69
N THR A 37 4.82 -1.60 1.67
CA THR A 37 3.75 -0.83 2.34
C THR A 37 4.32 0.33 3.17
N ASP A 38 5.43 0.07 3.86
CA ASP A 38 6.10 1.09 4.67
C ASP A 38 6.45 2.33 3.84
N LYS A 39 6.83 2.11 2.57
CA LYS A 39 7.12 3.20 1.64
C LYS A 39 5.88 4.07 1.42
N ILE A 40 4.72 3.41 1.28
CA ILE A 40 3.43 4.12 1.12
C ILE A 40 3.15 5.02 2.33
N VAL A 41 3.54 4.56 3.51
CA VAL A 41 3.32 5.30 4.76
C VAL A 41 4.33 6.43 4.96
N ASN A 42 5.60 6.16 4.64
CA ASN A 42 6.70 7.06 4.97
C ASN A 42 6.96 8.12 3.88
N LEU A 43 6.47 7.91 2.67
CA LEU A 43 6.58 8.94 1.62
C LEU A 43 5.47 9.99 1.76
N PRO A 44 5.81 11.29 1.62
CA PRO A 44 4.81 12.36 1.65
C PRO A 44 3.88 12.33 0.44
N VAL A 45 2.68 12.92 0.57
CA VAL A 45 1.69 12.93 -0.51
C VAL A 45 2.29 13.37 -1.86
N ASP A 46 3.28 14.26 -1.79
CA ASP A 46 3.97 14.75 -2.98
C ASP A 46 4.62 13.60 -3.79
N ASP A 47 5.47 12.82 -3.12
CA ASP A 47 6.11 11.65 -3.74
C ASP A 47 5.12 10.51 -3.94
N PHE A 48 4.12 10.43 -3.07
CA PHE A 48 3.07 9.40 -3.16
C PHE A 48 2.40 9.40 -4.54
N ASN A 49 2.08 10.59 -5.05
CA ASN A 49 1.50 10.74 -6.38
C ASN A 49 2.44 10.16 -7.47
N GLU A 50 3.74 10.41 -7.33
CA GLU A 50 4.74 9.88 -8.27
C GLU A 50 4.85 8.34 -8.16
N LEU A 51 4.80 7.84 -6.93
CA LEU A 51 4.85 6.39 -6.66
C LEU A 51 3.75 5.65 -7.43
N LEU A 52 2.53 6.18 -7.37
CA LEU A 52 1.40 5.62 -8.11
C LEU A 52 1.61 5.65 -9.63
N ALA A 53 2.35 6.65 -10.10
CA ALA A 53 2.62 6.80 -11.53
C ALA A 53 3.76 5.91 -12.02
N ARG A 54 4.62 5.46 -11.09
CA ARG A 54 5.77 4.62 -11.44
C ARG A 54 5.42 3.13 -11.58
N TYR A 55 4.55 2.63 -10.69
CA TYR A 55 4.18 1.21 -10.70
C TYR A 55 2.88 0.95 -11.48
N PRO A 56 2.88 -0.05 -12.39
CA PRO A 56 1.69 -0.41 -13.17
C PRO A 56 0.55 -0.96 -12.31
N LEU A 57 -0.32 -0.07 -11.84
CA LEU A 57 -1.45 -0.45 -10.97
C LEU A 57 -2.79 -0.22 -11.67
N THR A 58 -3.78 -1.05 -11.34
CA THR A 58 -5.16 -0.83 -11.78
C THR A 58 -5.88 0.12 -10.82
N GLU A 59 -6.97 0.75 -11.26
CA GLU A 59 -7.73 1.69 -10.43
C GLU A 59 -8.06 1.09 -9.05
N SER A 60 -8.36 -0.21 -9.03
CA SER A 60 -8.64 -0.93 -7.77
C SER A 60 -7.41 -0.96 -6.86
N GLN A 61 -6.22 -1.10 -7.45
CA GLN A 61 -4.97 -1.14 -6.68
C GLN A 61 -4.61 0.24 -6.11
N LEU A 62 -4.71 1.31 -6.93
CA LEU A 62 -4.45 2.67 -6.44
C LEU A 62 -5.32 3.00 -5.21
N ALA A 63 -6.59 2.61 -5.27
CA ALA A 63 -7.52 2.82 -4.15
C ALA A 63 -6.95 2.24 -2.84
N LEU A 64 -6.47 1.00 -2.90
CA LEU A 64 -5.86 0.35 -1.73
C LEU A 64 -4.62 1.11 -1.24
N VAL A 65 -3.70 1.43 -2.16
CA VAL A 65 -2.48 2.16 -1.81
C VAL A 65 -2.81 3.49 -1.10
N ARG A 66 -3.84 4.18 -1.60
CA ARG A 66 -4.33 5.41 -0.98
C ARG A 66 -4.83 5.16 0.46
N ASP A 67 -5.62 4.09 0.63
CA ASP A 67 -6.15 3.72 1.93
C ASP A 67 -5.04 3.36 2.93
N ILE A 68 -4.08 2.54 2.48
CA ILE A 68 -2.93 2.14 3.30
C ILE A 68 -2.14 3.34 3.82
N ARG A 69 -1.90 4.32 2.94
CA ARG A 69 -1.23 5.56 3.35
C ARG A 69 -1.95 6.23 4.52
N ARG A 70 -3.26 6.41 4.38
CA ARG A 70 -4.07 7.07 5.41
C ARG A 70 -4.06 6.30 6.74
N ARG A 71 -4.32 4.98 6.68
CA ARG A 71 -4.31 4.15 7.89
C ARG A 71 -2.92 4.15 8.56
N GLY A 72 -1.90 3.81 7.77
CA GLY A 72 -0.54 3.74 8.29
C GLY A 72 -0.04 5.06 8.86
N LYS A 73 -0.37 6.17 8.20
CA LYS A 73 0.06 7.51 8.63
C LYS A 73 -0.49 7.86 10.02
N ASN A 74 -1.68 7.36 10.33
CA ASN A 74 -2.30 7.58 11.65
C ASN A 74 -1.45 7.01 12.80
N LYS A 75 -0.50 6.13 12.46
CA LYS A 75 0.46 5.60 13.44
C LYS A 75 1.33 6.74 14.00
N VAL A 76 1.58 7.75 13.17
CA VAL A 76 2.37 8.93 13.57
C VAL A 76 1.52 9.94 14.36
N ALA A 77 0.21 9.91 14.14
CA ALA A 77 -0.72 10.86 14.77
C ALA A 77 -0.50 10.99 16.29
N ALA A 78 -0.26 9.87 16.97
CA ALA A 78 -0.02 9.87 18.41
C ALA A 78 1.21 10.72 18.79
N GLN A 79 2.30 10.54 18.05
CA GLN A 79 3.56 11.25 18.32
C GLN A 79 3.57 12.65 17.67
N ASN A 80 2.61 12.89 16.77
CA ASN A 80 2.50 14.19 16.08
C ASN A 80 1.33 15.02 16.67
N TYR A 81 0.72 14.50 17.75
CA TYR A 81 -0.45 15.11 18.38
C TYR A 81 -0.24 16.61 18.71
N ARG A 82 0.92 16.95 19.24
CA ARG A 82 1.16 18.32 19.74
C ARG A 82 1.20 19.34 18.60
N LYS A 83 0.03 19.84 18.24
CA LYS A 83 -0.11 20.97 17.29
C LYS A 83 -0.38 22.27 18.05
N ARG A 84 0.57 23.20 18.00
CA ARG A 84 0.42 24.49 18.71
C ARG A 84 0.64 25.67 17.76
N LYS A 85 -0.26 25.81 16.78
CA LYS A 85 -0.18 26.90 15.80
C LYS A 85 -1.58 27.47 15.49
N LEU A 86 -1.92 28.60 16.09
CA LEU A 86 -3.19 29.28 15.80
C LEU A 86 -3.00 30.33 14.69
N GLU A 87 -2.92 29.86 13.46
CA GLU A 87 -2.63 30.72 12.30
C GLU A 87 -3.65 30.48 11.17
N THR A 88 -4.64 31.37 11.07
CA THR A 88 -5.74 31.26 10.07
C THR A 88 -6.39 29.87 10.07
N ILE A 89 -6.38 29.20 11.22
CA ILE A 89 -6.94 27.85 11.35
C ILE A 89 -8.47 27.85 11.12
N VAL A 90 -9.19 28.70 11.85
CA VAL A 90 -10.65 28.74 11.76
C VAL A 90 -11.11 29.72 10.66
N GLN A 91 -11.37 29.19 9.48
CA GLN A 91 -11.86 29.98 8.33
C GLN A 91 -13.39 29.87 8.19
N MET A 1 -14.26 -36.78 -11.84
CA MET A 1 -12.83 -37.20 -11.73
C MET A 1 -12.13 -37.14 -13.10
N GLY A 2 -10.81 -37.39 -13.10
CA GLY A 2 -10.03 -37.27 -14.33
C GLY A 2 -9.46 -35.86 -14.53
N HIS A 3 -8.28 -35.77 -15.14
CA HIS A 3 -7.62 -34.47 -15.36
C HIS A 3 -7.58 -34.10 -16.85
N HIS A 4 -8.42 -33.14 -17.26
CA HIS A 4 -8.41 -32.66 -18.65
C HIS A 4 -7.16 -31.79 -18.93
N HIS A 5 -7.09 -31.22 -20.13
CA HIS A 5 -5.94 -30.38 -20.51
C HIS A 5 -6.14 -28.92 -20.06
N HIS A 6 -5.06 -28.28 -19.64
CA HIS A 6 -5.09 -26.88 -19.18
C HIS A 6 -3.91 -26.07 -19.72
N HIS A 7 -4.20 -25.08 -20.55
CA HIS A 7 -3.15 -24.27 -21.20
C HIS A 7 -2.92 -22.95 -20.46
N HIS A 8 -1.65 -22.59 -20.29
CA HIS A 8 -1.27 -21.29 -19.73
C HIS A 8 -0.16 -20.63 -20.55
N SER A 9 -0.09 -19.30 -20.53
CA SER A 9 0.87 -18.56 -21.33
C SER A 9 2.32 -18.83 -20.88
N HIS A 10 3.23 -18.90 -21.84
CA HIS A 10 4.64 -19.20 -21.57
C HIS A 10 5.27 -18.15 -20.64
N MET A 11 5.84 -18.62 -19.53
CA MET A 11 6.48 -17.75 -18.52
C MET A 11 5.47 -16.88 -17.75
N ALA A 12 4.19 -17.28 -17.74
CA ALA A 12 3.18 -16.59 -16.94
C ALA A 12 3.23 -17.02 -15.46
N LYS A 13 4.40 -17.47 -15.02
CA LYS A 13 4.60 -17.99 -13.66
C LYS A 13 5.70 -17.19 -12.92
N PRO A 14 5.31 -16.15 -12.16
CA PRO A 14 6.26 -15.29 -11.43
C PRO A 14 6.51 -15.77 -9.99
N THR A 15 7.21 -14.95 -9.21
CA THR A 15 7.46 -15.26 -7.79
C THR A 15 7.08 -14.08 -6.87
N ALA A 16 6.30 -14.38 -5.84
CA ALA A 16 5.82 -13.34 -4.91
C ALA A 16 6.81 -13.10 -3.76
N ARG A 17 6.80 -11.87 -3.23
CA ARG A 17 7.74 -11.49 -2.16
C ARG A 17 7.15 -10.36 -1.29
N GLY A 18 7.74 -10.15 -0.12
CA GLY A 18 7.29 -9.08 0.77
C GLY A 18 7.26 -9.52 2.23
N GLU A 19 6.11 -9.32 2.89
CA GLU A 19 5.89 -9.77 4.27
C GLU A 19 6.77 -8.99 5.28
N ALA A 20 6.20 -7.94 5.86
CA ALA A 20 6.89 -7.18 6.92
C ALA A 20 6.35 -7.55 8.32
N GLY A 21 5.42 -8.50 8.36
CA GLY A 21 4.82 -8.91 9.63
C GLY A 21 3.98 -7.83 10.28
N SER A 22 2.83 -7.54 9.69
CA SER A 22 1.94 -6.48 10.21
C SER A 22 0.48 -6.72 9.84
N ARG A 23 -0.40 -5.83 10.29
CA ARG A 23 -1.84 -5.93 10.02
C ARG A 23 -2.17 -5.42 8.62
N ASP A 24 -1.52 -4.33 8.22
CA ASP A 24 -1.78 -3.67 6.93
C ASP A 24 -1.31 -4.54 5.74
N GLU A 25 -0.24 -5.30 5.95
CA GLU A 25 0.35 -6.17 4.92
C GLU A 25 -0.70 -7.04 4.20
N ARG A 26 -1.68 -7.54 4.97
CA ARG A 26 -2.71 -8.45 4.44
C ARG A 26 -3.41 -7.89 3.19
N ARG A 27 -3.62 -6.58 3.13
CA ARG A 27 -4.23 -5.96 1.95
C ARG A 27 -3.22 -5.80 0.81
N ALA A 28 -1.98 -5.48 1.16
CA ALA A 28 -0.92 -5.28 0.16
C ALA A 28 -0.64 -6.57 -0.64
N LEU A 29 -0.42 -7.67 0.06
CA LEU A 29 -0.10 -8.96 -0.57
C LEU A 29 -1.32 -9.58 -1.29
N ALA A 30 -2.52 -9.21 -0.87
CA ALA A 30 -3.75 -9.76 -1.48
C ALA A 30 -4.13 -9.01 -2.78
N MET A 31 -3.66 -7.77 -2.90
CA MET A 31 -3.96 -6.95 -4.10
C MET A 31 -2.71 -6.77 -4.99
N LYS A 32 -1.65 -7.52 -4.69
CA LYS A 32 -0.38 -7.45 -5.43
C LYS A 32 0.22 -6.03 -5.41
N ILE A 33 0.75 -5.62 -4.27
CA ILE A 33 1.45 -4.34 -4.15
C ILE A 33 2.98 -4.56 -4.13
N PRO A 34 3.67 -4.24 -5.24
CA PRO A 34 5.13 -4.51 -5.39
C PRO A 34 6.04 -3.53 -4.63
N PHE A 35 5.49 -2.84 -3.63
CA PHE A 35 6.26 -1.91 -2.79
C PHE A 35 5.75 -1.90 -1.35
N PRO A 36 6.66 -1.84 -0.36
CA PRO A 36 6.32 -1.96 1.07
C PRO A 36 5.40 -0.83 1.57
N THR A 37 4.45 -1.19 2.45
CA THR A 37 3.52 -0.22 3.04
C THR A 37 4.26 0.96 3.71
N ASP A 38 5.43 0.68 4.28
CA ASP A 38 6.30 1.73 4.84
C ASP A 38 6.54 2.85 3.82
N LYS A 39 6.90 2.47 2.59
CA LYS A 39 7.13 3.44 1.52
C LYS A 39 5.86 4.26 1.24
N ILE A 40 4.72 3.58 1.16
CA ILE A 40 3.42 4.22 0.92
C ILE A 40 3.14 5.36 1.92
N VAL A 41 3.58 5.18 3.16
CA VAL A 41 3.31 6.15 4.23
C VAL A 41 4.42 7.21 4.37
N ASN A 42 5.68 6.75 4.36
CA ASN A 42 6.83 7.64 4.66
C ASN A 42 7.23 8.53 3.46
N LEU A 43 6.73 8.24 2.26
CA LEU A 43 7.02 9.06 1.09
C LEU A 43 6.42 10.48 1.22
N PRO A 44 7.10 11.50 0.69
CA PRO A 44 6.52 12.84 0.53
C PRO A 44 5.36 12.83 -0.49
N VAL A 45 4.35 13.67 -0.26
CA VAL A 45 3.11 13.64 -1.06
C VAL A 45 3.38 13.62 -2.59
N ASP A 46 4.38 14.36 -3.05
CA ASP A 46 4.71 14.41 -4.48
C ASP A 46 5.20 13.06 -5.00
N ASP A 47 6.20 12.48 -4.33
CA ASP A 47 6.74 11.17 -4.72
C ASP A 47 5.68 10.07 -4.56
N PHE A 48 4.69 10.30 -3.70
CA PHE A 48 3.55 9.39 -3.56
C PHE A 48 2.70 9.37 -4.86
N ASN A 49 2.34 10.56 -5.35
CA ASN A 49 1.58 10.66 -6.60
C ASN A 49 2.38 10.11 -7.79
N GLU A 50 3.70 10.33 -7.77
CA GLU A 50 4.59 9.77 -8.78
C GLU A 50 4.54 8.24 -8.76
N LEU A 51 4.63 7.66 -7.57
CA LEU A 51 4.59 6.19 -7.38
C LEU A 51 3.39 5.55 -8.13
N LEU A 52 2.19 6.08 -7.88
CA LEU A 52 0.97 5.59 -8.52
C LEU A 52 0.96 5.89 -10.04
N ALA A 53 1.70 6.91 -10.45
CA ALA A 53 1.79 7.29 -11.86
C ALA A 53 2.89 6.52 -12.60
N ARG A 54 3.78 5.86 -11.84
CA ARG A 54 4.88 5.08 -12.43
C ARG A 54 4.51 3.59 -12.59
N TYR A 55 3.96 3.00 -11.53
CA TYR A 55 3.61 1.58 -11.55
C TYR A 55 2.28 1.32 -12.30
N PRO A 56 2.22 0.27 -13.14
CA PRO A 56 1.02 -0.07 -13.93
C PRO A 56 -0.06 -0.78 -13.10
N LEU A 57 -0.36 -0.23 -11.91
CA LEU A 57 -1.35 -0.83 -11.01
C LEU A 57 -2.79 -0.65 -11.53
N THR A 58 -3.66 -1.56 -11.16
CA THR A 58 -5.09 -1.46 -11.51
C THR A 58 -5.83 -0.50 -10.56
N GLU A 59 -6.97 0.00 -10.99
CA GLU A 59 -7.74 0.99 -10.21
C GLU A 59 -7.94 0.55 -8.75
N SER A 60 -8.38 -0.70 -8.54
CA SER A 60 -8.55 -1.24 -7.19
C SER A 60 -7.28 -1.10 -6.34
N GLN A 61 -6.12 -1.21 -6.99
CA GLN A 61 -4.82 -1.12 -6.29
C GLN A 61 -4.47 0.32 -5.92
N LEU A 62 -4.64 1.27 -6.85
CA LEU A 62 -4.39 2.69 -6.55
C LEU A 62 -5.28 3.17 -5.38
N ALA A 63 -6.57 2.85 -5.45
CA ALA A 63 -7.52 3.18 -4.39
C ALA A 63 -7.05 2.62 -3.03
N LEU A 64 -6.52 1.40 -3.05
CA LEU A 64 -5.98 0.78 -1.85
C LEU A 64 -4.79 1.57 -1.29
N VAL A 65 -3.77 1.78 -2.13
CA VAL A 65 -2.54 2.49 -1.72
C VAL A 65 -2.86 3.87 -1.11
N ARG A 66 -3.76 4.61 -1.76
CA ARG A 66 -4.21 5.91 -1.26
C ARG A 66 -4.82 5.80 0.14
N ASP A 67 -5.52 4.70 0.40
CA ASP A 67 -6.16 4.47 1.69
C ASP A 67 -5.16 3.91 2.72
N ILE A 68 -4.17 3.16 2.24
CA ILE A 68 -3.11 2.61 3.10
C ILE A 68 -2.31 3.74 3.77
N ARG A 69 -1.97 4.78 3.00
CA ARG A 69 -1.26 5.94 3.55
C ARG A 69 -2.09 6.62 4.65
N ARG A 70 -3.42 6.63 4.49
CA ARG A 70 -4.33 7.20 5.48
C ARG A 70 -4.24 6.45 6.82
N ARG A 71 -4.52 5.15 6.80
CA ARG A 71 -4.49 4.33 8.03
C ARG A 71 -3.06 4.20 8.57
N GLY A 72 -2.11 4.01 7.65
CA GLY A 72 -0.71 3.86 8.01
C GLY A 72 -0.15 5.08 8.76
N LYS A 73 -0.48 6.28 8.29
CA LYS A 73 -0.03 7.50 8.97
C LYS A 73 -0.90 7.81 10.19
N ASN A 74 -2.15 7.34 10.19
CA ASN A 74 -3.05 7.53 11.33
C ASN A 74 -2.51 6.78 12.58
N LYS A 75 -2.13 5.51 12.39
CA LYS A 75 -1.63 4.68 13.48
C LYS A 75 -0.30 5.18 14.06
N VAL A 76 0.52 5.85 13.23
CA VAL A 76 1.83 6.34 13.68
C VAL A 76 1.80 7.81 14.15
N ALA A 77 1.11 8.68 13.42
CA ALA A 77 1.09 10.12 13.73
C ALA A 77 0.26 10.44 15.00
N ALA A 78 -0.39 9.43 15.56
CA ALA A 78 -1.19 9.59 16.78
C ALA A 78 -0.31 9.68 18.04
N GLN A 79 0.82 8.98 18.05
CA GLN A 79 1.68 8.92 19.25
C GLN A 79 2.54 10.19 19.41
N ASN A 80 2.95 10.80 18.31
CA ASN A 80 3.81 11.99 18.34
C ASN A 80 3.01 13.31 18.42
N TYR A 81 1.72 13.20 18.71
CA TYR A 81 0.86 14.39 18.81
C TYR A 81 0.86 14.95 20.25
N ARG A 82 0.58 16.25 20.40
CA ARG A 82 0.59 16.90 21.72
C ARG A 82 -0.70 16.62 22.52
N LYS A 83 -1.84 17.14 22.02
CA LYS A 83 -3.12 16.93 22.71
C LYS A 83 -3.60 15.47 22.56
N ARG A 84 -3.67 14.77 23.68
CA ARG A 84 -3.96 13.33 23.69
C ARG A 84 -5.45 13.02 23.87
N LYS A 85 -5.92 11.94 23.26
CA LYS A 85 -7.25 11.41 23.55
C LYS A 85 -7.31 10.85 24.98
N LEU A 86 -7.45 11.75 25.95
CA LEU A 86 -7.41 11.37 27.37
C LEU A 86 -8.71 10.72 27.86
N GLU A 87 -8.68 10.20 29.08
CA GLU A 87 -9.81 9.45 29.65
C GLU A 87 -10.05 9.84 31.11
N THR A 88 -11.09 9.26 31.70
CA THR A 88 -11.39 9.45 33.12
C THR A 88 -12.22 8.29 33.67
N ILE A 89 -11.65 7.53 34.60
CA ILE A 89 -12.34 6.39 35.20
C ILE A 89 -13.34 6.82 36.30
N VAL A 90 -14.33 5.97 36.56
CA VAL A 90 -15.35 6.27 37.56
C VAL A 90 -14.79 6.12 38.99
N GLN A 91 -15.49 6.69 39.97
CA GLN A 91 -15.07 6.61 41.37
C GLN A 91 -15.66 5.38 42.07
N MET A 1 -14.85 -52.79 -12.23
CA MET A 1 -14.11 -52.04 -11.19
C MET A 1 -12.91 -51.28 -11.79
N GLY A 2 -13.05 -49.97 -11.96
CA GLY A 2 -11.96 -49.17 -12.51
C GLY A 2 -12.39 -47.79 -12.99
N HIS A 3 -11.41 -46.97 -13.39
CA HIS A 3 -11.68 -45.62 -13.93
C HIS A 3 -10.81 -45.38 -15.18
N HIS A 4 -11.11 -44.29 -15.90
CA HIS A 4 -10.28 -43.88 -17.04
C HIS A 4 -9.20 -42.89 -16.62
N HIS A 5 -7.96 -43.11 -17.08
CA HIS A 5 -6.80 -42.36 -16.61
C HIS A 5 -6.48 -41.13 -17.48
N HIS A 6 -6.09 -40.04 -16.82
CA HIS A 6 -5.52 -38.86 -17.49
C HIS A 6 -4.13 -38.56 -16.91
N HIS A 7 -3.20 -38.09 -17.73
CA HIS A 7 -1.79 -37.97 -17.32
C HIS A 7 -1.25 -36.53 -17.44
N HIS A 8 -1.98 -35.64 -18.10
CA HIS A 8 -1.47 -34.29 -18.37
C HIS A 8 -1.62 -33.34 -17.17
N SER A 9 -0.59 -33.29 -16.31
CA SER A 9 -0.57 -32.38 -15.15
C SER A 9 0.83 -32.29 -14.53
N HIS A 10 1.34 -31.06 -14.37
CA HIS A 10 2.67 -30.83 -13.82
C HIS A 10 2.62 -29.93 -12.56
N MET A 11 3.44 -30.26 -11.56
CA MET A 11 3.59 -29.42 -10.37
C MET A 11 4.52 -28.22 -10.67
N ALA A 12 4.17 -27.44 -11.69
CA ALA A 12 5.01 -26.33 -12.15
C ALA A 12 4.62 -24.98 -11.50
N LYS A 13 3.77 -25.03 -10.48
CA LYS A 13 3.34 -23.81 -9.77
C LYS A 13 4.17 -23.62 -8.49
N PRO A 14 4.65 -22.37 -8.22
CA PRO A 14 5.47 -22.07 -7.02
C PRO A 14 4.89 -22.60 -5.71
N THR A 15 5.73 -22.65 -4.66
CA THR A 15 5.35 -23.24 -3.37
C THR A 15 4.00 -22.72 -2.83
N ALA A 16 3.12 -23.65 -2.46
CA ALA A 16 1.82 -23.29 -1.88
C ALA A 16 1.95 -22.85 -0.41
N ARG A 17 3.02 -23.29 0.24
CA ARG A 17 3.27 -22.93 1.65
C ARG A 17 4.21 -21.71 1.74
N GLY A 18 3.63 -20.52 1.80
CA GLY A 18 4.42 -19.30 1.88
C GLY A 18 3.62 -18.08 2.32
N GLU A 19 2.88 -18.23 3.41
CA GLU A 19 2.09 -17.13 3.96
C GLU A 19 2.93 -16.27 4.91
N ALA A 20 3.33 -15.09 4.45
CA ALA A 20 4.13 -14.17 5.26
C ALA A 20 3.62 -12.72 5.15
N GLY A 21 4.24 -11.82 5.90
CA GLY A 21 3.85 -10.41 5.85
C GLY A 21 2.90 -10.01 6.97
N SER A 22 2.90 -8.72 7.31
CA SER A 22 1.99 -8.18 8.34
C SER A 22 0.55 -8.05 7.82
N ARG A 23 -0.34 -7.53 8.67
CA ARG A 23 -1.76 -7.38 8.33
C ARG A 23 -1.95 -6.56 7.05
N ASP A 24 -1.40 -5.34 7.05
CA ASP A 24 -1.47 -4.46 5.88
C ASP A 24 -0.77 -5.07 4.65
N GLU A 25 0.30 -5.83 4.91
CA GLU A 25 1.05 -6.51 3.82
C GLU A 25 0.18 -7.55 3.11
N ARG A 26 -0.50 -8.42 3.87
CA ARG A 26 -1.39 -9.43 3.28
C ARG A 26 -2.53 -8.77 2.48
N ARG A 27 -2.92 -7.56 2.88
CA ARG A 27 -3.91 -6.77 2.13
C ARG A 27 -3.30 -6.25 0.82
N ALA A 28 -2.03 -5.82 0.90
CA ALA A 28 -1.30 -5.34 -0.28
C ALA A 28 -1.14 -6.44 -1.34
N LEU A 29 -0.58 -7.57 -0.94
CA LEU A 29 -0.36 -8.69 -1.87
C LEU A 29 -1.69 -9.32 -2.36
N ALA A 30 -2.77 -9.11 -1.60
CA ALA A 30 -4.12 -9.53 -2.02
C ALA A 30 -4.55 -8.78 -3.29
N MET A 31 -4.25 -7.48 -3.33
CA MET A 31 -4.49 -6.66 -4.52
C MET A 31 -3.23 -6.61 -5.41
N LYS A 32 -2.25 -7.43 -5.07
CA LYS A 32 -0.96 -7.51 -5.78
C LYS A 32 -0.27 -6.14 -5.88
N ILE A 33 0.13 -5.62 -4.72
CA ILE A 33 0.91 -4.39 -4.64
C ILE A 33 2.42 -4.71 -4.56
N PRO A 34 3.20 -4.35 -5.61
CA PRO A 34 4.62 -4.74 -5.71
C PRO A 34 5.59 -3.82 -4.94
N PHE A 35 5.14 -3.23 -3.84
CA PHE A 35 5.99 -2.39 -2.99
C PHE A 35 5.53 -2.39 -1.51
N PRO A 36 6.47 -2.19 -0.56
CA PRO A 36 6.18 -2.27 0.89
C PRO A 36 5.24 -1.16 1.41
N THR A 37 4.37 -1.51 2.35
CA THR A 37 3.39 -0.58 2.93
C THR A 37 4.07 0.54 3.73
N ASP A 38 5.06 0.18 4.53
CA ASP A 38 5.78 1.13 5.39
C ASP A 38 6.41 2.28 4.57
N LYS A 39 6.97 1.96 3.41
CA LYS A 39 7.54 3.00 2.53
C LYS A 39 6.48 4.02 2.10
N ILE A 40 5.32 3.51 1.68
CA ILE A 40 4.18 4.35 1.28
C ILE A 40 3.87 5.43 2.33
N VAL A 41 3.95 5.02 3.59
CA VAL A 41 3.66 5.90 4.73
C VAL A 41 4.70 7.02 4.89
N ASN A 42 5.96 6.72 4.56
CA ASN A 42 7.06 7.67 4.77
C ASN A 42 7.36 8.52 3.52
N LEU A 43 6.69 8.22 2.40
CA LEU A 43 6.87 9.00 1.17
C LEU A 43 6.04 10.29 1.21
N PRO A 44 6.58 11.41 0.66
CA PRO A 44 5.83 12.65 0.48
C PRO A 44 4.80 12.54 -0.65
N VAL A 45 3.73 13.33 -0.60
CA VAL A 45 2.65 13.23 -1.59
C VAL A 45 3.17 13.30 -3.04
N ASP A 46 4.23 14.08 -3.28
CA ASP A 46 4.86 14.15 -4.60
C ASP A 46 5.31 12.75 -5.09
N ASP A 47 6.22 12.14 -4.35
CA ASP A 47 6.73 10.81 -4.69
C ASP A 47 5.63 9.74 -4.57
N PHE A 48 4.61 10.01 -3.75
CA PHE A 48 3.44 9.14 -3.65
C PHE A 48 2.67 9.11 -4.99
N ASN A 49 2.43 10.29 -5.55
CA ASN A 49 1.81 10.42 -6.87
C ASN A 49 2.66 9.74 -7.95
N GLU A 50 3.97 9.99 -7.91
CA GLU A 50 4.91 9.35 -8.85
C GLU A 50 4.89 7.83 -8.70
N LEU A 51 4.81 7.35 -7.45
CA LEU A 51 4.77 5.91 -7.16
C LEU A 51 3.58 5.23 -7.86
N LEU A 52 2.38 5.80 -7.67
CA LEU A 52 1.16 5.27 -8.29
C LEU A 52 1.19 5.38 -9.82
N ALA A 53 1.90 6.38 -10.34
CA ALA A 53 2.02 6.59 -11.78
C ALA A 53 3.09 5.67 -12.41
N ARG A 54 4.13 5.34 -11.64
CA ARG A 54 5.19 4.44 -12.12
C ARG A 54 4.66 3.03 -12.36
N TYR A 55 4.03 2.45 -11.34
CA TYR A 55 3.46 1.10 -11.45
C TYR A 55 2.07 1.14 -12.13
N PRO A 56 1.81 0.21 -13.07
CA PRO A 56 0.52 0.18 -13.82
C PRO A 56 -0.65 -0.37 -12.98
N LEU A 57 -0.84 0.19 -11.79
CA LEU A 57 -1.92 -0.23 -10.88
C LEU A 57 -3.28 0.31 -11.36
N THR A 58 -4.32 -0.49 -11.26
CA THR A 58 -5.69 -0.04 -11.54
C THR A 58 -6.24 0.79 -10.37
N GLU A 59 -7.22 1.64 -10.64
CA GLU A 59 -7.78 2.55 -9.62
C GLU A 59 -8.12 1.83 -8.31
N SER A 60 -8.56 0.58 -8.41
CA SER A 60 -8.82 -0.26 -7.22
C SER A 60 -7.55 -0.45 -6.37
N GLN A 61 -6.43 -0.73 -7.05
CA GLN A 61 -5.14 -0.90 -6.37
C GLN A 61 -4.66 0.42 -5.76
N LEU A 62 -4.80 1.52 -6.50
CA LEU A 62 -4.46 2.86 -5.96
C LEU A 62 -5.29 3.17 -4.72
N ALA A 63 -6.58 2.85 -4.76
CA ALA A 63 -7.49 3.06 -3.63
C ALA A 63 -6.96 2.38 -2.35
N LEU A 64 -6.34 1.21 -2.51
CA LEU A 64 -5.71 0.52 -1.38
C LEU A 64 -4.47 1.27 -0.90
N VAL A 65 -3.56 1.59 -1.84
CA VAL A 65 -2.31 2.28 -1.50
C VAL A 65 -2.57 3.61 -0.75
N ARG A 66 -3.54 4.37 -1.23
CA ARG A 66 -3.97 5.62 -0.57
C ARG A 66 -4.40 5.35 0.87
N ASP A 67 -5.14 4.27 1.07
CA ASP A 67 -5.60 3.86 2.40
C ASP A 67 -4.40 3.44 3.28
N ILE A 68 -3.47 2.70 2.69
CA ILE A 68 -2.24 2.27 3.39
C ILE A 68 -1.47 3.46 3.97
N ARG A 69 -1.35 4.53 3.18
CA ARG A 69 -0.70 5.76 3.65
C ARG A 69 -1.43 6.32 4.89
N ARG A 70 -2.76 6.27 4.88
CA ARG A 70 -3.56 6.66 6.05
C ARG A 70 -3.33 5.70 7.23
N ARG A 71 -3.26 4.40 6.93
CA ARG A 71 -3.04 3.35 7.94
C ARG A 71 -1.79 3.63 8.79
N GLY A 72 -0.67 3.89 8.13
CA GLY A 72 0.58 4.19 8.83
C GLY A 72 0.63 5.59 9.43
N LYS A 73 0.20 6.59 8.65
CA LYS A 73 0.21 7.98 9.13
C LYS A 73 -0.71 8.17 10.33
N ASN A 74 -1.70 7.28 10.48
CA ASN A 74 -2.57 7.25 11.65
C ASN A 74 -1.74 7.15 12.95
N LYS A 75 -0.71 6.29 12.93
CA LYS A 75 0.17 6.12 14.08
C LYS A 75 0.84 7.46 14.45
N VAL A 76 1.24 8.22 13.43
CA VAL A 76 1.82 9.55 13.64
C VAL A 76 0.76 10.54 14.15
N ALA A 77 -0.44 10.45 13.61
CA ALA A 77 -1.56 11.31 14.05
C ALA A 77 -2.00 10.96 15.49
N ALA A 78 -1.68 9.74 15.92
CA ALA A 78 -1.99 9.29 17.29
C ALA A 78 -1.01 9.89 18.31
N GLN A 79 0.29 9.89 17.99
CA GLN A 79 1.32 10.42 18.89
C GLN A 79 1.29 11.97 18.94
N ASN A 80 1.13 12.60 17.78
CA ASN A 80 1.18 14.07 17.68
C ASN A 80 -0.24 14.69 17.67
N TYR A 81 -1.19 14.02 18.30
CA TYR A 81 -2.58 14.49 18.37
C TYR A 81 -2.74 15.68 19.34
N ARG A 82 -2.47 15.43 20.62
CA ARG A 82 -2.57 16.47 21.65
C ARG A 82 -1.29 17.30 21.69
N LYS A 83 -1.34 18.53 21.14
CA LYS A 83 -0.12 19.31 20.91
C LYS A 83 -0.14 20.71 21.56
N ARG A 84 0.41 20.77 22.78
CA ARG A 84 0.83 22.02 23.45
C ARG A 84 -0.23 23.15 23.50
N LYS A 85 -0.74 23.42 24.70
CA LYS A 85 -1.61 24.59 24.95
C LYS A 85 -0.96 25.51 26.00
N LEU A 86 -1.27 26.80 25.95
CA LEU A 86 -0.64 27.79 26.86
C LEU A 86 -1.51 29.06 27.02
N GLU A 87 -0.95 30.07 27.69
CA GLU A 87 -1.63 31.37 27.84
C GLU A 87 -1.78 32.05 26.47
N THR A 88 -2.96 31.90 25.87
CA THR A 88 -3.23 32.44 24.54
C THR A 88 -3.83 33.85 24.60
N ILE A 89 -3.34 34.73 23.75
CA ILE A 89 -3.88 36.09 23.63
C ILE A 89 -5.26 36.07 22.95
N VAL A 90 -6.31 36.44 23.69
CA VAL A 90 -7.68 36.43 23.16
C VAL A 90 -8.37 37.80 23.31
N GLN A 91 -9.60 37.90 22.80
CA GLN A 91 -10.38 39.14 22.88
C GLN A 91 -11.88 38.84 23.13
N MET A 1 -9.32 -56.01 12.85
CA MET A 1 -8.71 -54.83 13.52
C MET A 1 -7.57 -54.20 12.69
N GLY A 2 -7.85 -53.05 12.08
CA GLY A 2 -6.82 -52.25 11.40
C GLY A 2 -6.14 -52.94 10.21
N HIS A 3 -6.62 -52.65 9.00
CA HIS A 3 -5.95 -53.10 7.78
C HIS A 3 -5.46 -51.90 6.95
N HIS A 4 -4.21 -51.51 7.16
CA HIS A 4 -3.61 -50.33 6.49
C HIS A 4 -3.30 -50.64 5.01
N HIS A 5 -4.02 -49.98 4.10
CA HIS A 5 -3.88 -50.25 2.66
C HIS A 5 -2.61 -49.58 2.09
N HIS A 6 -1.86 -50.33 1.27
CA HIS A 6 -0.60 -49.85 0.69
C HIS A 6 -0.81 -49.26 -0.72
N HIS A 7 0.26 -48.71 -1.32
CA HIS A 7 0.27 -48.24 -2.72
C HIS A 7 -0.35 -46.84 -2.91
N HIS A 8 -1.61 -46.68 -2.47
CA HIS A 8 -2.32 -45.40 -2.68
C HIS A 8 -1.52 -44.19 -2.13
N SER A 9 -0.92 -43.43 -3.04
CA SER A 9 -0.09 -42.28 -2.68
C SER A 9 0.34 -41.49 -3.91
N HIS A 10 0.57 -40.19 -3.74
CA HIS A 10 1.05 -39.33 -4.83
C HIS A 10 2.33 -38.59 -4.42
N MET A 11 3.04 -38.05 -5.39
CA MET A 11 4.30 -37.34 -5.13
C MET A 11 4.12 -35.82 -5.24
N ALA A 12 2.97 -35.34 -4.77
CA ALA A 12 2.61 -33.91 -4.83
C ALA A 12 3.74 -32.99 -4.34
N LYS A 13 4.19 -32.11 -5.22
CA LYS A 13 5.29 -31.18 -4.91
C LYS A 13 4.95 -29.75 -5.37
N PRO A 14 4.22 -28.99 -4.53
CA PRO A 14 3.87 -27.59 -4.80
C PRO A 14 4.82 -26.58 -4.13
N THR A 15 5.44 -25.71 -4.92
CA THR A 15 6.31 -24.65 -4.39
C THR A 15 5.65 -23.28 -4.51
N ALA A 16 5.33 -22.67 -3.37
CA ALA A 16 4.66 -21.35 -3.35
C ALA A 16 5.22 -20.47 -2.23
N ARG A 17 5.44 -19.19 -2.53
CA ARG A 17 6.02 -18.26 -1.54
C ARG A 17 5.13 -17.02 -1.33
N GLY A 18 5.19 -16.45 -0.12
CA GLY A 18 4.40 -15.26 0.19
C GLY A 18 4.38 -14.93 1.68
N GLU A 19 5.47 -14.35 2.17
CA GLU A 19 5.56 -13.93 3.58
C GLU A 19 4.64 -12.74 3.87
N ALA A 20 3.60 -12.99 4.65
CA ALA A 20 2.61 -11.95 4.99
C ALA A 20 2.99 -11.21 6.28
N GLY A 21 2.97 -9.87 6.22
CA GLY A 21 3.28 -9.06 7.39
C GLY A 21 2.05 -8.74 8.24
N SER A 22 1.90 -7.47 8.61
CA SER A 22 0.77 -7.02 9.45
C SER A 22 -0.55 -7.03 8.67
N ARG A 23 -1.64 -6.65 9.35
CA ARG A 23 -2.98 -6.63 8.74
C ARG A 23 -3.00 -5.83 7.43
N ASP A 24 -2.33 -4.68 7.43
CA ASP A 24 -2.30 -3.81 6.25
C ASP A 24 -1.61 -4.48 5.05
N GLU A 25 -0.41 -5.02 5.26
CA GLU A 25 0.32 -5.73 4.21
C GLU A 25 -0.53 -6.87 3.60
N ARG A 26 -1.41 -7.46 4.42
CA ARG A 26 -2.31 -8.53 3.95
C ARG A 26 -3.21 -8.05 2.78
N ARG A 27 -3.57 -6.77 2.78
CA ARG A 27 -4.33 -6.19 1.65
C ARG A 27 -3.41 -6.00 0.43
N ALA A 28 -2.19 -5.53 0.70
CA ALA A 28 -1.20 -5.29 -0.36
C ALA A 28 -0.92 -6.57 -1.18
N LEU A 29 -0.70 -7.68 -0.49
CA LEU A 29 -0.45 -8.97 -1.16
C LEU A 29 -1.74 -9.60 -1.74
N ALA A 30 -2.89 -9.21 -1.18
CA ALA A 30 -4.18 -9.65 -1.71
C ALA A 30 -4.42 -9.07 -3.12
N MET A 31 -4.12 -7.79 -3.28
CA MET A 31 -4.21 -7.12 -4.59
C MET A 31 -2.87 -7.17 -5.35
N LYS A 32 -1.85 -7.74 -4.70
CA LYS A 32 -0.50 -7.87 -5.27
C LYS A 32 0.14 -6.51 -5.59
N ILE A 33 0.71 -5.89 -4.56
CA ILE A 33 1.42 -4.61 -4.68
C ILE A 33 2.95 -4.82 -4.68
N PRO A 34 3.67 -4.25 -5.68
CA PRO A 34 5.12 -4.46 -5.84
C PRO A 34 6.01 -3.54 -4.97
N PHE A 35 5.45 -2.99 -3.89
CA PHE A 35 6.21 -2.11 -2.97
C PHE A 35 5.65 -2.18 -1.54
N PRO A 36 6.51 -1.93 -0.52
CA PRO A 36 6.12 -2.08 0.90
C PRO A 36 5.24 -0.93 1.42
N THR A 37 4.47 -1.23 2.47
CA THR A 37 3.55 -0.27 3.08
C THR A 37 4.31 0.90 3.73
N ASP A 38 5.49 0.62 4.28
CA ASP A 38 6.33 1.65 4.88
C ASP A 38 6.64 2.79 3.89
N LYS A 39 6.99 2.40 2.66
CA LYS A 39 7.26 3.36 1.59
C LYS A 39 6.03 4.24 1.31
N ILE A 40 4.85 3.62 1.33
CA ILE A 40 3.58 4.33 1.13
C ILE A 40 3.38 5.43 2.20
N VAL A 41 3.90 5.19 3.39
CA VAL A 41 3.71 6.10 4.53
C VAL A 41 4.78 7.22 4.59
N ASN A 42 6.05 6.83 4.54
CA ASN A 42 7.15 7.79 4.74
C ASN A 42 7.34 8.76 3.56
N LEU A 43 6.87 8.40 2.37
CA LEU A 43 6.95 9.30 1.21
C LEU A 43 5.99 10.49 1.36
N PRO A 44 6.42 11.72 0.99
CA PRO A 44 5.54 12.89 0.99
C PRO A 44 4.43 12.79 -0.07
N VAL A 45 3.35 13.56 0.09
CA VAL A 45 2.20 13.51 -0.81
C VAL A 45 2.60 13.54 -2.30
N ASP A 46 3.62 14.32 -2.63
CA ASP A 46 4.15 14.38 -3.99
C ASP A 46 4.64 13.01 -4.48
N ASP A 47 5.65 12.47 -3.80
CA ASP A 47 6.19 11.16 -4.12
C ASP A 47 5.13 10.05 -4.01
N PHE A 48 4.10 10.28 -3.18
CA PHE A 48 2.97 9.35 -3.06
C PHE A 48 2.14 9.34 -4.36
N ASN A 49 1.77 10.52 -4.85
CA ASN A 49 1.04 10.63 -6.12
C ASN A 49 1.89 10.09 -7.28
N GLU A 50 3.19 10.35 -7.23
CA GLU A 50 4.12 9.81 -8.22
C GLU A 50 4.27 8.28 -8.07
N LEU A 51 4.19 7.79 -6.83
CA LEU A 51 4.29 6.36 -6.54
C LEU A 51 3.24 5.57 -7.33
N LEU A 52 2.01 6.08 -7.33
CA LEU A 52 0.90 5.46 -8.07
C LEU A 52 1.13 5.51 -9.59
N ALA A 53 1.88 6.50 -10.06
CA ALA A 53 2.18 6.65 -11.49
C ALA A 53 3.44 5.88 -11.91
N ARG A 54 4.35 5.65 -10.97
CA ARG A 54 5.63 4.97 -11.25
C ARG A 54 5.46 3.43 -11.31
N TYR A 55 4.69 2.87 -10.39
CA TYR A 55 4.45 1.43 -10.37
C TYR A 55 3.13 1.07 -11.09
N PRO A 56 3.16 0.12 -12.05
CA PRO A 56 1.96 -0.31 -12.79
C PRO A 56 0.87 -0.92 -11.88
N LEU A 57 -0.20 -0.15 -11.64
CA LEU A 57 -1.29 -0.59 -10.75
C LEU A 57 -2.66 -0.33 -11.40
N THR A 58 -3.64 -1.17 -11.05
CA THR A 58 -5.04 -0.94 -11.47
C THR A 58 -5.71 0.05 -10.52
N GLU A 59 -6.78 0.70 -11.00
CA GLU A 59 -7.48 1.73 -10.21
C GLU A 59 -7.83 1.24 -8.78
N SER A 60 -8.24 -0.03 -8.67
CA SER A 60 -8.51 -0.65 -7.37
C SER A 60 -7.25 -0.68 -6.48
N GLN A 61 -6.09 -0.92 -7.11
CA GLN A 61 -4.81 -0.96 -6.40
C GLN A 61 -4.40 0.45 -5.93
N LEU A 62 -4.55 1.46 -6.79
CA LEU A 62 -4.26 2.86 -6.39
C LEU A 62 -5.13 3.25 -5.18
N ALA A 63 -6.43 2.96 -5.26
CA ALA A 63 -7.36 3.24 -4.17
C ALA A 63 -6.94 2.53 -2.87
N LEU A 64 -6.45 1.30 -3.00
CA LEU A 64 -5.94 0.53 -1.86
C LEU A 64 -4.72 1.23 -1.21
N VAL A 65 -3.74 1.59 -2.03
CA VAL A 65 -2.53 2.28 -1.54
C VAL A 65 -2.90 3.53 -0.71
N ARG A 66 -3.91 4.26 -1.17
CA ARG A 66 -4.43 5.42 -0.45
C ARG A 66 -4.99 5.02 0.93
N ASP A 67 -5.78 3.94 0.95
CA ASP A 67 -6.34 3.39 2.19
C ASP A 67 -5.22 3.01 3.17
N ILE A 68 -4.16 2.41 2.63
CA ILE A 68 -2.99 2.01 3.43
C ILE A 68 -2.27 3.22 4.03
N ARG A 69 -2.18 4.32 3.27
CA ARG A 69 -1.56 5.55 3.78
C ARG A 69 -2.41 6.19 4.89
N ARG A 70 -3.73 6.18 4.71
CA ARG A 70 -4.64 6.68 5.75
C ARG A 70 -4.45 5.88 7.06
N ARG A 71 -4.19 4.58 6.92
CA ARG A 71 -3.88 3.70 8.06
C ARG A 71 -2.50 4.05 8.66
N GLY A 72 -1.45 3.89 7.86
CA GLY A 72 -0.08 4.07 8.34
C GLY A 72 0.23 5.49 8.81
N LYS A 73 -0.19 6.50 8.04
CA LYS A 73 0.10 7.89 8.39
C LYS A 73 -0.64 8.31 9.67
N ASN A 74 -1.86 7.78 9.86
CA ASN A 74 -2.61 8.01 11.12
C ASN A 74 -1.89 7.31 12.29
N LYS A 75 -1.34 6.12 12.02
CA LYS A 75 -0.56 5.38 13.01
C LYS A 75 0.62 6.22 13.52
N VAL A 76 1.39 6.80 12.59
CA VAL A 76 2.52 7.66 12.96
C VAL A 76 2.06 9.04 13.44
N ALA A 77 0.90 9.48 12.97
CA ALA A 77 0.30 10.74 13.42
C ALA A 77 0.02 10.70 14.94
N ALA A 78 -0.47 9.55 15.41
CA ALA A 78 -0.67 9.34 16.85
C ALA A 78 0.65 9.50 17.63
N GLN A 79 1.76 9.16 16.98
CA GLN A 79 3.10 9.32 17.56
C GLN A 79 3.60 10.78 17.44
N ASN A 80 3.12 11.49 16.42
CA ASN A 80 3.56 12.87 16.13
C ASN A 80 2.40 13.87 16.13
N TYR A 81 1.48 13.72 17.07
CA TYR A 81 0.33 14.62 17.18
C TYR A 81 0.65 15.87 18.02
N ARG A 82 1.49 15.70 19.03
CA ARG A 82 1.82 16.78 19.96
C ARG A 82 2.77 17.80 19.32
N LYS A 83 2.21 18.74 18.57
CA LYS A 83 3.02 19.74 17.86
C LYS A 83 2.27 21.07 17.67
N ARG A 84 3.02 22.16 17.48
CA ARG A 84 2.45 23.49 17.23
C ARG A 84 1.49 23.95 18.35
N LYS A 85 1.63 23.36 19.52
CA LYS A 85 0.84 23.74 20.69
C LYS A 85 1.71 24.50 21.72
N LEU A 86 1.50 25.81 21.81
CA LEU A 86 2.25 26.66 22.72
C LEU A 86 1.67 26.63 24.15
N GLU A 87 2.03 27.62 24.97
CA GLU A 87 1.51 27.73 26.34
C GLU A 87 -0.03 27.81 26.34
N THR A 88 -0.65 27.16 27.33
CA THR A 88 -2.11 27.13 27.42
C THR A 88 -2.69 28.48 27.84
N ILE A 89 -3.28 29.19 26.88
CA ILE A 89 -3.92 30.49 27.12
C ILE A 89 -5.24 30.33 27.91
N VAL A 90 -5.96 31.44 28.08
CA VAL A 90 -7.27 31.39 28.75
C VAL A 90 -8.31 30.69 27.86
N GLN A 91 -8.56 29.41 28.14
CA GLN A 91 -9.47 28.56 27.34
C GLN A 91 -10.82 29.23 27.05
#